data_2YRT
#
_entry.id   2YRT
#
loop_
_entity.id
_entity.type
_entity.pdbx_description
1 polymer 'CHORD containing protein-1'
2 non-polymer 'ZINC ION'
#
_entity_poly.entity_id   1
_entity_poly.type   'polypeptide(L)'
_entity_poly.pdbx_seq_one_letter_code
;GSSGSSGMALLCYNRGCGQRFDPETNSDDACTYHPGVPVFHDALKGWSCCKRRTTDFSDFLSIVGCTKGRHNSEK
;
_entity_poly.pdbx_strand_id   A
#
loop_
_chem_comp.id
_chem_comp.type
_chem_comp.name
_chem_comp.formula
ZN non-polymer 'ZINC ION' 'Zn 2'
#
# COMPACT_ATOMS: atom_id res chain seq x y z
N GLY A 1 17.48 30.81 3.29
CA GLY A 1 17.63 29.47 3.83
C GLY A 1 16.50 28.55 3.43
N SER A 2 15.32 29.12 3.24
CA SER A 2 14.14 28.34 2.86
C SER A 2 14.43 27.49 1.62
N SER A 3 14.37 26.17 1.79
CA SER A 3 14.63 25.25 0.69
C SER A 3 14.15 23.85 1.03
N GLY A 4 13.49 23.20 0.07
CA GLY A 4 12.99 21.86 0.29
C GLY A 4 12.42 21.24 -0.96
N SER A 5 13.28 20.69 -1.80
CA SER A 5 12.86 20.07 -3.05
C SER A 5 13.61 18.76 -3.30
N SER A 6 12.88 17.73 -3.69
CA SER A 6 13.48 16.43 -3.95
C SER A 6 13.16 15.96 -5.36
N GLY A 7 13.68 14.79 -5.73
CA GLY A 7 13.43 14.24 -7.06
C GLY A 7 13.79 12.77 -7.15
N MET A 8 13.65 12.06 -6.05
CA MET A 8 13.96 10.63 -6.01
C MET A 8 12.80 9.84 -5.40
N ALA A 9 11.69 10.52 -5.13
CA ALA A 9 10.52 9.88 -4.55
C ALA A 9 9.73 9.12 -5.60
N LEU A 10 9.93 7.81 -5.66
CA LEU A 10 9.23 6.97 -6.63
C LEU A 10 7.82 6.63 -6.15
N LEU A 11 6.87 6.66 -7.06
CA LEU A 11 5.48 6.35 -6.73
C LEU A 11 5.26 4.84 -6.64
N CYS A 12 4.75 4.39 -5.51
CA CYS A 12 4.48 2.97 -5.30
C CYS A 12 3.27 2.52 -6.11
N TYR A 13 3.34 1.29 -6.61
CA TYR A 13 2.25 0.73 -7.41
C TYR A 13 1.75 -0.58 -6.82
N ASN A 14 1.69 -0.63 -5.49
CA ASN A 14 1.23 -1.82 -4.79
C ASN A 14 -0.14 -1.58 -4.15
N ARG A 15 -1.09 -2.46 -4.44
CA ARG A 15 -2.44 -2.36 -3.89
C ARG A 15 -2.40 -2.11 -2.38
N GLY A 16 -2.98 -1.01 -1.94
CA GLY A 16 -3.00 -0.69 -0.53
C GLY A 16 -2.05 0.43 -0.18
N CYS A 17 -1.04 0.64 -1.01
CA CYS A 17 -0.05 1.69 -0.79
C CYS A 17 -0.27 2.87 -1.73
N GLY A 18 0.02 2.66 -3.01
CA GLY A 18 -0.17 3.71 -3.99
C GLY A 18 0.44 5.03 -3.55
N GLN A 19 1.33 4.97 -2.56
CA GLN A 19 1.99 6.16 -2.05
C GLN A 19 3.42 6.26 -2.55
N ARG A 20 4.03 7.43 -2.35
CA ARG A 20 5.40 7.65 -2.80
C ARG A 20 6.39 6.98 -1.83
N PHE A 21 7.67 7.02 -2.21
CA PHE A 21 8.71 6.41 -1.38
C PHE A 21 10.10 6.74 -1.93
N ASP A 22 11.13 6.51 -1.12
CA ASP A 22 12.50 6.78 -1.53
C ASP A 22 13.25 5.49 -1.80
N PRO A 23 13.89 5.40 -2.98
CA PRO A 23 14.66 4.22 -3.38
C PRO A 23 15.94 4.06 -2.56
N GLU A 24 16.64 5.16 -2.35
CA GLU A 24 17.89 5.14 -1.58
C GLU A 24 17.62 4.76 -0.13
N THR A 25 16.35 4.69 0.24
CA THR A 25 15.96 4.35 1.60
C THR A 25 15.00 3.15 1.61
N ASN A 26 14.37 2.90 0.47
CA ASN A 26 13.43 1.78 0.35
C ASN A 26 14.03 0.51 0.95
N SER A 27 13.19 -0.28 1.61
CA SER A 27 13.63 -1.51 2.23
C SER A 27 12.52 -2.57 2.17
N ASP A 28 12.90 -3.83 2.38
CA ASP A 28 11.96 -4.93 2.35
C ASP A 28 10.91 -4.78 3.46
N ASP A 29 11.13 -3.81 4.34
CA ASP A 29 10.21 -3.55 5.45
C ASP A 29 9.86 -2.07 5.54
N ALA A 30 9.71 -1.44 4.38
CA ALA A 30 9.38 -0.01 4.33
C ALA A 30 8.07 0.21 3.57
N CYS A 31 7.64 -0.81 2.81
CA CYS A 31 6.42 -0.72 2.04
C CYS A 31 5.38 -1.71 2.56
N THR A 32 4.17 -1.22 2.81
CA THR A 32 3.09 -2.06 3.31
C THR A 32 1.92 -2.11 2.32
N TYR A 33 1.86 -3.18 1.54
CA TYR A 33 0.80 -3.35 0.56
C TYR A 33 0.10 -4.69 0.74
N HIS A 34 -0.84 -4.97 -0.17
CA HIS A 34 -1.59 -6.23 -0.11
C HIS A 34 -1.31 -7.09 -1.34
N PRO A 35 -0.52 -8.15 -1.16
CA PRO A 35 -0.15 -9.06 -2.25
C PRO A 35 -1.33 -9.91 -2.71
N GLY A 36 -2.50 -9.65 -2.13
CA GLY A 36 -3.70 -10.40 -2.49
C GLY A 36 -4.59 -9.63 -3.44
N VAL A 37 -5.89 -9.85 -3.33
CA VAL A 37 -6.86 -9.17 -4.18
C VAL A 37 -8.07 -8.70 -3.38
N PRO A 38 -8.75 -7.66 -3.88
CA PRO A 38 -9.93 -7.09 -3.23
C PRO A 38 -11.13 -8.03 -3.28
N VAL A 39 -11.65 -8.38 -2.11
CA VAL A 39 -12.80 -9.26 -2.03
C VAL A 39 -13.98 -8.58 -1.34
N PHE A 40 -15.19 -9.01 -1.68
CA PHE A 40 -16.39 -8.43 -1.09
C PHE A 40 -17.39 -9.53 -0.71
N HIS A 41 -17.37 -9.93 0.55
CA HIS A 41 -18.26 -10.97 1.04
C HIS A 41 -19.11 -10.46 2.20
N ASP A 42 -20.42 -10.67 2.12
CA ASP A 42 -21.34 -10.22 3.16
C ASP A 42 -21.16 -8.73 3.44
N ALA A 43 -20.99 -7.96 2.37
CA ALA A 43 -20.81 -6.51 2.50
C ALA A 43 -19.50 -6.18 3.17
N LEU A 44 -18.66 -7.18 3.36
CA LEU A 44 -17.36 -6.99 3.99
C LEU A 44 -16.24 -6.96 2.95
N LYS A 45 -15.81 -5.76 2.58
CA LYS A 45 -14.75 -5.60 1.61
C LYS A 45 -13.38 -5.75 2.24
N GLY A 46 -12.60 -6.72 1.75
CA GLY A 46 -11.27 -6.96 2.29
C GLY A 46 -10.32 -7.52 1.26
N TRP A 47 -9.39 -8.35 1.70
CA TRP A 47 -8.41 -8.96 0.80
C TRP A 47 -8.13 -10.39 1.19
N SER A 48 -7.82 -11.23 0.20
CA SER A 48 -7.53 -12.64 0.45
C SER A 48 -6.11 -12.81 0.97
N CYS A 49 -5.47 -11.71 1.34
CA CYS A 49 -4.11 -11.75 1.85
C CYS A 49 -4.11 -11.75 3.37
N CYS A 50 -4.94 -10.89 3.96
CA CYS A 50 -5.04 -10.79 5.41
C CYS A 50 -6.45 -11.10 5.89
N LYS A 51 -6.65 -11.06 7.21
CA LYS A 51 -7.95 -11.35 7.79
C LYS A 51 -8.76 -10.06 7.97
N ARG A 52 -8.11 -8.93 7.74
CA ARG A 52 -8.76 -7.63 7.88
C ARG A 52 -10.03 -7.58 7.02
N ARG A 53 -11.09 -7.00 7.58
CA ARG A 53 -12.36 -6.89 6.87
C ARG A 53 -13.16 -5.70 7.39
N THR A 54 -13.62 -4.85 6.48
CA THR A 54 -14.40 -3.68 6.84
C THR A 54 -15.63 -3.53 5.94
N THR A 55 -16.67 -2.87 6.46
CA THR A 55 -17.88 -2.66 5.70
C THR A 55 -17.94 -1.25 5.13
N ASP A 56 -17.09 -0.37 5.64
CA ASP A 56 -17.04 1.02 5.17
C ASP A 56 -16.15 1.14 3.95
N PHE A 57 -16.78 1.27 2.78
CA PHE A 57 -16.05 1.41 1.53
C PHE A 57 -14.78 2.24 1.72
N SER A 58 -14.83 3.16 2.68
CA SER A 58 -13.70 4.03 2.97
C SER A 58 -12.58 3.25 3.66
N ASP A 59 -12.95 2.54 4.72
CA ASP A 59 -11.98 1.75 5.47
C ASP A 59 -11.28 0.74 4.57
N PHE A 60 -12.05 0.12 3.68
CA PHE A 60 -11.50 -0.88 2.77
C PHE A 60 -10.28 -0.33 2.04
N LEU A 61 -10.40 0.89 1.51
CA LEU A 61 -9.29 1.52 0.79
C LEU A 61 -8.24 2.03 1.77
N SER A 62 -8.52 1.93 3.06
CA SER A 62 -7.60 2.39 4.09
C SER A 62 -6.82 1.21 4.68
N ILE A 63 -7.46 0.05 4.72
CA ILE A 63 -6.83 -1.15 5.27
C ILE A 63 -5.34 -1.16 4.97
N VAL A 64 -4.54 -0.90 6.00
CA VAL A 64 -3.09 -0.89 5.86
C VAL A 64 -2.57 -2.24 5.39
N GLY A 65 -1.63 -2.22 4.46
CA GLY A 65 -1.06 -3.45 3.93
C GLY A 65 -0.69 -4.43 5.03
N CYS A 66 -0.86 -5.71 4.75
CA CYS A 66 -0.54 -6.75 5.72
C CYS A 66 0.84 -7.35 5.45
N THR A 67 1.40 -7.02 4.29
CA THR A 67 2.72 -7.52 3.90
C THR A 67 3.76 -6.40 3.92
N LYS A 68 5.03 -6.79 3.90
CA LYS A 68 6.12 -5.81 3.91
C LYS A 68 7.09 -6.08 2.76
N GLY A 69 7.60 -5.01 2.17
CA GLY A 69 8.54 -5.15 1.06
C GLY A 69 9.03 -3.81 0.54
N ARG A 70 9.46 -3.79 -0.71
CA ARG A 70 9.96 -2.57 -1.33
C ARG A 70 8.93 -1.97 -2.29
N HIS A 71 8.54 -0.72 -2.04
CA HIS A 71 7.57 -0.04 -2.88
C HIS A 71 7.81 -0.36 -4.36
N ASN A 72 6.73 -0.63 -5.08
CA ASN A 72 6.82 -0.95 -6.50
C ASN A 72 6.70 0.30 -7.35
N SER A 73 7.81 0.71 -7.95
CA SER A 73 7.82 1.91 -8.80
C SER A 73 7.26 1.60 -10.17
N GLU A 74 6.70 0.41 -10.33
CA GLU A 74 6.13 -0.01 -11.61
C GLU A 74 4.78 -0.69 -11.41
N LYS A 75 3.86 -0.48 -12.34
CA LYS A 75 2.53 -1.07 -12.26
C LYS A 75 2.60 -2.58 -12.42
ZN ZN B . 4.61 1.13 -1.00
ZN ZN C . -3.69 -7.63 3.20
N GLY A 1 16.04 25.11 11.25
CA GLY A 1 15.84 25.54 9.88
C GLY A 1 16.33 24.50 8.87
N SER A 2 15.40 23.90 8.14
CA SER A 2 15.73 22.89 7.16
C SER A 2 14.62 22.73 6.13
N SER A 3 14.96 22.93 4.86
CA SER A 3 13.99 22.81 3.78
C SER A 3 14.64 22.31 2.51
N GLY A 4 13.83 22.01 1.50
CA GLY A 4 14.35 21.53 0.23
C GLY A 4 13.35 20.67 -0.52
N SER A 5 13.56 20.51 -1.82
CA SER A 5 12.67 19.72 -2.65
C SER A 5 13.35 18.42 -3.09
N SER A 6 12.61 17.33 -3.06
CA SER A 6 13.15 16.03 -3.45
C SER A 6 12.52 15.56 -4.76
N GLY A 7 13.32 14.90 -5.59
CA GLY A 7 12.84 14.41 -6.86
C GLY A 7 13.12 12.94 -7.07
N MET A 8 13.47 12.25 -5.99
CA MET A 8 13.77 10.83 -6.06
C MET A 8 12.64 9.99 -5.44
N ALA A 9 11.55 10.66 -5.10
CA ALA A 9 10.39 9.99 -4.51
C ALA A 9 9.59 9.25 -5.57
N LEU A 10 9.78 7.95 -5.64
CA LEU A 10 9.07 7.12 -6.62
C LEU A 10 7.67 6.76 -6.11
N LEU A 11 6.69 6.78 -7.01
CA LEU A 11 5.32 6.46 -6.67
C LEU A 11 5.12 4.94 -6.58
N CYS A 12 4.61 4.49 -5.44
CA CYS A 12 4.37 3.06 -5.24
C CYS A 12 3.06 2.63 -5.91
N TYR A 13 3.11 1.51 -6.63
CA TYR A 13 1.94 1.00 -7.31
C TYR A 13 1.49 -0.34 -6.70
N ASN A 14 1.71 -0.48 -5.40
CA ASN A 14 1.33 -1.70 -4.70
C ASN A 14 0.00 -1.52 -3.97
N ARG A 15 -0.96 -2.38 -4.29
CA ARG A 15 -2.28 -2.32 -3.67
C ARG A 15 -2.17 -2.09 -2.17
N GLY A 16 -2.87 -1.07 -1.66
CA GLY A 16 -2.83 -0.76 -0.25
C GLY A 16 -1.85 0.35 0.08
N CYS A 17 -0.93 0.62 -0.84
CA CYS A 17 0.06 1.66 -0.65
C CYS A 17 -0.28 2.89 -1.49
N GLY A 18 -0.11 2.76 -2.80
CA GLY A 18 -0.40 3.86 -3.70
C GLY A 18 0.23 5.17 -3.23
N GLN A 19 1.22 5.07 -2.35
CA GLN A 19 1.90 6.24 -1.84
C GLN A 19 3.34 6.32 -2.35
N ARG A 20 3.93 7.50 -2.27
CA ARG A 20 5.30 7.70 -2.73
C ARG A 20 6.29 7.01 -1.79
N PHE A 21 7.56 7.06 -2.16
CA PHE A 21 8.61 6.43 -1.35
C PHE A 21 9.99 6.78 -1.90
N ASP A 22 11.02 6.52 -1.10
CA ASP A 22 12.39 6.80 -1.51
C ASP A 22 13.15 5.51 -1.79
N PRO A 23 13.77 5.43 -2.97
CA PRO A 23 14.53 4.25 -3.39
C PRO A 23 15.83 4.10 -2.60
N GLU A 24 16.54 5.20 -2.41
CA GLU A 24 17.79 5.17 -1.67
C GLU A 24 17.56 4.74 -0.22
N THR A 25 16.30 4.73 0.19
CA THR A 25 15.95 4.33 1.55
C THR A 25 15.02 3.12 1.54
N ASN A 26 14.34 2.90 0.41
CA ASN A 26 13.43 1.77 0.28
C ASN A 26 14.04 0.50 0.83
N SER A 27 13.25 -0.28 1.57
CA SER A 27 13.72 -1.52 2.16
C SER A 27 12.64 -2.60 2.10
N ASP A 28 13.03 -3.84 2.30
CA ASP A 28 12.11 -4.97 2.26
C ASP A 28 11.07 -4.83 3.37
N ASP A 29 11.26 -3.86 4.25
CA ASP A 29 10.34 -3.62 5.37
C ASP A 29 9.98 -2.15 5.47
N ALA A 30 9.82 -1.50 4.32
CA ALA A 30 9.46 -0.09 4.28
C ALA A 30 8.16 0.14 3.52
N CYS A 31 7.75 -0.88 2.76
CA CYS A 31 6.52 -0.79 1.98
C CYS A 31 5.47 -1.78 2.49
N THR A 32 4.29 -1.27 2.81
CA THR A 32 3.20 -2.10 3.31
C THR A 32 2.05 -2.15 2.31
N TYR A 33 1.97 -3.23 1.56
CA TYR A 33 0.91 -3.41 0.57
C TYR A 33 0.19 -4.74 0.77
N HIS A 34 -0.74 -5.04 -0.13
CA HIS A 34 -1.50 -6.28 -0.05
C HIS A 34 -1.23 -7.16 -1.28
N PRO A 35 -0.46 -8.24 -1.06
CA PRO A 35 -0.10 -9.19 -2.13
C PRO A 35 -1.30 -10.00 -2.59
N GLY A 36 -2.47 -9.71 -2.03
CA GLY A 36 -3.68 -10.43 -2.40
C GLY A 36 -4.55 -9.65 -3.35
N VAL A 37 -5.87 -9.84 -3.25
CA VAL A 37 -6.81 -9.15 -4.11
C VAL A 37 -8.02 -8.67 -3.32
N PRO A 38 -8.68 -7.61 -3.83
CA PRO A 38 -9.86 -7.03 -3.17
C PRO A 38 -11.07 -7.96 -3.24
N VAL A 39 -11.59 -8.33 -2.08
CA VAL A 39 -12.76 -9.21 -2.02
C VAL A 39 -13.93 -8.52 -1.33
N PHE A 40 -15.14 -8.93 -1.69
CA PHE A 40 -16.35 -8.34 -1.13
C PHE A 40 -17.37 -9.42 -0.78
N HIS A 41 -17.37 -9.85 0.48
CA HIS A 41 -18.30 -10.88 0.94
C HIS A 41 -19.15 -10.37 2.09
N ASP A 42 -20.46 -10.56 1.98
CA ASP A 42 -21.39 -10.13 3.02
C ASP A 42 -21.21 -8.63 3.31
N ALA A 43 -21.02 -7.85 2.25
CA ALA A 43 -20.83 -6.41 2.39
C ALA A 43 -19.51 -6.09 3.08
N LEU A 44 -18.69 -7.11 3.28
CA LEU A 44 -17.40 -6.94 3.92
C LEU A 44 -16.28 -6.90 2.90
N LYS A 45 -15.80 -5.71 2.58
CA LYS A 45 -14.72 -5.55 1.61
C LYS A 45 -13.36 -5.72 2.28
N GLY A 46 -12.59 -6.70 1.79
CA GLY A 46 -11.28 -6.96 2.35
C GLY A 46 -10.32 -7.51 1.32
N TRP A 47 -9.39 -8.35 1.75
CA TRP A 47 -8.41 -8.95 0.86
C TRP A 47 -8.13 -10.40 1.25
N SER A 48 -7.80 -11.21 0.25
CA SER A 48 -7.52 -12.63 0.48
C SER A 48 -6.10 -12.82 1.01
N CYS A 49 -5.47 -11.72 1.41
CA CYS A 49 -4.12 -11.76 1.95
C CYS A 49 -4.13 -11.76 3.48
N CYS A 50 -5.01 -10.95 4.05
CA CYS A 50 -5.13 -10.85 5.50
C CYS A 50 -6.56 -11.13 5.95
N LYS A 51 -6.78 -11.08 7.26
CA LYS A 51 -8.11 -11.33 7.82
C LYS A 51 -8.91 -10.04 7.89
N ARG A 52 -8.22 -8.91 7.93
CA ARG A 52 -8.87 -7.60 8.01
C ARG A 52 -10.10 -7.56 7.10
N ARG A 53 -11.19 -7.00 7.61
CA ARG A 53 -12.43 -6.89 6.85
C ARG A 53 -13.26 -5.71 7.33
N THR A 54 -13.83 -4.97 6.38
CA THR A 54 -14.64 -3.81 6.71
C THR A 54 -15.76 -3.62 5.69
N THR A 55 -16.85 -2.99 6.11
CA THR A 55 -17.99 -2.75 5.24
C THR A 55 -17.93 -1.36 4.63
N ASP A 56 -17.34 -0.42 5.36
CA ASP A 56 -17.20 0.96 4.88
C ASP A 56 -16.21 1.04 3.73
N PHE A 57 -16.75 1.19 2.52
CA PHE A 57 -15.91 1.29 1.32
C PHE A 57 -14.68 2.16 1.59
N SER A 58 -14.83 3.12 2.50
CA SER A 58 -13.74 4.03 2.84
C SER A 58 -12.66 3.30 3.64
N ASP A 59 -13.09 2.45 4.55
CA ASP A 59 -12.15 1.68 5.38
C ASP A 59 -11.38 0.67 4.54
N PHE A 60 -12.08 0.00 3.64
CA PHE A 60 -11.45 -1.00 2.78
C PHE A 60 -10.22 -0.43 2.09
N LEU A 61 -10.28 0.86 1.76
CA LEU A 61 -9.16 1.53 1.10
C LEU A 61 -8.10 1.95 2.12
N SER A 62 -8.48 1.98 3.39
CA SER A 62 -7.57 2.36 4.45
C SER A 62 -6.79 1.16 4.95
N ILE A 63 -7.42 -0.01 4.91
CA ILE A 63 -6.78 -1.24 5.37
C ILE A 63 -5.29 -1.23 5.07
N VAL A 64 -4.49 -0.96 6.08
CA VAL A 64 -3.03 -0.92 5.93
C VAL A 64 -2.49 -2.27 5.47
N GLY A 65 -1.58 -2.24 4.50
CA GLY A 65 -1.00 -3.47 3.99
C GLY A 65 -0.62 -4.43 5.10
N CYS A 66 -0.80 -5.73 4.83
CA CYS A 66 -0.48 -6.76 5.81
C CYS A 66 0.89 -7.37 5.53
N THR A 67 1.46 -7.02 4.37
CA THR A 67 2.77 -7.54 3.99
C THR A 67 3.81 -6.42 3.97
N LYS A 68 5.08 -6.81 3.95
CA LYS A 68 6.17 -5.85 3.93
C LYS A 68 7.12 -6.14 2.76
N GLY A 69 7.65 -5.07 2.16
CA GLY A 69 8.57 -5.22 1.05
C GLY A 69 9.10 -3.90 0.55
N ARG A 70 9.45 -3.85 -0.74
CA ARG A 70 9.98 -2.64 -1.34
C ARG A 70 8.97 -2.02 -2.31
N HIS A 71 8.63 -0.76 -2.07
CA HIS A 71 7.67 -0.07 -2.93
C HIS A 71 7.94 -0.36 -4.40
N ASN A 72 6.87 -0.48 -5.19
CA ASN A 72 7.00 -0.78 -6.61
C ASN A 72 6.78 0.49 -7.44
N SER A 73 7.85 1.01 -8.02
CA SER A 73 7.78 2.21 -8.84
C SER A 73 7.27 1.89 -10.24
N GLU A 74 6.82 0.65 -10.43
CA GLU A 74 6.31 0.21 -11.72
C GLU A 74 4.98 -0.53 -11.55
N LYS A 75 4.00 -0.15 -12.36
CA LYS A 75 2.68 -0.78 -12.30
C LYS A 75 2.79 -2.30 -12.44
ZN ZN B . 4.74 1.00 -1.02
ZN ZN C . -3.66 -7.75 3.30
N GLY A 1 24.98 21.03 -3.72
CA GLY A 1 24.30 20.00 -4.49
C GLY A 1 22.79 20.18 -4.49
N SER A 2 22.12 19.42 -3.64
CA SER A 2 20.66 19.49 -3.54
C SER A 2 20.23 20.27 -2.30
N SER A 3 19.92 21.55 -2.48
CA SER A 3 19.50 22.40 -1.37
C SER A 3 18.01 22.70 -1.46
N GLY A 4 17.34 22.07 -2.41
CA GLY A 4 15.90 22.28 -2.59
C GLY A 4 15.14 20.99 -2.72
N SER A 5 14.03 21.03 -3.45
CA SER A 5 13.20 19.85 -3.65
C SER A 5 13.99 18.73 -4.32
N SER A 6 13.64 17.50 -4.00
CA SER A 6 14.33 16.34 -4.57
C SER A 6 13.49 15.71 -5.68
N GLY A 7 14.05 14.69 -6.33
CA GLY A 7 13.34 14.02 -7.40
C GLY A 7 13.63 12.53 -7.45
N MET A 8 13.68 11.91 -6.27
CA MET A 8 13.95 10.47 -6.19
C MET A 8 12.78 9.74 -5.56
N ALA A 9 11.67 10.45 -5.38
CA ALA A 9 10.48 9.86 -4.78
C ALA A 9 9.69 9.06 -5.82
N LEU A 10 9.91 7.75 -5.82
CA LEU A 10 9.23 6.86 -6.76
C LEU A 10 7.81 6.56 -6.30
N LEU A 11 6.87 6.53 -7.23
CA LEU A 11 5.47 6.25 -6.91
C LEU A 11 5.24 4.75 -6.79
N CYS A 12 4.73 4.32 -5.63
CA CYS A 12 4.44 2.92 -5.38
C CYS A 12 3.19 2.48 -6.11
N TYR A 13 3.24 1.30 -6.72
CA TYR A 13 2.10 0.75 -7.45
C TYR A 13 1.62 -0.55 -6.83
N ASN A 14 1.70 -0.64 -5.52
CA ASN A 14 1.28 -1.84 -4.79
C ASN A 14 -0.06 -1.60 -4.11
N ARG A 15 -1.04 -2.44 -4.42
CA ARG A 15 -2.37 -2.32 -3.84
C ARG A 15 -2.28 -2.07 -2.33
N GLY A 16 -2.92 -1.01 -1.87
CA GLY A 16 -2.90 -0.68 -0.46
C GLY A 16 -1.93 0.43 -0.14
N CYS A 17 -1.01 0.69 -1.05
CA CYS A 17 -0.02 1.74 -0.86
C CYS A 17 -0.28 2.92 -1.80
N GLY A 18 -0.04 2.71 -3.09
CA GLY A 18 -0.26 3.75 -4.07
C GLY A 18 0.35 5.08 -3.64
N GLN A 19 1.29 5.03 -2.71
CA GLN A 19 1.94 6.23 -2.21
C GLN A 19 3.39 6.30 -2.67
N ARG A 20 3.97 7.49 -2.62
CA ARG A 20 5.36 7.67 -3.04
C ARG A 20 6.32 7.05 -2.03
N PHE A 21 7.61 7.08 -2.35
CA PHE A 21 8.63 6.52 -1.48
C PHE A 21 10.03 6.85 -1.99
N ASP A 22 11.03 6.67 -1.13
CA ASP A 22 12.41 6.95 -1.50
C ASP A 22 13.22 5.66 -1.59
N PRO A 23 13.86 5.44 -2.74
CA PRO A 23 14.68 4.25 -2.97
C PRO A 23 15.97 4.24 -2.13
N GLU A 24 16.59 5.41 -2.01
CA GLU A 24 17.82 5.54 -1.24
C GLU A 24 17.64 4.95 0.15
N THR A 25 16.40 4.75 0.56
CA THR A 25 16.10 4.19 1.88
C THR A 25 15.18 2.98 1.76
N ASN A 26 14.40 2.94 0.69
CA ASN A 26 13.47 1.83 0.47
C ASN A 26 14.07 0.52 0.97
N SER A 27 13.21 -0.31 1.57
CA SER A 27 13.64 -1.60 2.11
C SER A 27 12.52 -2.62 2.04
N ASP A 28 12.85 -3.88 2.30
CA ASP A 28 11.87 -4.96 2.26
C ASP A 28 10.86 -4.80 3.39
N ASP A 29 11.08 -3.82 4.25
CA ASP A 29 10.19 -3.57 5.37
C ASP A 29 9.84 -2.08 5.47
N ALA A 30 9.69 -1.45 4.31
CA ALA A 30 9.36 -0.03 4.26
C ALA A 30 8.06 0.20 3.50
N CYS A 31 7.62 -0.82 2.77
CA CYS A 31 6.39 -0.74 1.99
C CYS A 31 5.36 -1.74 2.48
N THR A 32 4.16 -1.25 2.79
CA THR A 32 3.09 -2.12 3.27
C THR A 32 1.93 -2.15 2.29
N TYR A 33 1.85 -3.24 1.52
CA TYR A 33 0.79 -3.39 0.53
C TYR A 33 0.08 -4.74 0.71
N HIS A 34 -0.85 -5.03 -0.19
CA HIS A 34 -1.60 -6.28 -0.14
C HIS A 34 -1.34 -7.12 -1.38
N PRO A 35 -0.53 -8.19 -1.21
CA PRO A 35 -0.18 -9.10 -2.31
C PRO A 35 -1.37 -9.94 -2.76
N GLY A 36 -2.53 -9.69 -2.16
CA GLY A 36 -3.73 -10.43 -2.51
C GLY A 36 -4.63 -9.66 -3.47
N VAL A 37 -5.93 -9.87 -3.33
CA VAL A 37 -6.91 -9.20 -4.18
C VAL A 37 -8.10 -8.72 -3.37
N PRO A 38 -8.79 -7.67 -3.88
CA PRO A 38 -9.96 -7.10 -3.21
C PRO A 38 -11.16 -8.03 -3.25
N VAL A 39 -11.68 -8.38 -2.07
CA VAL A 39 -12.83 -9.26 -1.97
C VAL A 39 -13.99 -8.57 -1.28
N PHE A 40 -15.21 -8.98 -1.61
CA PHE A 40 -16.41 -8.40 -1.03
C PHE A 40 -17.41 -9.49 -0.64
N HIS A 41 -17.39 -9.90 0.61
CA HIS A 41 -18.29 -10.94 1.10
C HIS A 41 -19.13 -10.42 2.27
N ASP A 42 -20.44 -10.62 2.19
CA ASP A 42 -21.35 -10.17 3.24
C ASP A 42 -21.18 -8.68 3.51
N ALA A 43 -20.98 -7.91 2.44
CA ALA A 43 -20.81 -6.47 2.56
C ALA A 43 -19.47 -6.13 3.22
N LEU A 44 -18.65 -7.15 3.43
CA LEU A 44 -17.34 -6.96 4.05
C LEU A 44 -16.24 -6.94 3.00
N LYS A 45 -15.79 -5.73 2.66
CA LYS A 45 -14.73 -5.57 1.67
C LYS A 45 -13.36 -5.76 2.30
N GLY A 46 -12.61 -6.75 1.82
CA GLY A 46 -11.28 -7.01 2.35
C GLY A 46 -10.33 -7.56 1.30
N TRP A 47 -9.40 -8.39 1.72
CA TRP A 47 -8.43 -8.98 0.81
C TRP A 47 -8.16 -10.44 1.18
N SER A 48 -7.83 -11.24 0.17
CA SER A 48 -7.55 -12.66 0.38
C SER A 48 -6.12 -12.86 0.90
N CYS A 49 -5.49 -11.76 1.31
CA CYS A 49 -4.13 -11.81 1.82
C CYS A 49 -4.12 -11.82 3.35
N CYS A 50 -4.92 -10.94 3.94
CA CYS A 50 -5.01 -10.84 5.40
C CYS A 50 -6.43 -11.12 5.87
N LYS A 51 -6.64 -10.99 7.18
CA LYS A 51 -7.95 -11.24 7.77
C LYS A 51 -8.76 -9.94 7.85
N ARG A 52 -8.07 -8.81 7.83
CA ARG A 52 -8.72 -7.52 7.90
C ARG A 52 -9.97 -7.49 7.03
N ARG A 53 -11.06 -6.95 7.58
CA ARG A 53 -12.31 -6.86 6.86
C ARG A 53 -13.14 -5.68 7.35
N THR A 54 -13.53 -4.80 6.41
CA THR A 54 -14.31 -3.63 6.75
C THR A 54 -15.45 -3.43 5.75
N THR A 55 -16.58 -2.94 6.24
CA THR A 55 -17.75 -2.70 5.39
C THR A 55 -17.72 -1.29 4.82
N ASP A 56 -17.07 -0.37 5.53
CA ASP A 56 -16.98 1.01 5.08
C ASP A 56 -16.06 1.13 3.86
N PHE A 57 -16.67 1.24 2.69
CA PHE A 57 -15.90 1.36 1.45
C PHE A 57 -14.65 2.20 1.67
N SER A 58 -14.73 3.16 2.58
CA SER A 58 -13.61 4.04 2.88
C SER A 58 -12.51 3.28 3.62
N ASP A 59 -12.89 2.55 4.65
CA ASP A 59 -11.94 1.78 5.44
C ASP A 59 -11.25 0.72 4.58
N PHE A 60 -12.00 0.10 3.69
CA PHE A 60 -11.46 -0.92 2.80
C PHE A 60 -10.26 -0.39 2.04
N LEU A 61 -10.35 0.86 1.60
CA LEU A 61 -9.26 1.48 0.84
C LEU A 61 -8.19 2.01 1.78
N SER A 62 -8.43 1.88 3.09
CA SER A 62 -7.47 2.35 4.09
C SER A 62 -6.72 1.18 4.71
N ILE A 63 -7.36 0.02 4.74
CA ILE A 63 -6.76 -1.19 5.31
C ILE A 63 -5.25 -1.20 5.05
N VAL A 64 -4.48 -0.97 6.10
CA VAL A 64 -3.03 -0.95 6.00
C VAL A 64 -2.51 -2.31 5.50
N GLY A 65 -1.59 -2.26 4.53
CA GLY A 65 -1.04 -3.49 3.98
C GLY A 65 -0.65 -4.48 5.06
N CYS A 66 -0.81 -5.76 4.76
CA CYS A 66 -0.48 -6.82 5.71
C CYS A 66 0.91 -7.40 5.42
N THR A 67 1.42 -7.11 4.23
CA THR A 67 2.73 -7.60 3.83
C THR A 67 3.76 -6.47 3.83
N LYS A 68 5.04 -6.85 3.83
CA LYS A 68 6.12 -5.87 3.84
C LYS A 68 7.09 -6.13 2.70
N GLY A 69 7.61 -5.06 2.11
CA GLY A 69 8.55 -5.19 1.00
C GLY A 69 9.03 -3.85 0.49
N ARG A 70 9.44 -3.82 -0.77
CA ARG A 70 9.93 -2.60 -1.39
C ARG A 70 8.89 -2.00 -2.33
N HIS A 71 8.58 -0.72 -2.13
CA HIS A 71 7.60 -0.04 -2.96
C HIS A 71 7.79 -0.38 -4.43
N ASN A 72 6.69 -0.66 -5.12
CA ASN A 72 6.75 -1.00 -6.54
C ASN A 72 6.67 0.26 -7.41
N SER A 73 7.83 0.68 -7.92
CA SER A 73 7.90 1.87 -8.76
C SER A 73 7.37 1.57 -10.15
N GLU A 74 6.95 0.33 -10.37
CA GLU A 74 6.41 -0.07 -11.66
C GLU A 74 5.01 -0.67 -11.52
N LYS A 75 4.24 -0.63 -12.60
CA LYS A 75 2.88 -1.16 -12.59
C LYS A 75 2.88 -2.65 -12.91
ZN ZN B . 4.64 1.05 -1.08
ZN ZN C . -3.66 -7.73 3.22
N GLY A 1 20.57 23.04 -11.14
CA GLY A 1 19.75 24.11 -10.60
C GLY A 1 18.79 23.62 -9.53
N SER A 2 19.24 22.65 -8.74
CA SER A 2 18.41 22.09 -7.68
C SER A 2 17.67 23.19 -6.94
N SER A 3 16.35 23.23 -7.13
CA SER A 3 15.51 24.24 -6.48
C SER A 3 14.07 23.75 -6.39
N GLY A 4 13.63 23.43 -5.17
CA GLY A 4 12.28 22.97 -4.96
C GLY A 4 12.18 21.91 -3.89
N SER A 5 11.87 20.68 -4.30
CA SER A 5 11.75 19.57 -3.37
C SER A 5 12.44 18.32 -3.91
N SER A 6 12.43 17.26 -3.12
CA SER A 6 13.07 16.00 -3.51
C SER A 6 12.51 15.51 -4.84
N GLY A 7 13.36 14.84 -5.62
CA GLY A 7 12.94 14.33 -6.90
C GLY A 7 13.23 12.85 -7.06
N MET A 8 13.50 12.18 -5.94
CA MET A 8 13.80 10.75 -5.97
C MET A 8 12.65 9.94 -5.36
N ALA A 9 11.55 10.62 -5.07
CA ALA A 9 10.38 9.96 -4.50
C ALA A 9 9.61 9.20 -5.56
N LEU A 10 9.84 7.89 -5.63
CA LEU A 10 9.15 7.04 -6.61
C LEU A 10 7.75 6.71 -6.14
N LEU A 11 6.82 6.63 -7.10
CA LEU A 11 5.43 6.32 -6.79
C LEU A 11 5.22 4.82 -6.69
N CYS A 12 4.70 4.37 -5.56
CA CYS A 12 4.44 2.94 -5.33
C CYS A 12 3.20 2.49 -6.10
N TYR A 13 3.26 1.28 -6.64
CA TYR A 13 2.13 0.74 -7.40
C TYR A 13 1.66 -0.59 -6.79
N ASN A 14 1.73 -0.68 -5.46
CA ASN A 14 1.31 -1.88 -4.76
C ASN A 14 -0.03 -1.67 -4.07
N ARG A 15 -1.00 -2.53 -4.39
CA ARG A 15 -2.34 -2.43 -3.80
C ARG A 15 -2.24 -2.16 -2.30
N GLY A 16 -2.91 -1.11 -1.86
CA GLY A 16 -2.90 -0.76 -0.44
C GLY A 16 -1.93 0.36 -0.14
N CYS A 17 -1.01 0.62 -1.06
CA CYS A 17 -0.03 1.67 -0.88
C CYS A 17 -0.30 2.85 -1.81
N GLY A 18 -0.07 2.63 -3.11
CA GLY A 18 -0.30 3.69 -4.08
C GLY A 18 0.28 5.02 -3.64
N GLN A 19 1.21 4.98 -2.70
CA GLN A 19 1.85 6.20 -2.19
C GLN A 19 3.28 6.30 -2.67
N ARG A 20 3.89 7.47 -2.47
CA ARG A 20 5.27 7.69 -2.88
C ARG A 20 6.23 7.04 -1.90
N PHE A 21 7.53 7.08 -2.23
CA PHE A 21 8.55 6.49 -1.38
C PHE A 21 9.94 6.82 -1.89
N ASP A 22 10.96 6.59 -1.07
CA ASP A 22 12.34 6.87 -1.44
C ASP A 22 13.11 5.58 -1.68
N PRO A 23 13.77 5.49 -2.84
CA PRO A 23 14.55 4.30 -3.21
C PRO A 23 15.82 4.16 -2.36
N GLU A 24 16.52 5.27 -2.16
CA GLU A 24 17.75 5.26 -1.36
C GLU A 24 17.47 4.83 0.07
N THR A 25 16.18 4.75 0.42
CA THR A 25 15.78 4.34 1.76
C THR A 25 14.82 3.16 1.71
N ASN A 26 14.21 2.93 0.55
CA ASN A 26 13.28 1.84 0.38
C ASN A 26 13.93 0.50 0.72
N SER A 27 13.18 -0.35 1.43
CA SER A 27 13.68 -1.65 1.84
C SER A 27 12.59 -2.70 1.75
N ASP A 28 12.86 -3.89 2.29
CA ASP A 28 11.90 -4.98 2.27
C ASP A 28 10.90 -4.84 3.42
N ASP A 29 11.08 -3.81 4.22
CA ASP A 29 10.19 -3.56 5.36
C ASP A 29 9.82 -2.08 5.44
N ALA A 30 9.72 -1.43 4.28
CA ALA A 30 9.37 -0.02 4.22
C ALA A 30 8.06 0.19 3.46
N CYS A 31 7.64 -0.85 2.75
CA CYS A 31 6.40 -0.78 1.96
C CYS A 31 5.37 -1.78 2.48
N THR A 32 4.19 -1.28 2.82
CA THR A 32 3.12 -2.13 3.33
C THR A 32 1.95 -2.20 2.36
N TYR A 33 1.91 -3.25 1.54
CA TYR A 33 0.85 -3.42 0.56
C TYR A 33 0.15 -4.76 0.75
N HIS A 34 -0.78 -5.06 -0.14
CA HIS A 34 -1.53 -6.31 -0.08
C HIS A 34 -1.26 -7.18 -1.30
N PRO A 35 -0.48 -8.25 -1.10
CA PRO A 35 -0.12 -9.18 -2.19
C PRO A 35 -1.32 -10.00 -2.65
N GLY A 36 -2.48 -9.73 -2.08
CA GLY A 36 -3.68 -10.46 -2.46
C GLY A 36 -4.57 -9.67 -3.40
N VAL A 37 -5.88 -9.88 -3.29
CA VAL A 37 -6.83 -9.19 -4.15
C VAL A 37 -8.04 -8.71 -3.34
N PRO A 38 -8.71 -7.66 -3.85
CA PRO A 38 -9.89 -7.09 -3.19
C PRO A 38 -11.10 -8.02 -3.26
N VAL A 39 -11.63 -8.36 -2.10
CA VAL A 39 -12.79 -9.24 -2.02
C VAL A 39 -13.97 -8.55 -1.34
N PHE A 40 -15.18 -8.96 -1.69
CA PHE A 40 -16.39 -8.38 -1.12
C PHE A 40 -17.39 -9.46 -0.75
N HIS A 41 -17.38 -9.87 0.51
CA HIS A 41 -18.29 -10.91 0.99
C HIS A 41 -19.12 -10.40 2.17
N ASP A 42 -20.43 -10.60 2.09
CA ASP A 42 -21.34 -10.16 3.14
C ASP A 42 -21.16 -8.67 3.42
N ALA A 43 -20.98 -7.89 2.36
CA ALA A 43 -20.80 -6.45 2.49
C ALA A 43 -19.48 -6.12 3.18
N LEU A 44 -18.63 -7.14 3.35
CA LEU A 44 -17.34 -6.95 3.99
C LEU A 44 -16.21 -6.92 2.96
N LYS A 45 -15.78 -5.72 2.60
CA LYS A 45 -14.70 -5.56 1.63
C LYS A 45 -13.34 -5.76 2.29
N GLY A 46 -12.57 -6.72 1.78
CA GLY A 46 -11.26 -6.99 2.33
C GLY A 46 -10.30 -7.55 1.29
N TRP A 47 -9.38 -8.41 1.73
CA TRP A 47 -8.40 -9.00 0.83
C TRP A 47 -8.13 -10.45 1.22
N SER A 48 -7.82 -11.27 0.22
CA SER A 48 -7.54 -12.69 0.46
C SER A 48 -6.13 -12.88 1.00
N CYS A 49 -5.48 -11.77 1.36
CA CYS A 49 -4.13 -11.82 1.89
C CYS A 49 -4.14 -11.81 3.41
N CYS A 50 -4.92 -10.91 3.99
CA CYS A 50 -5.03 -10.80 5.44
C CYS A 50 -6.44 -11.11 5.91
N LYS A 51 -6.67 -11.02 7.22
CA LYS A 51 -7.98 -11.28 7.80
C LYS A 51 -8.78 -9.99 7.94
N ARG A 52 -8.10 -8.85 7.77
CA ARG A 52 -8.75 -7.56 7.88
C ARG A 52 -9.99 -7.49 7.00
N ARG A 53 -11.09 -7.03 7.58
CA ARG A 53 -12.36 -6.92 6.85
C ARG A 53 -13.17 -5.74 7.36
N THR A 54 -13.57 -4.86 6.44
CA THR A 54 -14.36 -3.69 6.78
C THR A 54 -15.56 -3.54 5.86
N THR A 55 -16.62 -2.92 6.37
CA THR A 55 -17.84 -2.71 5.59
C THR A 55 -17.88 -1.30 5.00
N ASP A 56 -17.00 -0.44 5.49
CA ASP A 56 -16.93 0.94 5.01
C ASP A 56 -15.94 1.06 3.86
N PHE A 57 -16.46 1.27 2.66
CA PHE A 57 -15.62 1.41 1.47
C PHE A 57 -14.38 2.24 1.79
N SER A 58 -14.59 3.37 2.46
CA SER A 58 -13.49 4.26 2.81
C SER A 58 -12.42 3.51 3.60
N ASP A 59 -12.86 2.68 4.54
CA ASP A 59 -11.94 1.92 5.37
C ASP A 59 -11.25 0.82 4.54
N PHE A 60 -12.02 0.17 3.69
CA PHE A 60 -11.49 -0.90 2.84
C PHE A 60 -10.22 -0.43 2.12
N LEU A 61 -10.26 0.79 1.60
CA LEU A 61 -9.11 1.35 0.89
C LEU A 61 -8.04 1.82 1.87
N SER A 62 -8.39 1.87 3.14
CA SER A 62 -7.46 2.31 4.18
C SER A 62 -6.71 1.12 4.77
N ILE A 63 -7.36 -0.04 4.76
CA ILE A 63 -6.75 -1.25 5.29
C ILE A 63 -5.24 -1.27 5.06
N VAL A 64 -4.49 -1.01 6.12
CA VAL A 64 -3.03 -0.99 6.04
C VAL A 64 -2.49 -2.33 5.55
N GLY A 65 -1.61 -2.30 4.55
CA GLY A 65 -1.04 -3.51 4.02
C GLY A 65 -0.67 -4.51 5.10
N CYS A 66 -0.84 -5.79 4.81
CA CYS A 66 -0.52 -6.84 5.77
C CYS A 66 0.84 -7.45 5.49
N THR A 67 1.42 -7.08 4.34
CA THR A 67 2.73 -7.58 3.94
C THR A 67 3.76 -6.47 3.95
N LYS A 68 5.04 -6.85 3.94
CA LYS A 68 6.13 -5.89 3.93
C LYS A 68 7.10 -6.17 2.78
N GLY A 69 7.61 -5.10 2.18
CA GLY A 69 8.55 -5.25 1.08
C GLY A 69 9.04 -3.92 0.55
N ARG A 70 9.42 -3.89 -0.72
CA ARG A 70 9.91 -2.67 -1.35
C ARG A 70 8.86 -2.07 -2.28
N HIS A 71 8.59 -0.77 -2.11
CA HIS A 71 7.61 -0.09 -2.95
C HIS A 71 7.85 -0.38 -4.43
N ASN A 72 6.75 -0.66 -5.15
CA ASN A 72 6.85 -0.97 -6.57
C ASN A 72 6.72 0.30 -7.40
N SER A 73 7.84 0.75 -7.96
CA SER A 73 7.85 1.95 -8.79
C SER A 73 7.26 1.68 -10.17
N GLU A 74 6.80 0.44 -10.37
CA GLU A 74 6.21 0.06 -11.64
C GLU A 74 4.84 -0.59 -11.44
N LYS A 75 3.97 -0.43 -12.43
CA LYS A 75 2.64 -1.00 -12.37
C LYS A 75 2.68 -2.52 -12.28
ZN ZN B . 4.65 1.01 -1.05
ZN ZN C . -3.65 -7.76 3.21
N GLY A 1 9.58 27.26 5.24
CA GLY A 1 9.04 26.03 4.69
C GLY A 1 9.64 25.67 3.36
N SER A 2 9.91 24.39 3.15
CA SER A 2 10.50 23.91 1.90
C SER A 2 9.66 22.78 1.30
N SER A 3 10.16 22.22 0.20
CA SER A 3 9.45 21.13 -0.47
C SER A 3 10.44 20.16 -1.11
N GLY A 4 9.95 18.98 -1.49
CA GLY A 4 10.81 17.98 -2.10
C GLY A 4 11.58 18.52 -3.29
N SER A 5 12.91 18.57 -3.16
CA SER A 5 13.76 19.07 -4.23
C SER A 5 14.46 17.93 -4.96
N SER A 6 14.92 16.94 -4.19
CA SER A 6 15.61 15.79 -4.75
C SER A 6 14.81 15.19 -5.91
N GLY A 7 13.53 14.96 -5.68
CA GLY A 7 12.68 14.39 -6.71
C GLY A 7 12.93 12.91 -6.92
N MET A 8 13.58 12.28 -5.95
CA MET A 8 13.88 10.86 -6.03
C MET A 8 12.76 10.03 -5.40
N ALA A 9 11.68 10.70 -5.00
CA ALA A 9 10.55 10.01 -4.38
C ALA A 9 9.70 9.30 -5.43
N LEU A 10 9.88 7.99 -5.53
CA LEU A 10 9.14 7.18 -6.48
C LEU A 10 7.74 6.88 -5.96
N LEU A 11 6.76 6.89 -6.85
CA LEU A 11 5.38 6.61 -6.48
C LEU A 11 5.12 5.10 -6.47
N CYS A 12 4.58 4.62 -5.35
CA CYS A 12 4.29 3.20 -5.19
C CYS A 12 2.97 2.84 -5.90
N TYR A 13 2.94 1.66 -6.49
CA TYR A 13 1.74 1.19 -7.20
C TYR A 13 1.26 -0.14 -6.64
N ASN A 14 1.48 -0.35 -5.35
CA ASN A 14 1.07 -1.57 -4.68
C ASN A 14 -0.27 -1.40 -3.98
N ARG A 15 -1.20 -2.31 -4.26
CA ARG A 15 -2.52 -2.25 -3.65
C ARG A 15 -2.43 -2.10 -2.14
N GLY A 16 -2.85 -0.95 -1.63
CA GLY A 16 -2.80 -0.70 -0.21
C GLY A 16 -1.78 0.36 0.16
N CYS A 17 -0.97 0.76 -0.80
CA CYS A 17 0.06 1.77 -0.57
C CYS A 17 -0.21 3.01 -1.42
N GLY A 18 -0.02 2.89 -2.72
CA GLY A 18 -0.24 4.01 -3.62
C GLY A 18 0.40 5.29 -3.12
N GLN A 19 1.37 5.15 -2.22
CA GLN A 19 2.06 6.30 -1.65
C GLN A 19 3.48 6.40 -2.20
N ARG A 20 4.10 7.55 -2.02
CA ARG A 20 5.47 7.78 -2.49
C ARG A 20 6.48 7.08 -1.58
N PHE A 21 7.75 7.10 -1.99
CA PHE A 21 8.80 6.47 -1.21
C PHE A 21 10.18 6.80 -1.80
N ASP A 22 11.22 6.52 -1.03
CA ASP A 22 12.58 6.78 -1.47
C ASP A 22 13.32 5.48 -1.78
N PRO A 23 13.91 5.41 -2.98
CA PRO A 23 14.65 4.22 -3.44
C PRO A 23 15.95 4.03 -2.67
N GLU A 24 16.69 5.12 -2.47
CA GLU A 24 17.96 5.08 -1.76
C GLU A 24 17.75 4.61 -0.31
N THR A 25 16.49 4.53 0.10
CA THR A 25 16.16 4.11 1.46
C THR A 25 15.20 2.92 1.43
N ASN A 26 14.54 2.72 0.31
CA ASN A 26 13.59 1.62 0.16
C ASN A 26 14.17 0.33 0.72
N SER A 27 13.33 -0.45 1.40
CA SER A 27 13.76 -1.71 1.99
C SER A 27 12.64 -2.74 1.93
N ASP A 28 12.96 -3.97 2.32
CA ASP A 28 11.99 -5.06 2.31
C ASP A 28 10.96 -4.87 3.42
N ASP A 29 11.18 -3.88 4.27
CA ASP A 29 10.28 -3.60 5.37
C ASP A 29 9.96 -2.11 5.44
N ALA A 30 9.84 -1.47 4.27
CA ALA A 30 9.53 -0.05 4.20
C ALA A 30 8.22 0.20 3.46
N CYS A 31 7.76 -0.83 2.74
CA CYS A 31 6.51 -0.72 1.98
C CYS A 31 5.48 -1.71 2.50
N THR A 32 4.27 -1.21 2.76
CA THR A 32 3.19 -2.05 3.27
C THR A 32 2.03 -2.10 2.28
N TYR A 33 1.91 -3.21 1.56
CA TYR A 33 0.84 -3.38 0.58
C TYR A 33 0.13 -4.71 0.78
N HIS A 34 -0.81 -5.02 -0.12
CA HIS A 34 -1.56 -6.26 -0.04
C HIS A 34 -1.31 -7.13 -1.27
N PRO A 35 -0.56 -8.22 -1.09
CA PRO A 35 -0.22 -9.15 -2.17
C PRO A 35 -1.43 -9.94 -2.65
N GLY A 36 -2.57 -9.72 -2.00
CA GLY A 36 -3.78 -10.43 -2.37
C GLY A 36 -4.65 -9.63 -3.32
N VAL A 37 -5.97 -9.81 -3.24
CA VAL A 37 -6.90 -9.10 -4.09
C VAL A 37 -8.10 -8.59 -3.30
N PRO A 38 -8.74 -7.54 -3.81
CA PRO A 38 -9.92 -6.95 -3.17
C PRO A 38 -11.14 -7.85 -3.24
N VAL A 39 -11.53 -8.41 -2.10
CA VAL A 39 -12.69 -9.30 -2.05
C VAL A 39 -13.87 -8.62 -1.36
N PHE A 40 -15.07 -9.05 -1.71
CA PHE A 40 -16.29 -8.47 -1.13
C PHE A 40 -17.29 -9.57 -0.77
N HIS A 41 -17.27 -9.98 0.49
CA HIS A 41 -18.19 -11.02 0.96
C HIS A 41 -19.04 -10.53 2.11
N ASP A 42 -20.35 -10.75 2.02
CA ASP A 42 -21.27 -10.31 3.06
C ASP A 42 -21.10 -8.83 3.35
N ALA A 43 -20.93 -8.03 2.31
CA ALA A 43 -20.76 -6.59 2.45
C ALA A 43 -19.42 -6.27 3.13
N LEU A 44 -18.61 -7.29 3.33
CA LEU A 44 -17.31 -7.11 3.97
C LEU A 44 -16.20 -7.07 2.93
N LYS A 45 -15.85 -5.85 2.51
CA LYS A 45 -14.79 -5.66 1.51
C LYS A 45 -13.42 -5.74 2.17
N GLY A 46 -12.63 -6.73 1.75
CA GLY A 46 -11.30 -6.90 2.30
C GLY A 46 -10.32 -7.47 1.29
N TRP A 47 -9.36 -8.24 1.78
CA TRP A 47 -8.35 -8.84 0.90
C TRP A 47 -8.14 -10.32 1.25
N SER A 48 -7.74 -11.11 0.26
CA SER A 48 -7.50 -12.53 0.47
C SER A 48 -6.10 -12.77 1.05
N CYS A 49 -5.44 -11.70 1.44
CA CYS A 49 -4.10 -11.79 2.00
C CYS A 49 -4.14 -11.81 3.52
N CYS A 50 -4.86 -10.85 4.10
CA CYS A 50 -4.98 -10.75 5.55
C CYS A 50 -6.42 -11.04 5.99
N LYS A 51 -6.66 -10.92 7.29
CA LYS A 51 -7.99 -11.16 7.84
C LYS A 51 -8.79 -9.86 7.93
N ARG A 52 -8.09 -8.74 7.85
CA ARG A 52 -8.74 -7.43 7.91
C ARG A 52 -10.00 -7.40 7.05
N ARG A 53 -11.08 -6.87 7.61
CA ARG A 53 -12.35 -6.78 6.91
C ARG A 53 -13.19 -5.63 7.43
N THR A 54 -13.82 -4.90 6.51
CA THR A 54 -14.65 -3.76 6.87
C THR A 54 -15.88 -3.67 5.98
N THR A 55 -16.98 -3.16 6.53
CA THR A 55 -18.22 -3.01 5.78
C THR A 55 -18.29 -1.66 5.09
N ASP A 56 -17.48 -0.71 5.55
CA ASP A 56 -17.44 0.62 4.97
C ASP A 56 -16.58 0.64 3.71
N PHE A 57 -17.18 1.09 2.61
CA PHE A 57 -16.47 1.16 1.34
C PHE A 57 -15.20 2.01 1.48
N SER A 58 -15.24 2.99 2.37
CA SER A 58 -14.09 3.86 2.59
C SER A 58 -12.99 3.13 3.35
N ASP A 59 -13.31 2.68 4.56
CA ASP A 59 -12.35 1.97 5.39
C ASP A 59 -11.61 0.90 4.57
N PHE A 60 -12.34 0.25 3.67
CA PHE A 60 -11.76 -0.79 2.84
C PHE A 60 -10.47 -0.31 2.16
N LEU A 61 -10.50 0.95 1.71
CA LEU A 61 -9.34 1.54 1.04
C LEU A 61 -8.29 1.97 2.07
N SER A 62 -8.68 2.00 3.33
CA SER A 62 -7.79 2.39 4.40
C SER A 62 -6.99 1.19 4.92
N ILE A 63 -7.59 0.02 4.85
CA ILE A 63 -6.94 -1.20 5.30
C ILE A 63 -5.43 -1.15 5.04
N VAL A 64 -4.66 -0.89 6.09
CA VAL A 64 -3.21 -0.82 5.97
C VAL A 64 -2.63 -2.14 5.51
N GLY A 65 -1.66 -2.07 4.60
CA GLY A 65 -1.03 -3.27 4.08
C GLY A 65 -0.64 -4.24 5.18
N CYS A 66 -0.79 -5.53 4.92
CA CYS A 66 -0.44 -6.56 5.89
C CYS A 66 0.94 -7.14 5.60
N THR A 67 1.39 -6.99 4.36
CA THR A 67 2.70 -7.49 3.96
C THR A 67 3.74 -6.39 3.93
N LYS A 68 5.01 -6.78 3.93
CA LYS A 68 6.11 -5.81 3.90
C LYS A 68 7.06 -6.10 2.74
N GLY A 69 7.61 -5.04 2.15
CA GLY A 69 8.53 -5.20 1.04
C GLY A 69 9.05 -3.87 0.52
N ARG A 70 9.35 -3.83 -0.77
CA ARG A 70 9.85 -2.61 -1.40
C ARG A 70 8.81 -2.00 -2.33
N HIS A 71 8.54 -0.71 -2.13
CA HIS A 71 7.55 -0.01 -2.95
C HIS A 71 7.78 -0.29 -4.43
N ASN A 72 6.69 -0.48 -5.17
CA ASN A 72 6.77 -0.76 -6.59
C ASN A 72 6.58 0.52 -7.41
N SER A 73 7.69 1.06 -7.93
CA SER A 73 7.64 2.27 -8.72
C SER A 73 7.09 1.99 -10.12
N GLU A 74 6.68 0.74 -10.35
CA GLU A 74 6.13 0.34 -11.64
C GLU A 74 4.67 -0.09 -11.50
N LYS A 75 3.91 0.08 -12.57
CA LYS A 75 2.49 -0.29 -12.57
C LYS A 75 2.31 -1.70 -13.10
ZN ZN B . 4.68 1.03 -1.07
ZN ZN C . -3.54 -7.61 3.35
N GLY A 1 21.81 28.88 5.87
CA GLY A 1 20.43 28.89 5.42
C GLY A 1 20.33 28.59 3.93
N SER A 2 19.78 27.43 3.60
CA SER A 2 19.62 27.02 2.21
C SER A 2 18.32 26.24 2.02
N SER A 3 17.87 26.17 0.77
CA SER A 3 16.64 25.46 0.45
C SER A 3 16.67 24.95 -0.99
N GLY A 4 16.69 23.62 -1.14
CA GLY A 4 16.72 23.03 -2.46
C GLY A 4 15.46 22.23 -2.77
N SER A 5 15.59 21.28 -3.68
CA SER A 5 14.45 20.43 -4.07
C SER A 5 14.90 19.00 -4.33
N SER A 6 13.97 18.06 -4.20
CA SER A 6 14.27 16.65 -4.42
C SER A 6 13.47 16.10 -5.60
N GLY A 7 13.69 14.83 -5.92
CA GLY A 7 12.99 14.21 -7.03
C GLY A 7 13.28 12.73 -7.14
N MET A 8 13.62 12.11 -6.02
CA MET A 8 13.94 10.68 -5.99
C MET A 8 12.80 9.89 -5.35
N ALA A 9 11.66 10.55 -5.17
CA ALA A 9 10.49 9.90 -4.58
C ALA A 9 9.69 9.14 -5.62
N LEU A 10 9.91 7.83 -5.69
CA LEU A 10 9.21 6.98 -6.65
C LEU A 10 7.81 6.66 -6.16
N LEU A 11 6.85 6.68 -7.08
CA LEU A 11 5.46 6.38 -6.75
C LEU A 11 5.23 4.88 -6.65
N CYS A 12 4.71 4.43 -5.51
CA CYS A 12 4.43 3.02 -5.30
C CYS A 12 3.16 2.60 -6.03
N TYR A 13 3.19 1.40 -6.60
CA TYR A 13 2.05 0.87 -7.33
C TYR A 13 1.57 -0.44 -6.72
N ASN A 14 1.71 -0.57 -5.41
CA ASN A 14 1.29 -1.77 -4.70
C ASN A 14 -0.04 -1.55 -3.99
N ARG A 15 -1.01 -2.43 -4.26
CA ARG A 15 -2.31 -2.33 -3.63
C ARG A 15 -2.20 -2.09 -2.13
N GLY A 16 -2.80 -1.00 -1.66
CA GLY A 16 -2.75 -0.68 -0.24
C GLY A 16 -1.79 0.45 0.05
N CYS A 17 -0.85 0.68 -0.86
CA CYS A 17 0.14 1.74 -0.69
C CYS A 17 -0.16 2.92 -1.60
N GLY A 18 0.04 2.72 -2.90
CA GLY A 18 -0.21 3.78 -3.86
C GLY A 18 0.38 5.12 -3.44
N GLN A 19 1.34 5.06 -2.52
CA GLN A 19 1.99 6.27 -2.02
C GLN A 19 3.43 6.35 -2.50
N ARG A 20 4.02 7.53 -2.39
CA ARG A 20 5.40 7.74 -2.82
C ARG A 20 6.39 7.08 -1.85
N PHE A 21 7.66 7.06 -2.22
CA PHE A 21 8.69 6.47 -1.39
C PHE A 21 10.08 6.78 -1.94
N ASP A 22 11.10 6.55 -1.11
CA ASP A 22 12.47 6.81 -1.51
C ASP A 22 13.23 5.51 -1.75
N PRO A 23 13.87 5.40 -2.92
CA PRO A 23 14.64 4.20 -3.29
C PRO A 23 15.91 4.05 -2.47
N GLU A 24 16.63 5.16 -2.28
CA GLU A 24 17.86 5.15 -1.50
C GLU A 24 17.62 4.70 -0.07
N THR A 25 16.34 4.64 0.30
CA THR A 25 15.96 4.22 1.65
C THR A 25 14.98 3.05 1.60
N ASN A 26 14.33 2.87 0.46
CA ASN A 26 13.36 1.79 0.29
C ASN A 26 13.99 0.45 0.64
N SER A 27 13.29 -0.34 1.45
CA SER A 27 13.77 -1.65 1.86
C SER A 27 12.66 -2.70 1.77
N ASP A 28 12.93 -3.88 2.31
CA ASP A 28 11.96 -4.96 2.29
C ASP A 28 10.95 -4.81 3.42
N ASP A 29 11.13 -3.77 4.23
CA ASP A 29 10.23 -3.51 5.34
C ASP A 29 9.85 -2.03 5.40
N ALA A 30 9.78 -1.40 4.24
CA ALA A 30 9.43 0.02 4.16
C ALA A 30 8.13 0.22 3.40
N CYS A 31 7.68 -0.83 2.72
CA CYS A 31 6.45 -0.76 1.94
C CYS A 31 5.41 -1.74 2.49
N THR A 32 4.22 -1.22 2.80
CA THR A 32 3.14 -2.04 3.34
C THR A 32 1.98 -2.12 2.36
N TYR A 33 1.95 -3.19 1.57
CA TYR A 33 0.89 -3.39 0.58
C TYR A 33 0.18 -4.71 0.81
N HIS A 34 -0.75 -5.04 -0.08
CA HIS A 34 -1.50 -6.29 0.02
C HIS A 34 -1.23 -7.18 -1.20
N PRO A 35 -0.50 -8.28 -0.98
CA PRO A 35 -0.16 -9.24 -2.03
C PRO A 35 -1.38 -10.02 -2.52
N GLY A 36 -2.54 -9.71 -1.96
CA GLY A 36 -3.76 -10.40 -2.34
C GLY A 36 -4.61 -9.58 -3.30
N VAL A 37 -5.92 -9.78 -3.23
CA VAL A 37 -6.84 -9.06 -4.09
C VAL A 37 -8.07 -8.57 -3.31
N PRO A 38 -8.71 -7.51 -3.82
CA PRO A 38 -9.90 -6.93 -3.18
C PRO A 38 -11.11 -7.84 -3.30
N VAL A 39 -11.62 -8.29 -2.16
CA VAL A 39 -12.79 -9.17 -2.13
C VAL A 39 -13.96 -8.51 -1.43
N PHE A 40 -15.18 -8.93 -1.79
CA PHE A 40 -16.38 -8.37 -1.19
C PHE A 40 -17.38 -9.46 -0.85
N HIS A 41 -17.37 -9.91 0.39
CA HIS A 41 -18.27 -10.96 0.84
C HIS A 41 -19.12 -10.48 2.03
N ASP A 42 -20.42 -10.70 1.93
CA ASP A 42 -21.34 -10.28 2.99
C ASP A 42 -21.16 -8.81 3.32
N ALA A 43 -21.00 -7.99 2.29
CA ALA A 43 -20.81 -6.55 2.48
C ALA A 43 -19.48 -6.25 3.16
N LEU A 44 -18.66 -7.28 3.32
CA LEU A 44 -17.36 -7.13 3.96
C LEU A 44 -16.25 -7.06 2.91
N LYS A 45 -15.81 -5.85 2.61
CA LYS A 45 -14.75 -5.65 1.63
C LYS A 45 -13.38 -5.79 2.27
N GLY A 46 -12.62 -6.78 1.80
CA GLY A 46 -11.28 -7.00 2.35
C GLY A 46 -10.32 -7.54 1.30
N TRP A 47 -9.34 -8.32 1.76
CA TRP A 47 -8.35 -8.89 0.86
C TRP A 47 -8.10 -10.36 1.19
N SER A 48 -7.75 -11.15 0.18
CA SER A 48 -7.49 -12.56 0.36
C SER A 48 -6.09 -12.79 0.92
N CYS A 49 -5.46 -11.71 1.38
CA CYS A 49 -4.12 -11.79 1.94
C CYS A 49 -4.17 -11.81 3.46
N CYS A 50 -4.89 -10.87 4.05
CA CYS A 50 -5.02 -10.77 5.49
C CYS A 50 -6.46 -11.05 5.93
N LYS A 51 -6.69 -10.99 7.23
CA LYS A 51 -8.03 -11.22 7.78
C LYS A 51 -8.83 -9.93 7.87
N ARG A 52 -8.11 -8.80 7.86
CA ARG A 52 -8.75 -7.50 7.94
C ARG A 52 -9.99 -7.45 7.05
N ARG A 53 -11.10 -6.99 7.62
CA ARG A 53 -12.36 -6.89 6.88
C ARG A 53 -13.18 -5.70 7.36
N THR A 54 -13.75 -4.97 6.42
CA THR A 54 -14.56 -3.80 6.73
C THR A 54 -15.67 -3.60 5.72
N THR A 55 -16.82 -3.10 6.17
CA THR A 55 -17.96 -2.86 5.30
C THR A 55 -17.92 -1.45 4.71
N ASP A 56 -17.30 -0.54 5.44
CA ASP A 56 -17.19 0.85 5.01
C ASP A 56 -16.22 0.97 3.84
N PHE A 57 -16.76 1.14 2.63
CA PHE A 57 -15.94 1.28 1.44
C PHE A 57 -14.71 2.15 1.71
N SER A 58 -14.90 3.16 2.55
CA SER A 58 -13.81 4.08 2.89
C SER A 58 -12.73 3.37 3.69
N ASP A 59 -13.17 2.52 4.62
CA ASP A 59 -12.24 1.78 5.46
C ASP A 59 -11.47 0.75 4.65
N PHE A 60 -12.17 0.06 3.74
CA PHE A 60 -11.55 -0.95 2.89
C PHE A 60 -10.32 -0.39 2.19
N LEU A 61 -10.39 0.89 1.80
CA LEU A 61 -9.28 1.54 1.12
C LEU A 61 -8.21 1.96 2.11
N SER A 62 -8.58 2.04 3.38
CA SER A 62 -7.64 2.44 4.43
C SER A 62 -6.86 1.24 4.95
N ILE A 63 -7.49 0.08 4.91
CA ILE A 63 -6.85 -1.15 5.38
C ILE A 63 -5.35 -1.14 5.09
N VAL A 64 -4.57 -0.84 6.12
CA VAL A 64 -3.11 -0.79 5.97
C VAL A 64 -2.57 -2.13 5.50
N GLY A 65 -1.60 -2.09 4.59
CA GLY A 65 -1.01 -3.30 4.07
C GLY A 65 -0.65 -4.28 5.17
N CYS A 66 -0.82 -5.58 4.89
CA CYS A 66 -0.50 -6.62 5.85
C CYS A 66 0.87 -7.23 5.57
N THR A 67 1.40 -6.95 4.39
CA THR A 67 2.71 -7.47 4.01
C THR A 67 3.76 -6.37 3.99
N LYS A 68 5.04 -6.76 3.97
CA LYS A 68 6.13 -5.80 3.96
C LYS A 68 7.10 -6.11 2.82
N GLY A 69 7.61 -5.06 2.19
CA GLY A 69 8.55 -5.23 1.09
C GLY A 69 9.04 -3.92 0.53
N ARG A 70 9.45 -3.92 -0.73
CA ARG A 70 9.94 -2.72 -1.39
C ARG A 70 8.90 -2.13 -2.32
N HIS A 71 8.62 -0.84 -2.16
CA HIS A 71 7.64 -0.16 -2.99
C HIS A 71 7.87 -0.47 -4.47
N ASN A 72 6.78 -0.65 -5.21
CA ASN A 72 6.86 -0.95 -6.63
C ASN A 72 6.69 0.32 -7.47
N SER A 73 7.80 0.75 -8.08
CA SER A 73 7.78 1.96 -8.91
C SER A 73 7.28 1.64 -10.31
N GLU A 74 6.66 0.48 -10.47
CA GLU A 74 6.15 0.05 -11.76
C GLU A 74 4.75 -0.55 -11.63
N LYS A 75 3.85 -0.13 -12.51
CA LYS A 75 2.47 -0.63 -12.49
C LYS A 75 2.45 -2.14 -12.67
ZN ZN B . 4.79 1.04 -1.05
ZN ZN C . -3.73 -7.68 3.34
N GLY A 1 17.21 26.45 0.70
CA GLY A 1 16.82 25.22 1.37
C GLY A 1 15.51 24.66 0.84
N SER A 2 15.29 23.38 1.08
CA SER A 2 14.08 22.71 0.60
C SER A 2 13.97 21.30 1.18
N SER A 3 12.75 20.87 1.47
CA SER A 3 12.52 19.54 2.02
C SER A 3 11.23 18.94 1.46
N GLY A 4 11.04 17.65 1.71
CA GLY A 4 9.84 16.98 1.22
C GLY A 4 10.09 16.27 -0.10
N SER A 5 9.37 16.71 -1.14
CA SER A 5 9.51 16.11 -2.46
C SER A 5 10.75 16.62 -3.17
N SER A 6 11.62 15.70 -3.56
CA SER A 6 12.86 16.06 -4.25
C SER A 6 12.79 15.68 -5.73
N GLY A 7 12.72 14.38 -5.99
CA GLY A 7 12.65 13.91 -7.36
C GLY A 7 12.87 12.41 -7.46
N MET A 8 13.57 11.84 -6.49
CA MET A 8 13.85 10.41 -6.48
C MET A 8 12.73 9.65 -5.80
N ALA A 9 11.63 10.34 -5.51
CA ALA A 9 10.48 9.72 -4.86
C ALA A 9 9.65 8.93 -5.88
N LEU A 10 9.81 7.61 -5.87
CA LEU A 10 9.09 6.75 -6.78
C LEU A 10 7.68 6.48 -6.27
N LEU A 11 6.70 6.55 -7.16
CA LEU A 11 5.30 6.31 -6.79
C LEU A 11 5.02 4.82 -6.70
N CYS A 12 4.56 4.38 -5.53
CA CYS A 12 4.24 2.97 -5.31
C CYS A 12 2.89 2.62 -5.93
N TYR A 13 2.85 1.50 -6.65
CA TYR A 13 1.62 1.04 -7.29
C TYR A 13 1.09 -0.22 -6.63
N ASN A 14 1.67 -0.57 -5.47
CA ASN A 14 1.25 -1.76 -4.74
C ASN A 14 -0.06 -1.52 -4.00
N ARG A 15 -1.03 -2.38 -4.23
CA ARG A 15 -2.33 -2.26 -3.58
C ARG A 15 -2.17 -2.03 -2.08
N GLY A 16 -2.87 -1.02 -1.56
CA GLY A 16 -2.79 -0.72 -0.15
C GLY A 16 -1.82 0.42 0.15
N CYS A 17 -0.93 0.69 -0.80
CA CYS A 17 0.05 1.76 -0.64
C CYS A 17 -0.28 2.96 -1.53
N GLY A 18 -0.11 2.78 -2.84
CA GLY A 18 -0.40 3.85 -3.77
C GLY A 18 0.24 5.16 -3.35
N GLN A 19 1.23 5.09 -2.48
CA GLN A 19 1.92 6.28 -2.00
C GLN A 19 3.35 6.34 -2.55
N ARG A 20 4.00 7.48 -2.36
CA ARG A 20 5.37 7.68 -2.84
C ARG A 20 6.37 7.04 -1.88
N PHE A 21 7.64 7.04 -2.29
CA PHE A 21 8.70 6.46 -1.47
C PHE A 21 10.07 6.76 -2.06
N ASP A 22 11.11 6.58 -1.25
CA ASP A 22 12.47 6.84 -1.69
C ASP A 22 13.26 5.54 -1.80
N PRO A 23 13.86 5.30 -2.98
CA PRO A 23 14.66 4.10 -3.23
C PRO A 23 15.97 4.08 -2.45
N GLU A 24 16.59 5.25 -2.35
CA GLU A 24 17.85 5.37 -1.63
C GLU A 24 17.73 4.81 -0.21
N THR A 25 16.50 4.63 0.24
CA THR A 25 16.24 4.09 1.57
C THR A 25 15.31 2.88 1.51
N ASN A 26 14.49 2.83 0.46
CA ASN A 26 13.54 1.73 0.29
C ASN A 26 14.13 0.42 0.82
N SER A 27 13.31 -0.37 1.50
CA SER A 27 13.74 -1.63 2.05
C SER A 27 12.63 -2.68 1.98
N ASP A 28 12.95 -3.91 2.35
CA ASP A 28 11.97 -4.99 2.33
C ASP A 28 10.95 -4.83 3.45
N ASP A 29 11.15 -3.81 4.28
CA ASP A 29 10.25 -3.55 5.40
C ASP A 29 9.91 -2.06 5.47
N ALA A 30 9.76 -1.43 4.31
CA ALA A 30 9.43 -0.01 4.24
C ALA A 30 8.13 0.22 3.48
N CYS A 31 7.68 -0.82 2.79
CA CYS A 31 6.44 -0.73 2.01
C CYS A 31 5.39 -1.71 2.54
N THR A 32 4.23 -1.19 2.90
CA THR A 32 3.15 -2.01 3.42
C THR A 32 1.99 -2.08 2.44
N TYR A 33 1.96 -3.14 1.63
CA TYR A 33 0.90 -3.33 0.65
C TYR A 33 0.20 -4.66 0.86
N HIS A 34 -0.73 -4.98 -0.04
CA HIS A 34 -1.48 -6.22 0.04
C HIS A 34 -1.21 -7.10 -1.18
N PRO A 35 -0.48 -8.19 -0.97
CA PRO A 35 -0.13 -9.14 -2.04
C PRO A 35 -1.34 -9.93 -2.52
N GLY A 36 -2.50 -9.62 -1.95
CA GLY A 36 -3.73 -10.32 -2.34
C GLY A 36 -4.57 -9.51 -3.30
N VAL A 37 -5.89 -9.71 -3.24
CA VAL A 37 -6.81 -8.99 -4.11
C VAL A 37 -8.04 -8.53 -3.33
N PRO A 38 -8.68 -7.46 -3.83
CA PRO A 38 -9.87 -6.88 -3.21
C PRO A 38 -11.09 -7.80 -3.33
N VAL A 39 -11.61 -8.24 -2.19
CA VAL A 39 -12.77 -9.13 -2.18
C VAL A 39 -13.95 -8.47 -1.46
N PHE A 40 -15.15 -8.88 -1.82
CA PHE A 40 -16.36 -8.33 -1.22
C PHE A 40 -17.36 -9.44 -0.89
N HIS A 41 -17.34 -9.90 0.35
CA HIS A 41 -18.25 -10.96 0.79
C HIS A 41 -19.10 -10.49 1.97
N ASP A 42 -20.41 -10.67 1.86
CA ASP A 42 -21.33 -10.28 2.91
C ASP A 42 -21.15 -8.80 3.26
N ALA A 43 -20.97 -7.97 2.24
CA ALA A 43 -20.78 -6.53 2.44
C ALA A 43 -19.45 -6.25 3.13
N LEU A 44 -18.65 -7.29 3.31
CA LEU A 44 -17.35 -7.14 3.95
C LEU A 44 -16.24 -7.07 2.91
N LYS A 45 -15.81 -5.85 2.59
CA LYS A 45 -14.75 -5.65 1.62
C LYS A 45 -13.37 -5.80 2.26
N GLY A 46 -12.61 -6.78 1.80
CA GLY A 46 -11.28 -7.01 2.34
C GLY A 46 -10.31 -7.53 1.30
N TRP A 47 -9.32 -8.29 1.75
CA TRP A 47 -8.32 -8.85 0.85
C TRP A 47 -8.07 -10.32 1.16
N SER A 48 -7.70 -11.09 0.13
CA SER A 48 -7.44 -12.51 0.29
C SER A 48 -6.03 -12.74 0.85
N CYS A 49 -5.42 -11.66 1.34
CA CYS A 49 -4.08 -11.74 1.90
C CYS A 49 -4.13 -11.80 3.42
N CYS A 50 -4.88 -10.87 4.01
CA CYS A 50 -5.02 -10.81 5.47
C CYS A 50 -6.46 -11.08 5.88
N LYS A 51 -6.71 -11.02 7.19
CA LYS A 51 -8.04 -11.26 7.73
C LYS A 51 -8.85 -9.98 7.79
N ARG A 52 -8.16 -8.85 7.89
CA ARG A 52 -8.82 -7.55 7.95
C ARG A 52 -10.06 -7.53 7.07
N ARG A 53 -11.15 -6.98 7.61
CA ARG A 53 -12.40 -6.89 6.88
C ARG A 53 -13.25 -5.72 7.37
N THR A 54 -13.69 -4.89 6.44
CA THR A 54 -14.51 -3.73 6.78
C THR A 54 -15.63 -3.53 5.77
N THR A 55 -16.81 -3.16 6.27
CA THR A 55 -17.97 -2.94 5.41
C THR A 55 -17.95 -1.54 4.82
N ASP A 56 -17.34 -0.61 5.54
CA ASP A 56 -17.25 0.78 5.10
C ASP A 56 -16.30 0.91 3.90
N PHE A 57 -16.88 1.07 2.72
CA PHE A 57 -16.09 1.22 1.50
C PHE A 57 -14.88 2.13 1.73
N SER A 58 -15.02 3.06 2.67
CA SER A 58 -13.96 4.00 2.99
C SER A 58 -12.83 3.30 3.74
N ASP A 59 -13.20 2.52 4.76
CA ASP A 59 -12.21 1.80 5.56
C ASP A 59 -11.48 0.77 4.71
N PHE A 60 -12.21 0.09 3.84
CA PHE A 60 -11.63 -0.92 2.97
C PHE A 60 -10.40 -0.39 2.25
N LEU A 61 -10.45 0.88 1.85
CA LEU A 61 -9.34 1.52 1.15
C LEU A 61 -8.27 1.95 2.14
N SER A 62 -8.63 2.05 3.41
CA SER A 62 -7.70 2.47 4.45
C SER A 62 -6.92 1.26 4.98
N ILE A 63 -7.56 0.09 4.96
CA ILE A 63 -6.92 -1.13 5.43
C ILE A 63 -5.42 -1.13 5.11
N VAL A 64 -4.61 -0.83 6.12
CA VAL A 64 -3.17 -0.80 5.95
C VAL A 64 -2.64 -2.15 5.46
N GLY A 65 -1.58 -2.10 4.65
CA GLY A 65 -1.00 -3.32 4.13
C GLY A 65 -0.65 -4.32 5.21
N CYS A 66 -0.83 -5.60 4.92
CA CYS A 66 -0.53 -6.65 5.87
C CYS A 66 0.83 -7.27 5.59
N THR A 67 1.40 -6.93 4.44
CA THR A 67 2.71 -7.46 4.05
C THR A 67 3.76 -6.36 4.03
N LYS A 68 5.02 -6.76 4.02
CA LYS A 68 6.13 -5.81 3.99
C LYS A 68 7.08 -6.10 2.85
N GLY A 69 7.62 -5.04 2.23
CA GLY A 69 8.55 -5.22 1.13
C GLY A 69 9.03 -3.89 0.58
N ARG A 70 9.42 -3.89 -0.69
CA ARG A 70 9.92 -2.68 -1.34
C ARG A 70 8.86 -2.09 -2.27
N HIS A 71 8.59 -0.80 -2.09
CA HIS A 71 7.59 -0.11 -2.92
C HIS A 71 7.82 -0.42 -4.39
N ASN A 72 6.73 -0.74 -5.09
CA ASN A 72 6.82 -1.04 -6.51
C ASN A 72 6.64 0.22 -7.35
N SER A 73 7.75 0.71 -7.91
CA SER A 73 7.72 1.91 -8.73
C SER A 73 7.21 1.59 -10.14
N GLU A 74 6.77 0.37 -10.34
CA GLU A 74 6.25 -0.07 -11.64
C GLU A 74 4.76 -0.36 -11.56
N LYS A 75 4.05 -0.11 -12.66
CA LYS A 75 2.61 -0.35 -12.72
C LYS A 75 2.33 -1.83 -12.93
ZN ZN B . 4.70 1.01 -1.05
ZN ZN C . -3.72 -7.66 3.39
N GLY A 1 17.25 28.35 3.86
CA GLY A 1 18.39 27.63 3.30
C GLY A 1 18.23 26.12 3.41
N SER A 2 17.24 25.69 4.20
CA SER A 2 16.99 24.27 4.39
C SER A 2 15.83 23.80 3.51
N SER A 3 16.10 23.69 2.21
CA SER A 3 15.07 23.26 1.26
C SER A 3 15.24 21.78 0.93
N GLY A 4 14.31 21.24 0.14
CA GLY A 4 14.37 19.85 -0.24
C GLY A 4 14.61 19.66 -1.72
N SER A 5 13.64 20.08 -2.54
CA SER A 5 13.75 19.96 -3.99
C SER A 5 14.23 18.56 -4.37
N SER A 6 13.57 17.54 -3.82
CA SER A 6 13.93 16.15 -4.10
C SER A 6 13.16 15.62 -5.30
N GLY A 7 13.76 14.70 -6.03
CA GLY A 7 13.11 14.13 -7.19
C GLY A 7 13.36 12.64 -7.33
N MET A 8 13.81 12.01 -6.24
CA MET A 8 14.10 10.58 -6.25
C MET A 8 12.96 9.80 -5.61
N ALA A 9 11.85 10.48 -5.34
CA ALA A 9 10.68 9.84 -4.74
C ALA A 9 9.87 9.08 -5.78
N LEU A 10 10.04 7.76 -5.80
CA LEU A 10 9.31 6.92 -6.74
C LEU A 10 7.90 6.63 -6.25
N LEU A 11 6.93 6.66 -7.16
CA LEU A 11 5.55 6.39 -6.81
C LEU A 11 5.29 4.89 -6.70
N CYS A 12 4.83 4.46 -5.54
CA CYS A 12 4.54 3.06 -5.31
C CYS A 12 3.30 2.61 -6.08
N TYR A 13 3.32 1.36 -6.55
CA TYR A 13 2.21 0.82 -7.31
C TYR A 13 1.72 -0.49 -6.71
N ASN A 14 1.72 -0.56 -5.38
CA ASN A 14 1.29 -1.76 -4.68
C ASN A 14 -0.04 -1.52 -3.98
N ARG A 15 -1.04 -2.34 -4.31
CA ARG A 15 -2.36 -2.22 -3.73
C ARG A 15 -2.26 -1.99 -2.22
N GLY A 16 -2.80 -0.87 -1.75
CA GLY A 16 -2.76 -0.56 -0.34
C GLY A 16 -1.79 0.57 -0.01
N CYS A 17 -0.90 0.86 -0.95
CA CYS A 17 0.09 1.91 -0.76
C CYS A 17 -0.16 3.06 -1.72
N GLY A 18 0.11 2.84 -3.00
CA GLY A 18 -0.09 3.87 -4.00
C GLY A 18 0.51 5.20 -3.59
N GLN A 19 1.42 5.16 -2.62
CA GLN A 19 2.07 6.37 -2.13
C GLN A 19 3.51 6.46 -2.63
N ARG A 20 4.13 7.61 -2.45
CA ARG A 20 5.50 7.82 -2.88
C ARG A 20 6.49 7.17 -1.91
N PHE A 21 7.76 7.13 -2.31
CA PHE A 21 8.79 6.52 -1.48
C PHE A 21 10.18 6.81 -2.04
N ASP A 22 11.20 6.59 -1.23
CA ASP A 22 12.58 6.82 -1.65
C ASP A 22 13.32 5.51 -1.84
N PRO A 23 13.96 5.35 -3.01
CA PRO A 23 14.71 4.14 -3.35
C PRO A 23 15.98 4.00 -2.53
N GLU A 24 16.71 5.11 -2.38
CA GLU A 24 17.96 5.12 -1.62
C GLU A 24 17.71 4.65 -0.19
N THR A 25 16.45 4.62 0.22
CA THR A 25 16.08 4.20 1.56
C THR A 25 15.17 2.98 1.53
N ASN A 26 14.45 2.82 0.42
CA ASN A 26 13.53 1.69 0.26
C ASN A 26 14.13 0.42 0.88
N SER A 27 13.27 -0.35 1.55
CA SER A 27 13.71 -1.58 2.19
C SER A 27 12.62 -2.65 2.10
N ASP A 28 12.97 -3.88 2.48
CA ASP A 28 12.02 -4.98 2.44
C ASP A 28 10.95 -4.81 3.51
N ASP A 29 11.14 -3.82 4.37
CA ASP A 29 10.18 -3.55 5.44
C ASP A 29 9.84 -2.06 5.51
N ALA A 30 9.79 -1.42 4.34
CA ALA A 30 9.49 0.00 4.28
C ALA A 30 8.18 0.24 3.54
N CYS A 31 7.71 -0.78 2.83
CA CYS A 31 6.46 -0.69 2.08
C CYS A 31 5.42 -1.67 2.62
N THR A 32 4.20 -1.17 2.84
CA THR A 32 3.13 -2.00 3.35
C THR A 32 1.96 -2.05 2.37
N TYR A 33 1.89 -3.14 1.61
CA TYR A 33 0.82 -3.31 0.62
C TYR A 33 0.11 -4.65 0.82
N HIS A 34 -0.82 -4.96 -0.07
CA HIS A 34 -1.57 -6.21 -0.01
C HIS A 34 -1.30 -7.07 -1.23
N PRO A 35 -0.53 -8.16 -1.04
CA PRO A 35 -0.19 -9.08 -2.11
C PRO A 35 -1.40 -9.89 -2.59
N GLY A 36 -2.56 -9.61 -2.02
CA GLY A 36 -3.76 -10.32 -2.39
C GLY A 36 -4.63 -9.52 -3.36
N VAL A 37 -5.94 -9.74 -3.28
CA VAL A 37 -6.87 -9.05 -4.15
C VAL A 37 -8.09 -8.57 -3.37
N PRO A 38 -8.76 -7.52 -3.88
CA PRO A 38 -9.94 -6.94 -3.25
C PRO A 38 -11.15 -7.87 -3.34
N VAL A 39 -11.68 -8.27 -2.19
CA VAL A 39 -12.84 -9.15 -2.15
C VAL A 39 -14.01 -8.50 -1.42
N PHE A 40 -15.22 -8.91 -1.76
CA PHE A 40 -16.41 -8.36 -1.15
C PHE A 40 -17.41 -9.46 -0.82
N HIS A 41 -17.38 -9.92 0.44
CA HIS A 41 -18.28 -10.98 0.89
C HIS A 41 -19.11 -10.51 2.08
N ASP A 42 -20.41 -10.70 1.99
CA ASP A 42 -21.32 -10.31 3.07
C ASP A 42 -21.14 -8.83 3.41
N ALA A 43 -20.99 -8.00 2.39
CA ALA A 43 -20.81 -6.57 2.58
C ALA A 43 -19.47 -6.28 3.23
N LEU A 44 -18.65 -7.31 3.40
CA LEU A 44 -17.33 -7.16 4.00
C LEU A 44 -16.24 -7.07 2.94
N LYS A 45 -15.81 -5.86 2.64
CA LYS A 45 -14.77 -5.64 1.64
C LYS A 45 -13.38 -5.78 2.27
N GLY A 46 -12.63 -6.77 1.80
CA GLY A 46 -11.29 -6.99 2.33
C GLY A 46 -10.33 -7.52 1.28
N TRP A 47 -9.34 -8.28 1.72
CA TRP A 47 -8.36 -8.86 0.81
C TRP A 47 -8.10 -10.32 1.14
N SER A 48 -7.76 -11.10 0.11
CA SER A 48 -7.50 -12.52 0.29
C SER A 48 -6.08 -12.75 0.84
N CYS A 49 -5.45 -11.67 1.28
CA CYS A 49 -4.11 -11.74 1.84
C CYS A 49 -4.14 -11.80 3.36
N CYS A 50 -4.86 -10.86 3.96
CA CYS A 50 -4.98 -10.80 5.42
C CYS A 50 -6.41 -11.09 5.86
N LYS A 51 -6.65 -10.98 7.16
CA LYS A 51 -7.98 -11.23 7.72
C LYS A 51 -8.80 -9.94 7.77
N ARG A 52 -8.11 -8.81 7.88
CA ARG A 52 -8.76 -7.51 7.94
C ARG A 52 -10.01 -7.50 7.07
N ARG A 53 -11.10 -6.98 7.62
CA ARG A 53 -12.37 -6.91 6.89
C ARG A 53 -13.23 -5.76 7.40
N THR A 54 -13.64 -4.88 6.49
CA THR A 54 -14.46 -3.74 6.85
C THR A 54 -15.65 -3.61 5.90
N THR A 55 -16.76 -3.06 6.42
CA THR A 55 -17.97 -2.89 5.64
C THR A 55 -17.99 -1.50 4.98
N ASP A 56 -17.36 -0.53 5.64
CA ASP A 56 -17.32 0.83 5.11
C ASP A 56 -16.39 0.93 3.91
N PHE A 57 -16.99 1.05 2.73
CA PHE A 57 -16.21 1.14 1.49
C PHE A 57 -14.97 2.00 1.70
N SER A 58 -15.05 2.95 2.62
CA SER A 58 -13.93 3.83 2.91
C SER A 58 -12.82 3.09 3.64
N ASP A 59 -13.18 2.43 4.73
CA ASP A 59 -12.21 1.68 5.53
C ASP A 59 -11.46 0.67 4.66
N PHE A 60 -12.19 0.00 3.77
CA PHE A 60 -11.60 -0.98 2.88
C PHE A 60 -10.39 -0.40 2.16
N LEU A 61 -10.48 0.87 1.78
CA LEU A 61 -9.39 1.55 1.07
C LEU A 61 -8.33 2.02 2.05
N SER A 62 -8.67 2.02 3.34
CA SER A 62 -7.74 2.46 4.38
C SER A 62 -6.95 1.27 4.93
N ILE A 63 -7.57 0.10 4.94
CA ILE A 63 -6.92 -1.11 5.43
C ILE A 63 -5.43 -1.10 5.12
N VAL A 64 -4.62 -0.77 6.12
CA VAL A 64 -3.17 -0.73 5.96
C VAL A 64 -2.64 -2.08 5.49
N GLY A 65 -1.67 -2.04 4.58
CA GLY A 65 -1.09 -3.26 4.06
C GLY A 65 -0.72 -4.24 5.16
N CYS A 66 -0.87 -5.53 4.86
CA CYS A 66 -0.56 -6.57 5.83
C CYS A 66 0.82 -7.17 5.57
N THR A 67 1.33 -6.95 4.37
CA THR A 67 2.64 -7.47 3.99
C THR A 67 3.70 -6.35 3.99
N LYS A 68 4.96 -6.75 3.98
CA LYS A 68 6.05 -5.79 3.96
C LYS A 68 7.02 -6.07 2.81
N GLY A 69 7.56 -5.01 2.23
CA GLY A 69 8.49 -5.16 1.13
C GLY A 69 9.00 -3.84 0.60
N ARG A 70 9.40 -3.81 -0.66
CA ARG A 70 9.91 -2.59 -1.28
C ARG A 70 8.88 -1.98 -2.22
N HIS A 71 8.57 -0.71 -2.01
CA HIS A 71 7.59 -0.01 -2.83
C HIS A 71 7.82 -0.32 -4.32
N ASN A 72 6.73 -0.60 -5.03
CA ASN A 72 6.81 -0.92 -6.44
C ASN A 72 6.67 0.35 -7.29
N SER A 73 7.77 0.76 -7.90
CA SER A 73 7.77 1.96 -8.73
C SER A 73 7.26 1.65 -10.13
N GLU A 74 6.77 0.42 -10.32
CA GLU A 74 6.25 -0.01 -11.61
C GLU A 74 4.91 -0.72 -11.45
N LYS A 75 3.91 -0.26 -12.19
CA LYS A 75 2.58 -0.84 -12.14
C LYS A 75 2.65 -2.36 -12.24
ZN ZN B . 4.75 1.30 -0.95
ZN ZN C . -3.72 -7.62 3.33
N GLY A 1 23.07 23.82 -8.29
CA GLY A 1 22.11 23.71 -7.21
C GLY A 1 21.04 22.67 -7.48
N SER A 2 20.74 21.87 -6.46
CA SER A 2 19.73 20.82 -6.60
C SER A 2 18.58 21.03 -5.61
N SER A 3 18.76 22.01 -4.72
CA SER A 3 17.74 22.31 -3.72
C SER A 3 16.38 22.55 -4.38
N GLY A 4 15.34 22.05 -3.73
CA GLY A 4 14.00 22.22 -4.27
C GLY A 4 13.14 20.97 -4.10
N SER A 5 13.34 19.99 -4.98
CA SER A 5 12.59 18.75 -4.93
C SER A 5 13.52 17.55 -4.91
N SER A 6 13.08 16.48 -4.26
CA SER A 6 13.88 15.26 -4.16
C SER A 6 14.22 14.71 -5.54
N GLY A 7 13.19 14.40 -6.32
CA GLY A 7 13.40 13.88 -7.65
C GLY A 7 13.68 12.39 -7.65
N MET A 8 13.65 11.78 -6.47
CA MET A 8 13.90 10.35 -6.33
C MET A 8 12.72 9.64 -5.69
N ALA A 9 11.56 10.32 -5.66
CA ALA A 9 10.36 9.75 -5.07
C ALA A 9 9.58 8.95 -6.10
N LEU A 10 9.79 7.64 -6.11
CA LEU A 10 9.12 6.75 -7.04
C LEU A 10 7.70 6.44 -6.57
N LEU A 11 6.76 6.42 -7.51
CA LEU A 11 5.37 6.14 -7.19
C LEU A 11 5.13 4.63 -7.03
N CYS A 12 4.62 4.24 -5.87
CA CYS A 12 4.35 2.83 -5.59
C CYS A 12 3.05 2.39 -6.25
N TYR A 13 3.06 1.20 -6.83
CA TYR A 13 1.88 0.65 -7.50
C TYR A 13 1.43 -0.65 -6.84
N ASN A 14 1.59 -0.72 -5.53
CA ASN A 14 1.21 -1.92 -4.77
C ASN A 14 -0.18 -1.74 -4.17
N ARG A 15 -0.83 -2.86 -3.87
CA ARG A 15 -2.17 -2.84 -3.28
C ARG A 15 -2.12 -2.32 -1.85
N GLY A 16 -2.75 -1.17 -1.61
CA GLY A 16 -2.76 -0.59 -0.28
C GLY A 16 -1.84 0.61 -0.16
N CYS A 17 -0.75 0.59 -0.93
CA CYS A 17 0.22 1.67 -0.89
C CYS A 17 -0.15 2.76 -1.90
N GLY A 18 0.04 2.45 -3.19
CA GLY A 18 -0.28 3.41 -4.23
C GLY A 18 0.25 4.79 -3.93
N GLN A 19 1.22 4.87 -3.03
CA GLN A 19 1.82 6.15 -2.64
C GLN A 19 3.28 6.22 -3.08
N ARG A 20 3.87 7.40 -2.96
CA ARG A 20 5.27 7.60 -3.34
C ARG A 20 6.20 6.98 -2.31
N PHE A 21 7.50 7.01 -2.60
CA PHE A 21 8.50 6.45 -1.71
C PHE A 21 9.91 6.77 -2.19
N ASP A 22 10.89 6.57 -1.32
CA ASP A 22 12.28 6.84 -1.65
C ASP A 22 13.09 5.54 -1.73
N PRO A 23 13.70 5.30 -2.90
CA PRO A 23 14.51 4.11 -3.13
C PRO A 23 15.81 4.11 -2.33
N GLU A 24 16.43 5.29 -2.24
CA GLU A 24 17.68 5.43 -1.50
C GLU A 24 17.56 4.83 -0.10
N THR A 25 16.32 4.64 0.34
CA THR A 25 16.07 4.08 1.67
C THR A 25 15.13 2.87 1.59
N ASN A 26 14.30 2.85 0.55
CA ASN A 26 13.35 1.76 0.35
C ASN A 26 13.98 0.42 0.70
N SER A 27 13.29 -0.37 1.52
CA SER A 27 13.78 -1.67 1.94
C SER A 27 12.68 -2.72 1.86
N ASP A 28 12.96 -3.90 2.40
CA ASP A 28 11.99 -4.99 2.40
C ASP A 28 11.00 -4.83 3.55
N ASP A 29 11.18 -3.78 4.34
CA ASP A 29 10.30 -3.51 5.47
C ASP A 29 9.93 -2.03 5.54
N ALA A 30 9.80 -1.41 4.38
CA ALA A 30 9.45 0.00 4.31
C ALA A 30 8.17 0.22 3.52
N CYS A 31 7.73 -0.82 2.83
CA CYS A 31 6.50 -0.75 2.03
C CYS A 31 5.45 -1.72 2.56
N THR A 32 4.28 -1.18 2.88
CA THR A 32 3.19 -2.00 3.40
C THR A 32 2.06 -2.11 2.39
N TYR A 33 2.01 -3.24 1.68
CA TYR A 33 0.98 -3.47 0.68
C TYR A 33 0.28 -4.80 0.92
N HIS A 34 -0.62 -5.15 0.00
CA HIS A 34 -1.37 -6.41 0.11
C HIS A 34 -1.09 -7.31 -1.09
N PRO A 35 -0.43 -8.44 -0.84
CA PRO A 35 -0.09 -9.41 -1.89
C PRO A 35 -1.32 -10.13 -2.43
N GLY A 36 -2.49 -9.74 -1.93
CA GLY A 36 -3.72 -10.37 -2.37
C GLY A 36 -4.54 -9.46 -3.28
N VAL A 37 -5.86 -9.61 -3.24
CA VAL A 37 -6.75 -8.80 -4.05
C VAL A 37 -7.96 -8.34 -3.25
N PRO A 38 -8.56 -7.21 -3.68
CA PRO A 38 -9.73 -6.64 -3.01
C PRO A 38 -10.98 -7.50 -3.20
N VAL A 39 -11.40 -8.18 -2.14
CA VAL A 39 -12.58 -9.03 -2.19
C VAL A 39 -13.76 -8.36 -1.50
N PHE A 40 -14.97 -8.74 -1.92
CA PHE A 40 -16.19 -8.18 -1.34
C PHE A 40 -17.22 -9.27 -1.08
N HIS A 41 -17.25 -9.76 0.16
CA HIS A 41 -18.19 -10.81 0.54
C HIS A 41 -19.06 -10.37 1.71
N ASP A 42 -20.36 -10.55 1.57
CA ASP A 42 -21.31 -10.16 2.62
C ASP A 42 -21.11 -8.70 3.02
N ALA A 43 -20.90 -7.85 2.02
CA ALA A 43 -20.69 -6.43 2.27
C ALA A 43 -19.38 -6.17 3.00
N LEU A 44 -18.57 -7.22 3.13
CA LEU A 44 -17.29 -7.12 3.82
C LEU A 44 -16.15 -7.02 2.82
N LYS A 45 -15.73 -5.79 2.51
CA LYS A 45 -14.64 -5.55 1.57
C LYS A 45 -13.29 -5.74 2.25
N GLY A 46 -12.52 -6.72 1.78
CA GLY A 46 -11.21 -6.97 2.36
C GLY A 46 -10.23 -7.50 1.33
N TRP A 47 -9.27 -8.31 1.79
CA TRP A 47 -8.26 -8.87 0.91
C TRP A 47 -8.05 -10.35 1.21
N SER A 48 -7.75 -11.13 0.17
CA SER A 48 -7.54 -12.56 0.31
C SER A 48 -6.14 -12.85 0.87
N CYS A 49 -5.46 -11.78 1.31
CA CYS A 49 -4.12 -11.92 1.87
C CYS A 49 -4.18 -11.97 3.40
N CYS A 50 -4.92 -11.03 3.99
CA CYS A 50 -5.05 -10.96 5.44
C CYS A 50 -6.48 -11.28 5.87
N LYS A 51 -6.72 -11.22 7.17
CA LYS A 51 -8.04 -11.51 7.72
C LYS A 51 -8.85 -10.22 7.89
N ARG A 52 -8.16 -9.08 7.83
CA ARG A 52 -8.80 -7.79 7.97
C ARG A 52 -10.03 -7.68 7.07
N ARG A 53 -11.14 -7.22 7.63
CA ARG A 53 -12.38 -7.09 6.88
C ARG A 53 -13.21 -5.92 7.41
N THR A 54 -13.74 -5.11 6.50
CA THR A 54 -14.56 -3.97 6.88
C THR A 54 -15.74 -3.78 5.92
N THR A 55 -16.79 -3.15 6.42
CA THR A 55 -17.98 -2.92 5.61
C THR A 55 -18.00 -1.48 5.06
N ASP A 56 -17.32 -0.59 5.75
CA ASP A 56 -17.24 0.81 5.34
C ASP A 56 -16.31 0.98 4.15
N PHE A 57 -16.88 1.11 2.96
CA PHE A 57 -16.10 1.28 1.74
C PHE A 57 -14.87 2.15 2.00
N SER A 58 -15.05 3.20 2.79
CA SER A 58 -13.97 4.11 3.12
C SER A 58 -12.89 3.41 3.93
N ASP A 59 -13.31 2.70 4.97
CA ASP A 59 -12.38 1.98 5.82
C ASP A 59 -11.61 0.93 5.03
N PHE A 60 -12.31 0.26 4.11
CA PHE A 60 -11.69 -0.77 3.29
C PHE A 60 -10.44 -0.25 2.60
N LEU A 61 -10.53 0.97 2.06
CA LEU A 61 -9.40 1.59 1.37
C LEU A 61 -8.34 2.02 2.37
N SER A 62 -8.68 1.99 3.65
CA SER A 62 -7.75 2.38 4.70
C SER A 62 -6.93 1.18 5.17
N ILE A 63 -7.53 -0.01 5.12
CA ILE A 63 -6.86 -1.22 5.53
C ILE A 63 -5.37 -1.17 5.21
N VAL A 64 -4.56 -0.88 6.23
CA VAL A 64 -3.12 -0.80 6.05
C VAL A 64 -2.54 -2.14 5.59
N GLY A 65 -1.62 -2.08 4.64
CA GLY A 65 -1.01 -3.29 4.13
C GLY A 65 -0.66 -4.27 5.23
N CYS A 66 -0.82 -5.56 4.95
CA CYS A 66 -0.53 -6.60 5.92
C CYS A 66 0.84 -7.22 5.65
N THR A 67 1.40 -6.92 4.48
CA THR A 67 2.71 -7.44 4.11
C THR A 67 3.75 -6.33 4.06
N LYS A 68 5.03 -6.72 4.10
CA LYS A 68 6.12 -5.75 4.04
C LYS A 68 7.06 -6.06 2.89
N GLY A 69 7.64 -5.01 2.31
CA GLY A 69 8.56 -5.18 1.20
C GLY A 69 9.05 -3.87 0.64
N ARG A 70 9.40 -3.86 -0.64
CA ARG A 70 9.89 -2.65 -1.30
C ARG A 70 8.85 -2.09 -2.25
N HIS A 71 8.59 -0.79 -2.13
CA HIS A 71 7.61 -0.13 -2.99
C HIS A 71 7.81 -0.51 -4.46
N ASN A 72 6.72 -0.80 -5.14
CA ASN A 72 6.78 -1.18 -6.55
C ASN A 72 6.64 0.05 -7.46
N SER A 73 7.74 0.43 -8.10
CA SER A 73 7.73 1.59 -9.00
C SER A 73 7.18 1.21 -10.36
N GLU A 74 6.70 -0.02 -10.49
CA GLU A 74 6.13 -0.50 -11.74
C GLU A 74 4.62 -0.59 -11.66
N LYS A 75 3.94 0.02 -12.63
CA LYS A 75 2.48 0.01 -12.67
C LYS A 75 1.95 -1.42 -12.72
ZN ZN B . 4.86 0.99 -1.33
ZN ZN C . -3.66 -7.86 3.35
N GLY A 1 20.27 29.34 5.04
CA GLY A 1 19.34 28.44 4.38
C GLY A 1 19.73 28.15 2.94
N SER A 2 19.32 26.98 2.46
CA SER A 2 19.64 26.58 1.09
C SER A 2 18.39 26.10 0.36
N SER A 3 18.56 25.73 -0.90
CA SER A 3 17.45 25.26 -1.72
C SER A 3 17.93 24.32 -2.82
N GLY A 4 17.06 23.39 -3.22
CA GLY A 4 17.43 22.44 -4.25
C GLY A 4 16.22 21.80 -4.90
N SER A 5 16.45 20.91 -5.85
CA SER A 5 15.37 20.23 -6.56
C SER A 5 15.64 18.73 -6.63
N SER A 6 14.64 17.95 -6.24
CA SER A 6 14.76 16.49 -6.26
C SER A 6 13.46 15.85 -6.74
N GLY A 7 13.54 14.56 -7.07
CA GLY A 7 12.36 13.85 -7.55
C GLY A 7 12.58 12.34 -7.60
N MET A 8 13.47 11.85 -6.75
CA MET A 8 13.76 10.42 -6.70
C MET A 8 12.64 9.65 -5.99
N ALA A 9 11.56 10.36 -5.68
CA ALA A 9 10.43 9.75 -5.00
C ALA A 9 9.57 8.95 -5.97
N LEU A 10 9.75 7.64 -5.97
CA LEU A 10 9.00 6.76 -6.87
C LEU A 10 7.59 6.51 -6.32
N LEU A 11 6.62 6.45 -7.22
CA LEU A 11 5.23 6.22 -6.84
C LEU A 11 4.95 4.72 -6.71
N CYS A 12 4.49 4.31 -5.54
CA CYS A 12 4.18 2.91 -5.28
C CYS A 12 2.83 2.54 -5.90
N TYR A 13 2.83 1.47 -6.70
CA TYR A 13 1.62 1.01 -7.35
C TYR A 13 1.05 -0.22 -6.65
N ASN A 14 1.66 -0.57 -5.52
CA ASN A 14 1.22 -1.74 -4.76
C ASN A 14 -0.09 -1.45 -4.03
N ARG A 15 -1.05 -2.36 -4.17
CA ARG A 15 -2.35 -2.21 -3.52
C ARG A 15 -2.20 -1.95 -2.03
N GLY A 16 -2.89 -0.92 -1.53
CA GLY A 16 -2.82 -0.60 -0.13
C GLY A 16 -1.86 0.55 0.15
N CYS A 17 -0.93 0.78 -0.78
CA CYS A 17 0.05 1.85 -0.63
C CYS A 17 -0.32 3.04 -1.51
N GLY A 18 -0.15 2.87 -2.82
CA GLY A 18 -0.46 3.94 -3.75
C GLY A 18 0.19 5.25 -3.36
N GLN A 19 1.18 5.19 -2.49
CA GLN A 19 1.89 6.38 -2.03
C GLN A 19 3.31 6.42 -2.60
N ARG A 20 3.98 7.56 -2.43
CA ARG A 20 5.33 7.73 -2.93
C ARG A 20 6.34 7.11 -1.97
N PHE A 21 7.61 7.10 -2.38
CA PHE A 21 8.67 6.53 -1.55
C PHE A 21 10.04 6.82 -2.16
N ASP A 22 11.09 6.64 -1.36
CA ASP A 22 12.45 6.89 -1.82
C ASP A 22 13.23 5.58 -1.91
N PRO A 23 13.82 5.32 -3.09
CA PRO A 23 14.60 4.10 -3.33
C PRO A 23 15.92 4.10 -2.55
N GLU A 24 16.52 5.27 -2.42
CA GLU A 24 17.79 5.41 -1.72
C GLU A 24 17.66 4.89 -0.28
N THR A 25 16.43 4.68 0.16
CA THR A 25 16.18 4.19 1.51
C THR A 25 15.26 2.96 1.48
N ASN A 26 14.42 2.88 0.46
CA ASN A 26 13.49 1.76 0.32
C ASN A 26 14.12 0.48 0.85
N SER A 27 13.31 -0.33 1.54
CA SER A 27 13.78 -1.59 2.11
C SER A 27 12.71 -2.66 2.00
N ASP A 28 13.02 -3.85 2.51
CA ASP A 28 12.08 -4.97 2.47
C ASP A 28 11.02 -4.82 3.55
N ASP A 29 11.17 -3.81 4.40
CA ASP A 29 10.22 -3.56 5.48
C ASP A 29 9.87 -2.08 5.57
N ALA A 30 9.78 -1.43 4.40
CA ALA A 30 9.44 -0.01 4.34
C ALA A 30 8.14 0.21 3.59
N CYS A 31 7.68 -0.83 2.89
CA CYS A 31 6.43 -0.74 2.13
C CYS A 31 5.40 -1.72 2.66
N THR A 32 4.20 -1.21 2.93
CA THR A 32 3.12 -2.04 3.45
C THR A 32 1.96 -2.12 2.47
N TYR A 33 1.94 -3.18 1.66
CA TYR A 33 0.88 -3.36 0.67
C TYR A 33 0.19 -4.71 0.86
N HIS A 34 -0.73 -5.01 -0.04
CA HIS A 34 -1.47 -6.27 0.03
C HIS A 34 -1.19 -7.13 -1.21
N PRO A 35 -0.43 -8.23 -1.00
CA PRO A 35 -0.08 -9.15 -2.07
C PRO A 35 -1.27 -9.95 -2.58
N GLY A 36 -2.45 -9.65 -2.02
CA GLY A 36 -3.66 -10.36 -2.43
C GLY A 36 -4.52 -9.54 -3.36
N VAL A 37 -5.83 -9.74 -3.28
CA VAL A 37 -6.78 -9.01 -4.12
C VAL A 37 -7.99 -8.55 -3.33
N PRO A 38 -8.65 -7.48 -3.80
CA PRO A 38 -9.83 -6.92 -3.15
C PRO A 38 -11.04 -7.84 -3.26
N VAL A 39 -11.55 -8.29 -2.11
CA VAL A 39 -12.70 -9.17 -2.09
C VAL A 39 -13.89 -8.50 -1.42
N PHE A 40 -15.10 -8.91 -1.80
CA PHE A 40 -16.31 -8.34 -1.23
C PHE A 40 -17.33 -9.43 -0.92
N HIS A 41 -17.34 -9.89 0.33
CA HIS A 41 -18.26 -10.93 0.76
C HIS A 41 -19.13 -10.45 1.92
N ASP A 42 -20.44 -10.64 1.80
CA ASP A 42 -21.37 -10.24 2.83
C ASP A 42 -21.22 -8.75 3.14
N ALA A 43 -20.99 -7.95 2.11
CA ALA A 43 -20.82 -6.51 2.28
C ALA A 43 -19.52 -6.20 3.00
N LEU A 44 -18.69 -7.22 3.18
CA LEU A 44 -17.41 -7.05 3.85
C LEU A 44 -16.26 -6.99 2.84
N LYS A 45 -15.80 -5.77 2.54
CA LYS A 45 -14.71 -5.58 1.60
C LYS A 45 -13.36 -5.79 2.27
N GLY A 46 -12.60 -6.75 1.77
CA GLY A 46 -11.29 -7.03 2.33
C GLY A 46 -10.31 -7.54 1.30
N TRP A 47 -9.39 -8.39 1.74
CA TRP A 47 -8.38 -8.95 0.85
C TRP A 47 -8.12 -10.42 1.19
N SER A 48 -7.77 -11.21 0.17
CA SER A 48 -7.50 -12.62 0.35
C SER A 48 -6.10 -12.84 0.91
N CYS A 49 -5.46 -11.75 1.33
CA CYS A 49 -4.12 -11.82 1.90
C CYS A 49 -4.17 -11.82 3.42
N CYS A 50 -5.00 -10.96 3.99
CA CYS A 50 -5.14 -10.86 5.43
C CYS A 50 -6.57 -11.15 5.87
N LYS A 51 -6.81 -11.09 7.18
CA LYS A 51 -8.15 -11.33 7.72
C LYS A 51 -8.94 -10.03 7.84
N ARG A 52 -8.22 -8.91 7.81
CA ARG A 52 -8.86 -7.60 7.91
C ARG A 52 -10.08 -7.52 7.00
N ARG A 53 -11.22 -7.17 7.58
CA ARG A 53 -12.46 -7.05 6.82
C ARG A 53 -13.29 -5.88 7.32
N THR A 54 -13.70 -5.01 6.40
CA THR A 54 -14.50 -3.84 6.75
C THR A 54 -15.65 -3.66 5.76
N THR A 55 -16.73 -3.05 6.25
CA THR A 55 -17.90 -2.81 5.40
C THR A 55 -17.90 -1.39 4.86
N ASP A 56 -17.20 -0.50 5.55
CA ASP A 56 -17.12 0.90 5.14
C ASP A 56 -16.14 1.07 3.98
N PHE A 57 -16.66 1.27 2.78
CA PHE A 57 -15.82 1.44 1.60
C PHE A 57 -14.60 2.30 1.92
N SER A 58 -14.79 3.31 2.76
CA SER A 58 -13.71 4.20 3.14
C SER A 58 -12.65 3.44 3.96
N ASP A 59 -13.10 2.56 4.83
CA ASP A 59 -12.20 1.77 5.66
C ASP A 59 -11.46 0.73 4.82
N PHE A 60 -12.18 0.10 3.90
CA PHE A 60 -11.59 -0.91 3.04
C PHE A 60 -10.34 -0.39 2.35
N LEU A 61 -10.41 0.85 1.86
CA LEU A 61 -9.28 1.47 1.18
C LEU A 61 -8.22 1.91 2.17
N SER A 62 -8.58 1.91 3.46
CA SER A 62 -7.64 2.31 4.51
C SER A 62 -6.88 1.10 5.04
N ILE A 63 -7.49 -0.07 4.95
CA ILE A 63 -6.86 -1.30 5.42
C ILE A 63 -5.37 -1.28 5.17
N VAL A 64 -4.59 -1.01 6.21
CA VAL A 64 -3.13 -0.97 6.10
C VAL A 64 -2.59 -2.30 5.60
N GLY A 65 -1.62 -2.23 4.69
CA GLY A 65 -1.03 -3.43 4.14
C GLY A 65 -0.66 -4.44 5.22
N CYS A 66 -0.84 -5.71 4.92
CA CYS A 66 -0.52 -6.77 5.87
C CYS A 66 0.85 -7.38 5.59
N THR A 67 1.41 -7.02 4.44
CA THR A 67 2.72 -7.52 4.05
C THR A 67 3.77 -6.41 4.05
N LYS A 68 5.04 -6.79 4.02
CA LYS A 68 6.13 -5.82 4.01
C LYS A 68 7.10 -6.10 2.87
N GLY A 69 7.63 -5.02 2.29
CA GLY A 69 8.57 -5.17 1.18
C GLY A 69 9.05 -3.84 0.65
N ARG A 70 9.45 -3.82 -0.62
CA ARG A 70 9.94 -2.59 -1.24
C ARG A 70 8.88 -2.01 -2.17
N HIS A 71 8.56 -0.73 -1.98
CA HIS A 71 7.57 -0.06 -2.81
C HIS A 71 7.80 -0.35 -4.29
N ASN A 72 6.72 -0.65 -4.99
CA ASN A 72 6.80 -0.96 -6.42
C ASN A 72 6.63 0.31 -7.25
N SER A 73 7.70 0.75 -7.89
CA SER A 73 7.66 1.95 -8.72
C SER A 73 7.12 1.63 -10.11
N GLU A 74 6.44 0.49 -10.23
CA GLU A 74 5.87 0.08 -11.51
C GLU A 74 4.51 -0.59 -11.30
N LYS A 75 3.51 -0.11 -12.04
CA LYS A 75 2.17 -0.66 -11.94
C LYS A 75 1.96 -1.79 -12.96
ZN ZN B . 4.68 1.03 -0.98
ZN ZN C . -3.66 -7.74 3.30
N GLY A 1 8.69 29.53 -3.96
CA GLY A 1 7.72 28.91 -3.07
C GLY A 1 6.83 27.91 -3.78
N SER A 2 7.43 27.11 -4.66
CA SER A 2 6.69 26.11 -5.42
C SER A 2 7.02 24.71 -4.93
N SER A 3 6.16 23.75 -5.26
CA SER A 3 6.36 22.37 -4.85
C SER A 3 7.35 21.67 -5.78
N GLY A 4 8.30 20.94 -5.19
CA GLY A 4 9.29 20.24 -5.99
C GLY A 4 10.67 20.32 -5.39
N SER A 5 10.88 19.64 -4.27
CA SER A 5 12.17 19.65 -3.60
C SER A 5 12.92 18.35 -3.85
N SER A 6 12.23 17.22 -3.69
CA SER A 6 12.84 15.91 -3.91
C SER A 6 12.34 15.29 -5.21
N GLY A 7 13.28 14.96 -6.09
CA GLY A 7 12.92 14.37 -7.38
C GLY A 7 13.31 12.91 -7.46
N MET A 8 13.30 12.23 -6.31
CA MET A 8 13.65 10.81 -6.27
C MET A 8 12.54 9.99 -5.62
N ALA A 9 11.42 10.65 -5.34
CA ALA A 9 10.29 9.98 -4.71
C ALA A 9 9.49 9.18 -5.74
N LEU A 10 9.69 7.87 -5.75
CA LEU A 10 8.99 6.99 -6.67
C LEU A 10 7.59 6.65 -6.16
N LEU A 11 6.62 6.70 -7.05
CA LEU A 11 5.24 6.40 -6.69
C LEU A 11 5.00 4.89 -6.64
N CYS A 12 4.44 4.43 -5.53
CA CYS A 12 4.16 3.00 -5.34
C CYS A 12 2.81 2.63 -5.96
N TYR A 13 2.78 1.49 -6.65
CA TYR A 13 1.56 1.02 -7.29
C TYR A 13 1.05 -0.26 -6.62
N ASN A 14 1.63 -0.59 -5.47
CA ASN A 14 1.24 -1.79 -4.73
C ASN A 14 -0.08 -1.56 -3.99
N ARG A 15 -1.04 -2.44 -4.25
CA ARG A 15 -2.35 -2.34 -3.60
C ARG A 15 -2.21 -2.07 -2.11
N GLY A 16 -2.89 -1.04 -1.62
CA GLY A 16 -2.82 -0.69 -0.21
C GLY A 16 -1.86 0.44 0.05
N CYS A 17 -0.91 0.65 -0.86
CA CYS A 17 0.07 1.71 -0.72
C CYS A 17 -0.31 2.93 -1.57
N GLY A 18 -0.19 2.78 -2.88
CA GLY A 18 -0.52 3.87 -3.78
C GLY A 18 0.09 5.20 -3.34
N GLN A 19 1.11 5.12 -2.50
CA GLN A 19 1.78 6.32 -1.99
C GLN A 19 3.20 6.40 -2.52
N ARG A 20 3.84 7.54 -2.28
CA ARG A 20 5.22 7.76 -2.73
C ARG A 20 6.21 7.09 -1.79
N PHE A 21 7.48 7.10 -2.18
CA PHE A 21 8.53 6.48 -1.37
C PHE A 21 9.92 6.81 -1.93
N ASP A 22 10.94 6.59 -1.11
CA ASP A 22 12.32 6.86 -1.54
C ASP A 22 13.06 5.56 -1.80
N PRO A 23 13.68 5.46 -2.99
CA PRO A 23 14.45 4.27 -3.39
C PRO A 23 15.73 4.11 -2.60
N GLU A 24 16.45 5.22 -2.42
CA GLU A 24 17.70 5.20 -1.67
C GLU A 24 17.47 4.77 -0.23
N THR A 25 16.21 4.71 0.18
CA THR A 25 15.85 4.31 1.53
C THR A 25 14.95 3.09 1.53
N ASN A 26 14.25 2.87 0.42
CA ASN A 26 13.36 1.73 0.27
C ASN A 26 13.98 0.48 0.88
N SER A 27 13.15 -0.31 1.57
CA SER A 27 13.62 -1.54 2.19
C SER A 27 12.56 -2.63 2.13
N ASP A 28 12.97 -3.87 2.35
CA ASP A 28 12.05 -5.01 2.32
C ASP A 28 11.01 -4.89 3.42
N ASP A 29 11.20 -3.90 4.30
CA ASP A 29 10.27 -3.68 5.41
C ASP A 29 9.91 -2.20 5.52
N ALA A 30 9.73 -1.55 4.37
CA ALA A 30 9.38 -0.13 4.35
C ALA A 30 8.09 0.10 3.57
N CYS A 31 7.64 -0.93 2.86
CA CYS A 31 6.42 -0.85 2.07
C CYS A 31 5.37 -1.82 2.58
N THR A 32 4.21 -1.30 2.95
CA THR A 32 3.12 -2.13 3.46
C THR A 32 1.96 -2.18 2.47
N TYR A 33 1.92 -3.23 1.66
CA TYR A 33 0.86 -3.39 0.67
C TYR A 33 0.15 -4.73 0.84
N HIS A 34 -0.77 -5.03 -0.07
CA HIS A 34 -1.52 -6.28 -0.03
C HIS A 34 -1.24 -7.13 -1.26
N PRO A 35 -0.45 -8.19 -1.08
CA PRO A 35 -0.09 -9.10 -2.17
C PRO A 35 -1.27 -9.94 -2.64
N GLY A 36 -2.44 -9.69 -2.06
CA GLY A 36 -3.64 -10.42 -2.44
C GLY A 36 -4.52 -9.64 -3.39
N VAL A 37 -5.83 -9.84 -3.28
CA VAL A 37 -6.79 -9.15 -4.14
C VAL A 37 -7.99 -8.66 -3.34
N PRO A 38 -8.66 -7.63 -3.85
CA PRO A 38 -9.83 -7.04 -3.20
C PRO A 38 -11.04 -7.96 -3.26
N VAL A 39 -11.58 -8.31 -2.09
CA VAL A 39 -12.74 -9.19 -2.01
C VAL A 39 -13.91 -8.49 -1.33
N PHE A 40 -15.12 -8.90 -1.69
CA PHE A 40 -16.33 -8.31 -1.12
C PHE A 40 -17.35 -9.40 -0.77
N HIS A 41 -17.34 -9.81 0.49
CA HIS A 41 -18.27 -10.85 0.96
C HIS A 41 -19.12 -10.33 2.11
N ASP A 42 -20.43 -10.53 2.01
CA ASP A 42 -21.36 -10.09 3.05
C ASP A 42 -21.19 -8.59 3.33
N ALA A 43 -20.96 -7.83 2.26
CA ALA A 43 -20.78 -6.38 2.39
C ALA A 43 -19.44 -6.06 3.05
N LEU A 44 -18.65 -7.08 3.33
CA LEU A 44 -17.36 -6.90 3.96
C LEU A 44 -16.25 -6.88 2.92
N LYS A 45 -15.74 -5.68 2.62
CA LYS A 45 -14.66 -5.53 1.64
C LYS A 45 -13.30 -5.71 2.29
N GLY A 46 -12.55 -6.70 1.80
CA GLY A 46 -11.23 -6.97 2.35
C GLY A 46 -10.27 -7.52 1.31
N TRP A 47 -9.35 -8.36 1.75
CA TRP A 47 -8.36 -8.95 0.84
C TRP A 47 -8.10 -10.41 1.20
N SER A 48 -7.78 -11.21 0.19
CA SER A 48 -7.51 -12.64 0.40
C SER A 48 -6.09 -12.84 0.94
N CYS A 49 -5.46 -11.75 1.36
CA CYS A 49 -4.11 -11.81 1.90
C CYS A 49 -4.12 -11.82 3.42
N CYS A 50 -4.94 -10.95 4.00
CA CYS A 50 -5.07 -10.85 5.45
C CYS A 50 -6.49 -11.14 5.91
N LYS A 51 -6.73 -11.03 7.21
CA LYS A 51 -8.05 -11.28 7.77
C LYS A 51 -8.86 -9.99 7.86
N ARG A 52 -8.15 -8.85 7.86
CA ARG A 52 -8.80 -7.55 7.95
C ARG A 52 -10.04 -7.50 7.06
N ARG A 53 -11.11 -6.94 7.59
CA ARG A 53 -12.37 -6.83 6.85
C ARG A 53 -13.18 -5.63 7.32
N THR A 54 -13.75 -4.90 6.37
CA THR A 54 -14.55 -3.72 6.69
C THR A 54 -15.67 -3.53 5.67
N THR A 55 -16.80 -2.97 6.12
CA THR A 55 -17.94 -2.74 5.25
C THR A 55 -17.86 -1.34 4.62
N ASP A 56 -17.24 -0.41 5.33
CA ASP A 56 -17.10 0.96 4.84
C ASP A 56 -16.08 1.02 3.70
N PHE A 57 -16.56 1.25 2.50
CA PHE A 57 -15.71 1.33 1.32
C PHE A 57 -14.46 2.16 1.63
N SER A 58 -14.63 3.18 2.47
CA SER A 58 -13.53 4.06 2.84
C SER A 58 -12.48 3.30 3.66
N ASP A 59 -12.95 2.41 4.52
CA ASP A 59 -12.05 1.61 5.36
C ASP A 59 -11.28 0.60 4.52
N PHE A 60 -11.97 -0.05 3.59
CA PHE A 60 -11.35 -1.04 2.73
C PHE A 60 -10.12 -0.46 2.02
N LEU A 61 -10.19 0.83 1.71
CA LEU A 61 -9.10 1.52 1.03
C LEU A 61 -8.05 1.98 2.04
N SER A 62 -8.38 1.90 3.32
CA SER A 62 -7.46 2.32 4.38
C SER A 62 -6.71 1.13 4.95
N ILE A 63 -7.35 -0.04 4.91
CA ILE A 63 -6.73 -1.26 5.42
C ILE A 63 -5.22 -1.26 5.19
N VAL A 64 -4.47 -1.02 6.26
CA VAL A 64 -3.01 -1.00 6.17
C VAL A 64 -2.47 -2.33 5.68
N GLY A 65 -1.60 -2.28 4.67
CA GLY A 65 -1.02 -3.49 4.12
C GLY A 65 -0.64 -4.49 5.19
N CYS A 66 -0.82 -5.78 4.90
CA CYS A 66 -0.49 -6.83 5.85
C CYS A 66 0.87 -7.44 5.54
N THR A 67 1.43 -7.08 4.39
CA THR A 67 2.74 -7.58 3.98
C THR A 67 3.78 -6.47 3.98
N LYS A 68 5.05 -6.86 3.95
CA LYS A 68 6.15 -5.90 3.94
C LYS A 68 7.10 -6.16 2.78
N GLY A 69 7.62 -5.09 2.20
CA GLY A 69 8.53 -5.23 1.08
C GLY A 69 9.04 -3.89 0.57
N ARG A 70 9.38 -3.83 -0.71
CA ARG A 70 9.88 -2.61 -1.32
C ARG A 70 8.84 -2.01 -2.27
N HIS A 71 8.51 -0.74 -2.05
CA HIS A 71 7.53 -0.05 -2.88
C HIS A 71 7.76 -0.35 -4.36
N ASN A 72 6.69 -0.69 -5.06
CA ASN A 72 6.78 -0.99 -6.49
C ASN A 72 6.60 0.26 -7.33
N SER A 73 7.70 0.75 -7.89
CA SER A 73 7.66 1.95 -8.72
C SER A 73 7.11 1.63 -10.11
N GLU A 74 6.68 0.40 -10.31
CA GLU A 74 6.13 -0.04 -11.59
C GLU A 74 4.78 -0.72 -11.39
N LYS A 75 3.78 -0.23 -12.10
CA LYS A 75 2.43 -0.80 -12.02
C LYS A 75 2.48 -2.32 -12.10
ZN ZN B . 4.69 0.88 -1.18
ZN ZN C . -3.62 -7.72 3.31
N GLY A 1 17.92 17.14 6.86
CA GLY A 1 17.68 17.69 5.55
C GLY A 1 16.20 17.73 5.20
N SER A 2 15.55 18.84 5.52
CA SER A 2 14.13 19.01 5.24
C SER A 2 13.84 18.88 3.75
N SER A 3 12.92 17.99 3.40
CA SER A 3 12.56 17.77 2.01
C SER A 3 12.14 19.08 1.33
N GLY A 4 12.06 19.06 0.01
CA GLY A 4 11.67 20.24 -0.73
C GLY A 4 11.78 20.05 -2.23
N SER A 5 12.98 19.73 -2.70
CA SER A 5 13.22 19.53 -4.13
C SER A 5 13.75 18.12 -4.39
N SER A 6 13.27 17.15 -3.60
CA SER A 6 13.70 15.77 -3.75
C SER A 6 12.98 15.10 -4.92
N GLY A 7 13.70 14.96 -6.04
CA GLY A 7 13.11 14.34 -7.21
C GLY A 7 13.45 12.87 -7.32
N MET A 8 13.53 12.19 -6.18
CA MET A 8 13.85 10.77 -6.16
C MET A 8 12.71 9.96 -5.53
N ALA A 9 11.60 10.64 -5.25
CA ALA A 9 10.44 9.99 -4.65
C ALA A 9 9.63 9.24 -5.69
N LEU A 10 9.79 7.92 -5.73
CA LEU A 10 9.07 7.08 -6.68
C LEU A 10 7.68 6.75 -6.17
N LEU A 11 6.70 6.80 -7.06
CA LEU A 11 5.31 6.51 -6.71
C LEU A 11 5.08 5.01 -6.65
N CYS A 12 4.70 4.52 -5.48
CA CYS A 12 4.43 3.10 -5.28
C CYS A 12 3.19 2.66 -6.06
N TYR A 13 3.22 1.43 -6.57
CA TYR A 13 2.10 0.89 -7.34
C TYR A 13 1.63 -0.43 -6.74
N ASN A 14 1.64 -0.53 -5.42
CA ASN A 14 1.22 -1.74 -4.74
C ASN A 14 -0.12 -1.53 -4.04
N ARG A 15 -1.09 -2.38 -4.35
CA ARG A 15 -2.42 -2.28 -3.76
C ARG A 15 -2.33 -2.07 -2.26
N GLY A 16 -2.87 -0.94 -1.78
CA GLY A 16 -2.84 -0.63 -0.37
C GLY A 16 -1.87 0.49 -0.04
N CYS A 17 -0.95 0.76 -0.96
CA CYS A 17 0.02 1.83 -0.76
C CYS A 17 -0.26 3.01 -1.68
N GLY A 18 -0.02 2.82 -2.97
CA GLY A 18 -0.26 3.89 -3.93
C GLY A 18 0.33 5.21 -3.49
N GLN A 19 1.27 5.15 -2.55
CA GLN A 19 1.90 6.36 -2.04
C GLN A 19 3.35 6.47 -2.53
N ARG A 20 3.95 7.62 -2.31
CA ARG A 20 5.34 7.85 -2.73
C ARG A 20 6.32 7.20 -1.77
N PHE A 21 7.59 7.18 -2.14
CA PHE A 21 8.63 6.59 -1.31
C PHE A 21 10.01 6.92 -1.84
N ASP A 22 11.04 6.63 -1.05
CA ASP A 22 12.42 6.90 -1.45
C ASP A 22 13.19 5.58 -1.63
N PRO A 23 13.79 5.41 -2.82
CA PRO A 23 14.56 4.21 -3.14
C PRO A 23 15.87 4.14 -2.36
N GLU A 24 16.50 5.29 -2.18
CA GLU A 24 17.77 5.36 -1.45
C GLU A 24 17.64 4.72 -0.08
N THR A 25 16.40 4.54 0.36
CA THR A 25 16.14 3.93 1.67
C THR A 25 15.19 2.75 1.54
N ASN A 26 14.37 2.77 0.50
CA ASN A 26 13.40 1.70 0.27
C ASN A 26 14.01 0.33 0.59
N SER A 27 13.31 -0.44 1.43
CA SER A 27 13.79 -1.76 1.82
C SER A 27 12.67 -2.78 1.74
N ASP A 28 12.93 -3.98 2.26
CA ASP A 28 11.94 -5.04 2.24
C ASP A 28 10.94 -4.89 3.38
N ASP A 29 11.14 -3.85 4.20
CA ASP A 29 10.26 -3.58 5.33
C ASP A 29 9.91 -2.10 5.41
N ALA A 30 9.81 -1.45 4.24
CA ALA A 30 9.48 -0.04 4.18
C ALA A 30 8.17 0.19 3.44
N CYS A 31 7.71 -0.84 2.74
CA CYS A 31 6.46 -0.75 1.99
C CYS A 31 5.42 -1.73 2.53
N THR A 32 4.21 -1.23 2.76
CA THR A 32 3.13 -2.07 3.28
C THR A 32 1.96 -2.12 2.31
N TYR A 33 1.90 -3.19 1.52
CA TYR A 33 0.83 -3.37 0.55
C TYR A 33 0.12 -4.71 0.75
N HIS A 34 -0.81 -5.01 -0.14
CA HIS A 34 -1.57 -6.26 -0.07
C HIS A 34 -1.32 -7.13 -1.30
N PRO A 35 -0.54 -8.20 -1.12
CA PRO A 35 -0.20 -9.13 -2.20
C PRO A 35 -1.41 -9.95 -2.66
N GLY A 36 -2.56 -9.66 -2.08
CA GLY A 36 -3.77 -10.37 -2.44
C GLY A 36 -4.67 -9.57 -3.36
N VAL A 37 -5.98 -9.80 -3.25
CA VAL A 37 -6.94 -9.09 -4.08
C VAL A 37 -8.15 -8.65 -3.27
N PRO A 38 -8.84 -7.60 -3.74
CA PRO A 38 -10.02 -7.05 -3.07
C PRO A 38 -11.22 -7.98 -3.16
N VAL A 39 -11.74 -8.39 -2.00
CA VAL A 39 -12.89 -9.28 -1.95
C VAL A 39 -14.04 -8.65 -1.18
N PHE A 40 -15.24 -8.70 -1.75
CA PHE A 40 -16.42 -8.14 -1.11
C PHE A 40 -17.47 -9.20 -0.87
N HIS A 41 -17.48 -9.77 0.33
CA HIS A 41 -18.45 -10.81 0.68
C HIS A 41 -19.25 -10.40 1.91
N ASP A 42 -20.57 -10.55 1.81
CA ASP A 42 -21.47 -10.20 2.91
C ASP A 42 -21.26 -8.76 3.34
N ALA A 43 -20.97 -7.89 2.37
CA ALA A 43 -20.75 -6.48 2.65
C ALA A 43 -19.39 -6.25 3.28
N LEU A 44 -18.60 -7.31 3.37
CA LEU A 44 -17.26 -7.23 3.95
C LEU A 44 -16.20 -7.12 2.87
N LYS A 45 -15.71 -5.90 2.66
CA LYS A 45 -14.68 -5.65 1.65
C LYS A 45 -13.29 -5.73 2.27
N GLY A 46 -12.49 -6.69 1.81
CA GLY A 46 -11.15 -6.85 2.32
C GLY A 46 -10.21 -7.47 1.31
N TRP A 47 -9.24 -8.25 1.79
CA TRP A 47 -8.28 -8.91 0.92
C TRP A 47 -8.02 -10.34 1.37
N SER A 48 -7.79 -11.23 0.41
CA SER A 48 -7.53 -12.63 0.71
C SER A 48 -6.11 -12.82 1.24
N CYS A 49 -5.42 -11.71 1.46
CA CYS A 49 -4.05 -11.76 1.97
C CYS A 49 -4.03 -11.70 3.49
N CYS A 50 -4.90 -10.88 4.06
CA CYS A 50 -4.98 -10.74 5.51
C CYS A 50 -6.39 -11.05 6.01
N LYS A 51 -6.56 -11.04 7.33
CA LYS A 51 -7.86 -11.32 7.93
C LYS A 51 -8.70 -10.06 8.03
N ARG A 52 -8.04 -8.91 8.01
CA ARG A 52 -8.72 -7.62 8.11
C ARG A 52 -9.94 -7.60 7.20
N ARG A 53 -11.05 -7.09 7.73
CA ARG A 53 -12.30 -7.01 6.96
C ARG A 53 -13.15 -5.84 7.43
N THR A 54 -13.59 -5.01 6.49
CA THR A 54 -14.42 -3.86 6.81
C THR A 54 -15.67 -3.81 5.95
N THR A 55 -16.66 -3.04 6.37
CA THR A 55 -17.91 -2.92 5.64
C THR A 55 -18.05 -1.53 5.01
N ASP A 56 -17.11 -0.65 5.33
CA ASP A 56 -17.12 0.70 4.79
C ASP A 56 -16.15 0.83 3.62
N PHE A 57 -16.68 1.07 2.43
CA PHE A 57 -15.86 1.22 1.23
C PHE A 57 -14.63 2.08 1.52
N SER A 58 -14.84 3.15 2.27
CA SER A 58 -13.74 4.05 2.62
C SER A 58 -12.69 3.35 3.48
N ASP A 59 -13.16 2.42 4.31
CA ASP A 59 -12.26 1.67 5.19
C ASP A 59 -11.45 0.66 4.39
N PHE A 60 -12.09 0.01 3.42
CA PHE A 60 -11.43 -0.99 2.60
C PHE A 60 -10.15 -0.41 1.98
N LEU A 61 -10.19 0.86 1.63
CA LEU A 61 -9.04 1.53 1.04
C LEU A 61 -8.06 2.00 2.11
N SER A 62 -8.50 1.94 3.36
CA SER A 62 -7.67 2.37 4.48
C SER A 62 -6.86 1.20 5.04
N ILE A 63 -7.45 0.01 4.98
CA ILE A 63 -6.78 -1.19 5.47
C ILE A 63 -5.28 -1.14 5.17
N VAL A 64 -4.48 -0.87 6.21
CA VAL A 64 -3.04 -0.80 6.07
C VAL A 64 -2.46 -2.14 5.60
N GLY A 65 -1.64 -2.10 4.56
CA GLY A 65 -1.03 -3.32 4.05
C GLY A 65 -0.65 -4.29 5.15
N CYS A 66 -0.80 -5.57 4.87
CA CYS A 66 -0.47 -6.61 5.85
C CYS A 66 0.91 -7.20 5.57
N THR A 67 1.41 -6.98 4.35
CA THR A 67 2.71 -7.49 3.96
C THR A 67 3.76 -6.38 3.96
N LYS A 68 5.03 -6.77 3.95
CA LYS A 68 6.12 -5.81 3.95
C LYS A 68 7.09 -6.09 2.80
N GLY A 69 7.59 -5.02 2.18
CA GLY A 69 8.52 -5.18 1.08
C GLY A 69 9.00 -3.84 0.54
N ARG A 70 9.39 -3.83 -0.74
CA ARG A 70 9.87 -2.61 -1.36
C ARG A 70 8.80 -2.00 -2.27
N HIS A 71 8.57 -0.70 -2.12
CA HIS A 71 7.58 -0.01 -2.93
C HIS A 71 7.79 -0.27 -4.42
N ASN A 72 6.70 -0.55 -5.13
CA ASN A 72 6.78 -0.84 -6.56
C ASN A 72 6.59 0.44 -7.37
N SER A 73 7.69 0.97 -7.89
CA SER A 73 7.65 2.19 -8.69
C SER A 73 7.01 1.93 -10.05
N GLU A 74 6.66 0.68 -10.30
CA GLU A 74 6.05 0.29 -11.57
C GLU A 74 4.72 -0.43 -11.33
N LYS A 75 3.82 -0.32 -12.30
CA LYS A 75 2.51 -0.95 -12.19
C LYS A 75 2.65 -2.48 -12.18
ZN ZN B . 4.69 1.15 -0.99
ZN ZN C . -3.53 -7.63 3.28
N GLY A 1 12.60 22.69 8.20
CA GLY A 1 13.60 21.89 7.51
C GLY A 1 13.06 20.55 7.06
N SER A 2 11.73 20.47 6.92
CA SER A 2 11.08 19.25 6.48
C SER A 2 11.46 18.90 5.05
N SER A 3 10.92 17.80 4.55
CA SER A 3 11.21 17.35 3.19
C SER A 3 9.91 17.03 2.44
N GLY A 4 9.92 17.27 1.14
CA GLY A 4 8.75 17.00 0.32
C GLY A 4 9.11 16.48 -1.06
N SER A 5 9.40 17.41 -1.97
CA SER A 5 9.76 17.04 -3.34
C SER A 5 11.26 16.90 -3.50
N SER A 6 11.72 15.68 -3.75
CA SER A 6 13.14 15.40 -3.91
C SER A 6 13.44 14.90 -5.32
N GLY A 7 12.39 14.47 -6.02
CA GLY A 7 12.56 13.97 -7.37
C GLY A 7 12.79 12.46 -7.41
N MET A 8 13.54 11.96 -6.45
CA MET A 8 13.84 10.54 -6.38
C MET A 8 12.69 9.78 -5.72
N ALA A 9 11.59 10.48 -5.47
CA ALA A 9 10.42 9.88 -4.85
C ALA A 9 9.61 9.08 -5.86
N LEU A 10 9.81 7.77 -5.87
CA LEU A 10 9.10 6.89 -6.79
C LEU A 10 7.68 6.61 -6.30
N LEU A 11 6.73 6.54 -7.23
CA LEU A 11 5.33 6.28 -6.89
C LEU A 11 5.07 4.78 -6.79
N CYS A 12 4.67 4.33 -5.60
CA CYS A 12 4.38 2.92 -5.37
C CYS A 12 3.09 2.51 -6.08
N TYR A 13 3.12 1.33 -6.70
CA TYR A 13 1.96 0.82 -7.41
C TYR A 13 1.47 -0.48 -6.80
N ASN A 14 1.64 -0.62 -5.49
CA ASN A 14 1.23 -1.82 -4.78
C ASN A 14 -0.10 -1.59 -4.06
N ARG A 15 -1.08 -2.46 -4.34
CA ARG A 15 -2.39 -2.35 -3.72
C ARG A 15 -2.28 -2.09 -2.22
N GLY A 16 -2.86 -0.99 -1.77
CA GLY A 16 -2.81 -0.65 -0.35
C GLY A 16 -1.86 0.50 -0.07
N CYS A 17 -0.88 0.69 -0.95
CA CYS A 17 0.09 1.76 -0.78
C CYS A 17 -0.24 2.94 -1.68
N GLY A 18 -0.05 2.76 -2.98
CA GLY A 18 -0.35 3.82 -3.93
C GLY A 18 0.25 5.15 -3.52
N GLN A 19 1.22 5.11 -2.61
CA GLN A 19 1.88 6.32 -2.14
C GLN A 19 3.32 6.38 -2.61
N ARG A 20 3.90 7.58 -2.57
CA ARG A 20 5.28 7.78 -3.00
C ARG A 20 6.25 7.16 -2.00
N PHE A 21 7.53 7.13 -2.36
CA PHE A 21 8.56 6.57 -1.51
C PHE A 21 9.95 6.89 -2.03
N ASP A 22 10.96 6.69 -1.20
CA ASP A 22 12.34 6.95 -1.59
C ASP A 22 13.14 5.65 -1.67
N PRO A 23 13.78 5.42 -2.84
CA PRO A 23 14.59 4.22 -3.08
C PRO A 23 15.88 4.21 -2.25
N GLU A 24 16.49 5.38 -2.12
CA GLU A 24 17.73 5.51 -1.36
C GLU A 24 17.57 4.93 0.04
N THR A 25 16.32 4.72 0.45
CA THR A 25 16.03 4.18 1.78
C THR A 25 15.12 2.96 1.67
N ASN A 26 14.31 2.92 0.62
CA ASN A 26 13.39 1.80 0.41
C ASN A 26 14.01 0.49 0.86
N SER A 27 13.23 -0.33 1.56
CA SER A 27 13.70 -1.61 2.06
C SER A 27 12.60 -2.68 1.95
N ASP A 28 12.93 -3.89 2.37
CA ASP A 28 11.97 -4.99 2.33
C ASP A 28 10.94 -4.85 3.45
N ASP A 29 11.11 -3.83 4.28
CA ASP A 29 10.19 -3.58 5.39
C ASP A 29 9.83 -2.11 5.48
N ALA A 30 9.69 -1.48 4.32
CA ALA A 30 9.35 -0.06 4.26
C ALA A 30 8.05 0.16 3.49
N CYS A 31 7.61 -0.87 2.76
CA CYS A 31 6.38 -0.79 1.98
C CYS A 31 5.36 -1.81 2.48
N THR A 32 4.19 -1.31 2.87
CA THR A 32 3.13 -2.16 3.38
C THR A 32 1.96 -2.21 2.39
N TYR A 33 1.92 -3.25 1.57
CA TYR A 33 0.86 -3.42 0.59
C TYR A 33 0.15 -4.76 0.77
N HIS A 34 -0.78 -5.06 -0.13
CA HIS A 34 -1.52 -6.31 -0.07
C HIS A 34 -1.26 -7.15 -1.31
N PRO A 35 -0.47 -8.24 -1.14
CA PRO A 35 -0.12 -9.14 -2.23
C PRO A 35 -1.32 -9.97 -2.70
N GLY A 36 -2.48 -9.70 -2.11
CA GLY A 36 -3.68 -10.43 -2.49
C GLY A 36 -4.57 -9.64 -3.43
N VAL A 37 -5.88 -9.85 -3.31
CA VAL A 37 -6.84 -9.14 -4.16
C VAL A 37 -8.03 -8.66 -3.34
N PRO A 38 -8.70 -7.62 -3.84
CA PRO A 38 -9.87 -7.03 -3.18
C PRO A 38 -11.08 -7.95 -3.24
N VAL A 39 -11.60 -8.32 -2.07
CA VAL A 39 -12.76 -9.20 -2.00
C VAL A 39 -13.93 -8.49 -1.31
N PHE A 40 -15.15 -8.90 -1.67
CA PHE A 40 -16.35 -8.31 -1.09
C PHE A 40 -17.37 -9.39 -0.74
N HIS A 41 -17.37 -9.82 0.52
CA HIS A 41 -18.29 -10.85 0.98
C HIS A 41 -19.14 -10.33 2.14
N ASP A 42 -20.45 -10.52 2.04
CA ASP A 42 -21.37 -10.07 3.08
C ASP A 42 -21.19 -8.59 3.37
N ALA A 43 -20.95 -7.82 2.32
CA ALA A 43 -20.76 -6.38 2.46
C ALA A 43 -19.41 -6.06 3.10
N LEU A 44 -18.66 -7.11 3.41
CA LEU A 44 -17.35 -6.95 4.03
C LEU A 44 -16.24 -6.92 2.98
N LYS A 45 -15.74 -5.73 2.70
CA LYS A 45 -14.68 -5.56 1.71
C LYS A 45 -13.30 -5.75 2.34
N GLY A 46 -12.55 -6.73 1.84
CA GLY A 46 -11.23 -7.00 2.38
C GLY A 46 -10.27 -7.54 1.32
N TRP A 47 -9.35 -8.38 1.75
CA TRP A 47 -8.37 -8.97 0.84
C TRP A 47 -8.10 -10.43 1.18
N SER A 48 -7.78 -11.23 0.17
CA SER A 48 -7.50 -12.65 0.38
C SER A 48 -6.09 -12.85 0.90
N CYS A 49 -5.45 -11.76 1.32
CA CYS A 49 -4.10 -11.82 1.86
C CYS A 49 -4.11 -11.83 3.39
N CYS A 50 -4.98 -10.99 3.97
CA CYS A 50 -5.09 -10.90 5.42
C CYS A 50 -6.52 -11.15 5.87
N LYS A 51 -6.74 -11.06 7.18
CA LYS A 51 -8.07 -11.28 7.73
C LYS A 51 -8.86 -9.97 7.79
N ARG A 52 -8.15 -8.86 7.89
CA ARG A 52 -8.79 -7.55 7.95
C ARG A 52 -10.02 -7.51 7.06
N ARG A 53 -11.11 -6.96 7.61
CA ARG A 53 -12.37 -6.88 6.87
C ARG A 53 -13.19 -5.68 7.35
N THR A 54 -13.62 -4.85 6.40
CA THR A 54 -14.42 -3.67 6.74
C THR A 54 -15.56 -3.48 5.74
N THR A 55 -16.65 -2.90 6.21
CA THR A 55 -17.82 -2.66 5.35
C THR A 55 -17.77 -1.26 4.75
N ASP A 56 -17.14 -0.33 5.45
CA ASP A 56 -17.03 1.05 4.98
C ASP A 56 -16.09 1.14 3.79
N PHE A 57 -16.67 1.23 2.60
CA PHE A 57 -15.89 1.32 1.37
C PHE A 57 -14.61 2.13 1.59
N SER A 58 -14.68 3.09 2.50
CA SER A 58 -13.54 3.94 2.81
C SER A 58 -12.49 3.16 3.60
N ASP A 59 -12.91 2.56 4.70
CA ASP A 59 -12.01 1.78 5.54
C ASP A 59 -11.31 0.69 4.74
N PHE A 60 -12.03 0.14 3.75
CA PHE A 60 -11.47 -0.90 2.90
C PHE A 60 -10.23 -0.42 2.16
N LEU A 61 -10.27 0.83 1.72
CA LEU A 61 -9.14 1.42 0.99
C LEU A 61 -8.08 1.91 1.95
N SER A 62 -8.38 1.88 3.25
CA SER A 62 -7.45 2.32 4.28
C SER A 62 -6.69 1.13 4.86
N ILE A 63 -7.35 -0.03 4.88
CA ILE A 63 -6.74 -1.24 5.42
C ILE A 63 -5.23 -1.27 5.16
N VAL A 64 -4.45 -0.99 6.20
CA VAL A 64 -3.00 -0.99 6.08
C VAL A 64 -2.48 -2.33 5.57
N GLY A 65 -1.56 -2.28 4.62
CA GLY A 65 -1.00 -3.50 4.06
C GLY A 65 -0.63 -4.50 5.13
N CYS A 66 -0.80 -5.79 4.82
CA CYS A 66 -0.48 -6.85 5.77
C CYS A 66 0.89 -7.45 5.47
N THR A 67 1.44 -7.11 4.30
CA THR A 67 2.74 -7.61 3.90
C THR A 67 3.78 -6.50 3.92
N LYS A 68 5.06 -6.88 3.92
CA LYS A 68 6.15 -5.92 3.92
C LYS A 68 7.12 -6.17 2.77
N GLY A 69 7.64 -5.10 2.20
CA GLY A 69 8.58 -5.22 1.09
C GLY A 69 9.05 -3.89 0.57
N ARG A 70 9.45 -3.86 -0.70
CA ARG A 70 9.91 -2.62 -1.33
C ARG A 70 8.85 -2.05 -2.27
N HIS A 71 8.58 -0.76 -2.12
CA HIS A 71 7.60 -0.08 -2.96
C HIS A 71 7.80 -0.43 -4.43
N ASN A 72 6.71 -0.74 -5.11
CA ASN A 72 6.77 -1.09 -6.53
C ASN A 72 6.62 0.15 -7.40
N SER A 73 7.72 0.56 -8.02
CA SER A 73 7.70 1.74 -8.89
C SER A 73 7.19 1.39 -10.28
N GLU A 74 6.65 0.19 -10.42
CA GLU A 74 6.12 -0.28 -11.70
C GLU A 74 4.65 -0.64 -11.58
N LYS A 75 3.88 -0.37 -12.63
CA LYS A 75 2.46 -0.66 -12.65
C LYS A 75 2.21 -2.12 -13.04
ZN ZN B . 4.74 1.03 -1.08
ZN ZN C . -3.69 -7.77 3.27
N GLY A 1 14.24 24.60 10.72
CA GLY A 1 13.32 24.17 9.68
C GLY A 1 13.95 24.18 8.31
N SER A 2 14.46 23.02 7.88
CA SER A 2 15.10 22.90 6.58
C SER A 2 14.29 21.99 5.66
N SER A 3 14.50 22.13 4.36
CA SER A 3 13.79 21.32 3.38
C SER A 3 14.35 21.56 1.97
N GLY A 4 14.31 20.52 1.14
CA GLY A 4 14.80 20.64 -0.21
C GLY A 4 13.93 19.92 -1.21
N SER A 5 13.99 20.36 -2.47
CA SER A 5 13.19 19.76 -3.53
C SER A 5 13.78 18.42 -3.97
N SER A 6 13.03 17.35 -3.75
CA SER A 6 13.49 16.01 -4.12
C SER A 6 12.67 15.47 -5.29
N GLY A 7 13.30 14.64 -6.12
CA GLY A 7 12.63 14.06 -7.26
C GLY A 7 12.83 12.57 -7.36
N MET A 8 13.62 12.02 -6.45
CA MET A 8 13.90 10.59 -6.45
C MET A 8 12.75 9.81 -5.81
N ALA A 9 11.65 10.51 -5.52
CA ALA A 9 10.49 9.90 -4.90
C ALA A 9 9.69 9.08 -5.92
N LEU A 10 9.89 7.77 -5.91
CA LEU A 10 9.19 6.88 -6.83
C LEU A 10 7.78 6.58 -6.34
N LEU A 11 6.82 6.59 -7.26
CA LEU A 11 5.43 6.31 -6.91
C LEU A 11 5.19 4.81 -6.77
N CYS A 12 4.73 4.39 -5.60
CA CYS A 12 4.46 2.99 -5.33
C CYS A 12 3.20 2.53 -6.05
N TYR A 13 3.25 1.33 -6.62
CA TYR A 13 2.11 0.78 -7.34
C TYR A 13 1.67 -0.55 -6.73
N ASN A 14 1.68 -0.62 -5.40
CA ASN A 14 1.28 -1.83 -4.70
C ASN A 14 -0.06 -1.64 -4.00
N ARG A 15 -1.04 -2.47 -4.37
CA ARG A 15 -2.37 -2.39 -3.77
C ARG A 15 -2.27 -2.16 -2.27
N GLY A 16 -2.83 -1.03 -1.82
CA GLY A 16 -2.80 -0.71 -0.41
C GLY A 16 -1.83 0.40 -0.09
N CYS A 17 -0.98 0.75 -1.05
CA CYS A 17 0.01 1.81 -0.87
C CYS A 17 -0.25 2.96 -1.84
N GLY A 18 0.02 2.73 -3.12
CA GLY A 18 -0.18 3.76 -4.11
C GLY A 18 0.40 5.09 -3.71
N GLN A 19 1.32 5.06 -2.74
CA GLN A 19 1.96 6.28 -2.25
C GLN A 19 3.40 6.37 -2.74
N ARG A 20 3.99 7.55 -2.59
CA ARG A 20 5.37 7.77 -3.01
C ARG A 20 6.35 7.15 -2.01
N PHE A 21 7.64 7.17 -2.36
CA PHE A 21 8.67 6.62 -1.50
C PHE A 21 10.06 6.94 -2.04
N ASP A 22 11.07 6.75 -1.21
CA ASP A 22 12.45 7.01 -1.60
C ASP A 22 13.26 5.72 -1.67
N PRO A 23 13.87 5.47 -2.83
CA PRO A 23 14.69 4.28 -3.06
C PRO A 23 15.99 4.29 -2.25
N GLU A 24 16.58 5.47 -2.12
CA GLU A 24 17.83 5.62 -1.38
C GLU A 24 17.68 5.06 0.03
N THR A 25 16.44 4.90 0.48
CA THR A 25 16.17 4.37 1.81
C THR A 25 15.26 3.14 1.74
N ASN A 26 14.54 3.01 0.64
CA ASN A 26 13.62 1.89 0.44
C ASN A 26 14.17 0.62 1.10
N SER A 27 13.28 -0.21 1.62
CA SER A 27 13.68 -1.44 2.28
C SER A 27 12.61 -2.52 2.09
N ASP A 28 12.99 -3.77 2.38
CA ASP A 28 12.06 -4.89 2.24
C ASP A 28 10.97 -4.83 3.30
N ASP A 29 11.05 -3.82 4.17
CA ASP A 29 10.07 -3.66 5.24
C ASP A 29 9.65 -2.20 5.36
N ALA A 30 9.76 -1.46 4.26
CA ALA A 30 9.38 -0.05 4.24
C ALA A 30 8.07 0.16 3.49
N CYS A 31 7.63 -0.86 2.76
CA CYS A 31 6.40 -0.79 2.01
C CYS A 31 5.39 -1.81 2.51
N THR A 32 4.18 -1.35 2.83
CA THR A 32 3.13 -2.22 3.33
C THR A 32 1.96 -2.27 2.36
N TYR A 33 1.91 -3.31 1.54
CA TYR A 33 0.83 -3.48 0.57
C TYR A 33 0.13 -4.82 0.76
N HIS A 34 -0.81 -5.12 -0.14
CA HIS A 34 -1.56 -6.37 -0.07
C HIS A 34 -1.30 -7.22 -1.31
N PRO A 35 -0.52 -8.30 -1.14
CA PRO A 35 -0.18 -9.22 -2.22
C PRO A 35 -1.37 -10.04 -2.69
N GLY A 36 -2.54 -9.76 -2.12
CA GLY A 36 -3.74 -10.48 -2.49
C GLY A 36 -4.62 -9.68 -3.42
N VAL A 37 -5.94 -9.88 -3.31
CA VAL A 37 -6.89 -9.18 -4.15
C VAL A 37 -8.09 -8.69 -3.34
N PRO A 38 -8.75 -7.63 -3.83
CA PRO A 38 -9.92 -7.05 -3.16
C PRO A 38 -11.14 -7.96 -3.22
N VAL A 39 -11.65 -8.32 -2.06
CA VAL A 39 -12.82 -9.20 -1.98
C VAL A 39 -13.99 -8.49 -1.29
N PHE A 40 -15.21 -8.90 -1.64
CA PHE A 40 -16.40 -8.31 -1.06
C PHE A 40 -17.43 -9.39 -0.70
N HIS A 41 -17.41 -9.81 0.55
CA HIS A 41 -18.34 -10.84 1.02
C HIS A 41 -19.18 -10.33 2.19
N ASP A 42 -20.49 -10.51 2.09
CA ASP A 42 -21.41 -10.07 3.13
C ASP A 42 -21.22 -8.58 3.42
N ALA A 43 -21.02 -7.80 2.36
CA ALA A 43 -20.82 -6.36 2.51
C ALA A 43 -19.49 -6.05 3.18
N LEU A 44 -18.68 -7.08 3.39
CA LEU A 44 -17.38 -6.92 4.02
C LEU A 44 -16.27 -6.90 2.98
N LYS A 45 -15.77 -5.70 2.68
CA LYS A 45 -14.71 -5.54 1.70
C LYS A 45 -13.34 -5.75 2.34
N GLY A 46 -12.60 -6.73 1.84
CA GLY A 46 -11.28 -7.02 2.38
C GLY A 46 -10.33 -7.55 1.33
N TRP A 47 -9.41 -8.42 1.76
CA TRP A 47 -8.43 -9.00 0.85
C TRP A 47 -8.18 -10.47 1.20
N SER A 48 -7.85 -11.26 0.19
CA SER A 48 -7.58 -12.69 0.39
C SER A 48 -6.17 -12.90 0.92
N CYS A 49 -5.53 -11.81 1.33
CA CYS A 49 -4.17 -11.88 1.86
C CYS A 49 -4.17 -11.88 3.38
N CYS A 50 -5.00 -11.01 3.97
CA CYS A 50 -5.11 -10.91 5.42
C CYS A 50 -6.53 -11.18 5.88
N LYS A 51 -6.76 -11.09 7.18
CA LYS A 51 -8.08 -11.31 7.76
C LYS A 51 -8.87 -10.02 7.84
N ARG A 52 -8.16 -8.89 7.85
CA ARG A 52 -8.79 -7.58 7.93
C ARG A 52 -10.04 -7.53 7.05
N ARG A 53 -11.13 -6.99 7.61
CA ARG A 53 -12.38 -6.89 6.87
C ARG A 53 -13.18 -5.69 7.36
N THR A 54 -13.62 -4.86 6.42
CA THR A 54 -14.40 -3.67 6.74
C THR A 54 -15.55 -3.48 5.76
N THR A 55 -16.69 -3.01 6.26
CA THR A 55 -17.86 -2.77 5.42
C THR A 55 -17.81 -1.39 4.79
N ASP A 56 -17.16 -0.45 5.47
CA ASP A 56 -17.05 0.91 4.97
C ASP A 56 -16.07 0.99 3.80
N PHE A 57 -16.61 1.15 2.60
CA PHE A 57 -15.78 1.23 1.40
C PHE A 57 -14.53 2.07 1.65
N SER A 58 -14.67 3.08 2.50
CA SER A 58 -13.56 3.96 2.83
C SER A 58 -12.49 3.22 3.61
N ASP A 59 -12.91 2.49 4.63
CA ASP A 59 -11.98 1.72 5.46
C ASP A 59 -11.26 0.67 4.62
N PHE A 60 -11.98 0.00 3.74
CA PHE A 60 -11.40 -1.03 2.90
C PHE A 60 -10.18 -0.49 2.15
N LEU A 61 -10.27 0.74 1.69
CA LEU A 61 -9.19 1.38 0.96
C LEU A 61 -8.11 1.89 1.91
N SER A 62 -8.40 1.82 3.22
CA SER A 62 -7.47 2.27 4.24
C SER A 62 -6.71 1.08 4.85
N ILE A 63 -7.36 -0.08 4.84
CA ILE A 63 -6.75 -1.29 5.39
C ILE A 63 -5.24 -1.30 5.16
N VAL A 64 -4.49 -1.00 6.22
CA VAL A 64 -3.04 -0.98 6.14
C VAL A 64 -2.50 -2.32 5.64
N GLY A 65 -1.65 -2.25 4.62
CA GLY A 65 -1.07 -3.46 4.07
C GLY A 65 -0.70 -4.47 5.13
N CYS A 66 -0.87 -5.76 4.82
CA CYS A 66 -0.56 -6.83 5.76
C CYS A 66 0.82 -7.41 5.47
N THR A 67 1.35 -7.11 4.29
CA THR A 67 2.66 -7.61 3.89
C THR A 67 3.71 -6.51 3.92
N LYS A 68 4.98 -6.91 3.88
CA LYS A 68 6.07 -5.95 3.90
C LYS A 68 7.02 -6.19 2.72
N GLY A 69 7.51 -5.10 2.13
CA GLY A 69 8.42 -5.20 1.01
C GLY A 69 8.91 -3.86 0.54
N ARG A 70 9.34 -3.79 -0.72
CA ARG A 70 9.85 -2.55 -1.31
C ARG A 70 8.81 -1.93 -2.24
N HIS A 71 8.58 -0.62 -2.08
CA HIS A 71 7.62 0.09 -2.91
C HIS A 71 7.85 -0.22 -4.39
N ASN A 72 6.76 -0.48 -5.10
CA ASN A 72 6.83 -0.80 -6.53
C ASN A 72 6.69 0.47 -7.36
N SER A 73 7.79 0.90 -7.96
CA SER A 73 7.79 2.10 -8.80
C SER A 73 7.25 1.79 -10.19
N GLU A 74 6.70 0.59 -10.36
CA GLU A 74 6.15 0.18 -11.64
C GLU A 74 4.76 -0.42 -11.47
N LYS A 75 3.84 -0.01 -12.34
CA LYS A 75 2.47 -0.50 -12.30
C LYS A 75 2.42 -2.01 -12.44
ZN ZN B . 4.65 1.16 -1.02
ZN ZN C . -3.79 -7.82 3.24
N GLY A 1 18.38 25.24 5.25
CA GLY A 1 17.80 23.93 4.98
C GLY A 1 16.52 24.02 4.16
N SER A 2 16.61 24.72 3.03
CA SER A 2 15.45 24.89 2.15
C SER A 2 15.33 23.71 1.18
N SER A 3 14.58 22.69 1.60
CA SER A 3 14.39 21.50 0.77
C SER A 3 12.91 21.29 0.47
N GLY A 4 12.63 20.41 -0.49
CA GLY A 4 11.26 20.13 -0.86
C GLY A 4 11.16 19.43 -2.20
N SER A 5 12.10 19.72 -3.09
CA SER A 5 12.10 19.12 -4.43
C SER A 5 13.15 18.02 -4.51
N SER A 6 12.86 16.87 -3.91
CA SER A 6 13.78 15.74 -3.92
C SER A 6 14.06 15.28 -5.34
N GLY A 7 13.02 14.78 -6.01
CA GLY A 7 13.17 14.30 -7.37
C GLY A 7 13.56 12.84 -7.44
N MET A 8 13.56 12.18 -6.28
CA MET A 8 13.92 10.77 -6.23
C MET A 8 12.79 9.96 -5.57
N ALA A 9 11.67 10.62 -5.31
CA ALA A 9 10.53 9.96 -4.69
C ALA A 9 9.73 9.16 -5.72
N LEU A 10 9.96 7.85 -5.76
CA LEU A 10 9.26 6.98 -6.69
C LEU A 10 7.86 6.64 -6.19
N LEU A 11 6.89 6.66 -7.09
CA LEU A 11 5.52 6.35 -6.74
C LEU A 11 5.30 4.85 -6.64
N CYS A 12 4.77 4.39 -5.51
CA CYS A 12 4.51 2.98 -5.29
C CYS A 12 3.29 2.53 -6.09
N TYR A 13 3.35 1.30 -6.62
CA TYR A 13 2.25 0.75 -7.39
C TYR A 13 1.75 -0.56 -6.79
N ASN A 14 1.77 -0.63 -5.46
CA ASN A 14 1.33 -1.83 -4.75
C ASN A 14 -0.01 -1.59 -4.07
N ARG A 15 -0.98 -2.44 -4.35
CA ARG A 15 -2.31 -2.33 -3.77
C ARG A 15 -2.22 -2.09 -2.27
N GLY A 16 -2.87 -1.04 -1.80
CA GLY A 16 -2.85 -0.72 -0.38
C GLY A 16 -1.88 0.39 -0.04
N CYS A 17 -0.93 0.64 -0.94
CA CYS A 17 0.06 1.68 -0.72
C CYS A 17 -0.19 2.87 -1.66
N GLY A 18 0.08 2.65 -2.95
CA GLY A 18 -0.13 3.70 -3.93
C GLY A 18 0.49 5.02 -3.49
N GLN A 19 1.40 4.96 -2.53
CA GLN A 19 2.07 6.16 -2.04
C GLN A 19 3.50 6.25 -2.55
N ARG A 20 4.12 7.41 -2.36
CA ARG A 20 5.50 7.61 -2.81
C ARG A 20 6.48 6.94 -1.86
N PHE A 21 7.76 6.97 -2.23
CA PHE A 21 8.80 6.36 -1.41
C PHE A 21 10.19 6.70 -1.97
N ASP A 22 11.20 6.50 -1.14
CA ASP A 22 12.58 6.77 -1.55
C ASP A 22 13.33 5.47 -1.85
N PRO A 23 13.96 5.41 -3.03
CA PRO A 23 14.72 4.24 -3.47
C PRO A 23 16.00 4.05 -2.67
N GLU A 24 16.72 5.16 -2.45
CA GLU A 24 17.97 5.11 -1.70
C GLU A 24 17.73 4.68 -0.25
N THR A 25 16.46 4.70 0.15
CA THR A 25 16.09 4.32 1.51
C THR A 25 15.15 3.12 1.51
N ASN A 26 14.54 2.86 0.35
CA ASN A 26 13.60 1.75 0.21
C ASN A 26 14.18 0.48 0.85
N SER A 27 13.31 -0.29 1.50
CA SER A 27 13.74 -1.53 2.16
C SER A 27 12.64 -2.58 2.07
N ASP A 28 12.98 -3.82 2.44
CA ASP A 28 12.02 -4.92 2.41
C ASP A 28 10.96 -4.74 3.49
N ASP A 29 11.16 -3.75 4.35
CA ASP A 29 10.21 -3.47 5.43
C ASP A 29 9.86 -1.99 5.48
N ALA A 30 9.78 -1.36 4.30
CA ALA A 30 9.45 0.05 4.21
C ALA A 30 8.14 0.26 3.46
N CYS A 31 7.70 -0.78 2.76
CA CYS A 31 6.46 -0.71 1.99
C CYS A 31 5.42 -1.69 2.53
N THR A 32 4.21 -1.19 2.76
CA THR A 32 3.13 -2.02 3.27
C THR A 32 1.97 -2.10 2.28
N TYR A 33 1.92 -3.19 1.53
CA TYR A 33 0.86 -3.38 0.53
C TYR A 33 0.14 -4.70 0.76
N HIS A 34 -0.79 -5.02 -0.14
CA HIS A 34 -1.55 -6.26 -0.03
C HIS A 34 -1.28 -7.17 -1.23
N PRO A 35 -0.54 -8.27 -0.99
CA PRO A 35 -0.19 -9.23 -2.04
C PRO A 35 -1.40 -10.02 -2.52
N GLY A 36 -2.57 -9.70 -1.98
CA GLY A 36 -3.78 -10.39 -2.36
C GLY A 36 -4.64 -9.58 -3.32
N VAL A 37 -5.95 -9.78 -3.25
CA VAL A 37 -6.88 -9.07 -4.11
C VAL A 37 -8.09 -8.58 -3.34
N PRO A 38 -8.73 -7.52 -3.84
CA PRO A 38 -9.92 -6.94 -3.20
C PRO A 38 -11.15 -7.85 -3.32
N VAL A 39 -11.61 -8.35 -2.17
CA VAL A 39 -12.78 -9.22 -2.14
C VAL A 39 -13.96 -8.55 -1.44
N PHE A 40 -15.16 -8.97 -1.81
CA PHE A 40 -16.38 -8.41 -1.21
C PHE A 40 -17.37 -9.51 -0.88
N HIS A 41 -17.37 -9.95 0.38
CA HIS A 41 -18.27 -11.00 0.83
C HIS A 41 -19.12 -10.51 2.00
N ASP A 42 -20.43 -10.70 1.89
CA ASP A 42 -21.35 -10.28 2.94
C ASP A 42 -21.17 -8.81 3.26
N ALA A 43 -21.00 -7.99 2.22
CA ALA A 43 -20.82 -6.55 2.40
C ALA A 43 -19.48 -6.25 3.07
N LEU A 44 -18.68 -7.28 3.27
CA LEU A 44 -17.37 -7.12 3.90
C LEU A 44 -16.26 -7.06 2.86
N LYS A 45 -15.83 -5.84 2.54
CA LYS A 45 -14.77 -5.65 1.56
C LYS A 45 -13.40 -5.78 2.21
N GLY A 46 -12.64 -6.78 1.77
CA GLY A 46 -11.31 -7.01 2.31
C GLY A 46 -10.34 -7.54 1.29
N TRP A 47 -9.34 -8.30 1.74
CA TRP A 47 -8.35 -8.86 0.84
C TRP A 47 -8.08 -10.33 1.18
N SER A 48 -7.73 -11.11 0.17
CA SER A 48 -7.46 -12.53 0.35
C SER A 48 -6.06 -12.75 0.92
N CYS A 49 -5.43 -11.66 1.36
CA CYS A 49 -4.09 -11.73 1.94
C CYS A 49 -4.14 -11.74 3.45
N CYS A 50 -4.88 -10.79 4.03
CA CYS A 50 -5.01 -10.69 5.47
C CYS A 50 -6.44 -11.01 5.92
N LYS A 51 -6.66 -11.02 7.22
CA LYS A 51 -7.98 -11.31 7.77
C LYS A 51 -8.81 -10.04 7.91
N ARG A 52 -8.13 -8.90 7.87
CA ARG A 52 -8.81 -7.61 7.97
C ARG A 52 -10.05 -7.57 7.08
N ARG A 53 -11.13 -6.99 7.61
CA ARG A 53 -12.38 -6.88 6.86
C ARG A 53 -13.19 -5.68 7.33
N THR A 54 -13.86 -5.02 6.39
CA THR A 54 -14.68 -3.85 6.71
C THR A 54 -15.79 -3.68 5.68
N THR A 55 -16.91 -3.10 6.13
CA THR A 55 -18.05 -2.88 5.26
C THR A 55 -18.05 -1.45 4.72
N ASP A 56 -17.43 -0.54 5.46
CA ASP A 56 -17.36 0.86 5.05
C ASP A 56 -16.35 1.04 3.92
N PHE A 57 -16.87 1.16 2.70
CA PHE A 57 -16.02 1.34 1.53
C PHE A 57 -14.81 2.21 1.86
N SER A 58 -14.99 3.13 2.78
CA SER A 58 -13.91 4.04 3.19
C SER A 58 -12.83 3.27 3.93
N ASP A 59 -13.23 2.44 4.88
CA ASP A 59 -12.28 1.64 5.66
C ASP A 59 -11.54 0.65 4.77
N PHE A 60 -12.26 0.04 3.84
CA PHE A 60 -11.67 -0.92 2.91
C PHE A 60 -10.45 -0.33 2.22
N LEU A 61 -10.58 0.89 1.74
CA LEU A 61 -9.49 1.57 1.05
C LEU A 61 -8.42 2.02 2.04
N SER A 62 -8.78 2.05 3.32
CA SER A 62 -7.85 2.48 4.37
C SER A 62 -7.04 1.29 4.87
N ILE A 63 -7.67 0.11 4.90
CA ILE A 63 -7.01 -1.10 5.36
C ILE A 63 -5.53 -1.09 5.00
N VAL A 64 -4.69 -0.73 5.97
CA VAL A 64 -3.25 -0.67 5.76
C VAL A 64 -2.71 -2.02 5.30
N GLY A 65 -1.66 -1.99 4.49
CA GLY A 65 -1.06 -3.23 4.01
C GLY A 65 -0.72 -4.19 5.11
N CYS A 66 -0.88 -5.48 4.85
CA CYS A 66 -0.59 -6.51 5.85
C CYS A 66 0.79 -7.12 5.59
N THR A 67 1.32 -6.91 4.39
CA THR A 67 2.63 -7.44 4.03
C THR A 67 3.67 -6.34 4.00
N LYS A 68 4.94 -6.74 4.01
CA LYS A 68 6.05 -5.79 3.98
C LYS A 68 7.00 -6.08 2.83
N GLY A 69 7.56 -5.03 2.24
CA GLY A 69 8.48 -5.20 1.14
C GLY A 69 8.99 -3.88 0.59
N ARG A 70 9.38 -3.88 -0.67
CA ARG A 70 9.90 -2.67 -1.32
C ARG A 70 8.86 -2.08 -2.26
N HIS A 71 8.60 -0.78 -2.09
CA HIS A 71 7.62 -0.09 -2.94
C HIS A 71 7.86 -0.41 -4.41
N ASN A 72 6.77 -0.64 -5.15
CA ASN A 72 6.87 -0.96 -6.56
C ASN A 72 6.72 0.30 -7.42
N SER A 73 7.84 0.77 -7.96
CA SER A 73 7.84 1.98 -8.78
C SER A 73 7.24 1.68 -10.17
N GLU A 74 6.81 0.44 -10.36
CA GLU A 74 6.22 0.03 -11.63
C GLU A 74 4.85 -0.60 -11.42
N LYS A 75 3.96 -0.40 -12.38
CA LYS A 75 2.62 -0.95 -12.31
C LYS A 75 2.63 -2.47 -12.45
ZN ZN B . 4.71 1.10 -1.02
ZN ZN C . -3.73 -7.63 3.29
N GLY A 1 13.14 24.20 3.14
CA GLY A 1 13.69 22.90 3.43
C GLY A 1 13.21 21.83 2.47
N SER A 2 12.74 20.71 3.01
CA SER A 2 12.25 19.61 2.20
C SER A 2 10.76 19.39 2.42
N SER A 3 9.94 20.34 1.98
CA SER A 3 8.50 20.24 2.13
C SER A 3 7.84 19.81 0.84
N GLY A 4 8.48 20.12 -0.28
CA GLY A 4 7.94 19.76 -1.58
C GLY A 4 8.42 18.39 -2.04
N SER A 5 8.97 18.32 -3.25
CA SER A 5 9.46 17.07 -3.80
C SER A 5 10.95 17.18 -4.14
N SER A 6 11.75 16.27 -3.59
CA SER A 6 13.18 16.26 -3.84
C SER A 6 13.48 15.93 -5.30
N GLY A 7 12.93 14.81 -5.76
CA GLY A 7 13.15 14.39 -7.14
C GLY A 7 13.50 12.93 -7.25
N MET A 8 13.57 12.25 -6.11
CA MET A 8 13.89 10.82 -6.08
C MET A 8 12.74 10.00 -5.51
N ALA A 9 11.61 10.67 -5.30
CA ALA A 9 10.43 10.00 -4.76
C ALA A 9 9.67 9.25 -5.86
N LEU A 10 9.76 7.93 -5.83
CA LEU A 10 9.10 7.09 -6.82
C LEU A 10 7.70 6.71 -6.35
N LEU A 11 6.75 6.66 -7.28
CA LEU A 11 5.37 6.31 -6.96
C LEU A 11 5.22 4.80 -6.83
N CYS A 12 4.78 4.34 -5.66
CA CYS A 12 4.59 2.92 -5.40
C CYS A 12 3.39 2.39 -6.20
N TYR A 13 3.49 1.14 -6.63
CA TYR A 13 2.42 0.51 -7.39
C TYR A 13 1.99 -0.80 -6.75
N ASN A 14 1.85 -0.78 -5.43
CA ASN A 14 1.43 -1.96 -4.69
C ASN A 14 0.10 -1.72 -3.97
N ARG A 15 -0.88 -2.57 -4.26
CA ARG A 15 -2.19 -2.44 -3.65
C ARG A 15 -2.07 -2.12 -2.16
N GLY A 16 -2.67 -1.00 -1.76
CA GLY A 16 -2.61 -0.60 -0.37
C GLY A 16 -1.63 0.53 -0.13
N CYS A 17 -0.78 0.79 -1.09
CA CYS A 17 0.22 1.85 -0.99
C CYS A 17 -0.04 2.94 -2.02
N GLY A 18 0.20 2.63 -3.29
CA GLY A 18 -0.02 3.59 -4.35
C GLY A 18 0.47 4.97 -3.98
N GLN A 19 1.40 5.04 -3.03
CA GLN A 19 1.94 6.31 -2.58
C GLN A 19 3.43 6.42 -2.92
N ARG A 20 3.96 7.64 -2.90
CA ARG A 20 5.36 7.88 -3.21
C ARG A 20 6.26 7.20 -2.17
N PHE A 21 7.56 7.22 -2.44
CA PHE A 21 8.53 6.61 -1.54
C PHE A 21 9.96 6.92 -1.98
N ASP A 22 10.92 6.66 -1.09
CA ASP A 22 12.32 6.91 -1.39
C ASP A 22 13.09 5.61 -1.57
N PRO A 23 13.66 5.41 -2.77
CA PRO A 23 14.43 4.20 -3.09
C PRO A 23 15.75 4.14 -2.32
N GLU A 24 16.40 5.28 -2.17
CA GLU A 24 17.67 5.35 -1.46
C GLU A 24 17.57 4.68 -0.09
N THR A 25 16.33 4.48 0.37
CA THR A 25 16.10 3.85 1.67
C THR A 25 15.15 2.66 1.54
N ASN A 26 14.29 2.71 0.53
CA ASN A 26 13.32 1.64 0.30
C ASN A 26 13.92 0.28 0.64
N SER A 27 13.25 -0.45 1.52
CA SER A 27 13.71 -1.76 1.94
C SER A 27 12.57 -2.77 1.94
N ASP A 28 12.90 -4.04 2.18
CA ASP A 28 11.90 -5.10 2.21
C ASP A 28 10.91 -4.88 3.36
N ASP A 29 11.21 -3.90 4.20
CA ASP A 29 10.35 -3.58 5.34
C ASP A 29 10.05 -2.09 5.40
N ALA A 30 9.89 -1.48 4.23
CA ALA A 30 9.60 -0.05 4.15
C ALA A 30 8.29 0.20 3.40
N CYS A 31 7.81 -0.83 2.71
CA CYS A 31 6.56 -0.73 1.96
C CYS A 31 5.51 -1.68 2.50
N THR A 32 4.32 -1.16 2.77
CA THR A 32 3.23 -1.97 3.29
C THR A 32 2.07 -2.06 2.29
N TYR A 33 1.97 -3.19 1.62
CA TYR A 33 0.92 -3.41 0.64
C TYR A 33 0.21 -4.74 0.87
N HIS A 34 -0.71 -5.08 -0.02
CA HIS A 34 -1.45 -6.33 0.09
C HIS A 34 -1.18 -7.23 -1.12
N PRO A 35 -0.46 -8.33 -0.88
CA PRO A 35 -0.12 -9.30 -1.93
C PRO A 35 -1.33 -10.08 -2.42
N GLY A 36 -2.49 -9.76 -1.88
CA GLY A 36 -3.71 -10.44 -2.28
C GLY A 36 -4.56 -9.60 -3.23
N VAL A 37 -5.87 -9.79 -3.18
CA VAL A 37 -6.78 -9.06 -4.04
C VAL A 37 -8.00 -8.57 -3.28
N PRO A 38 -8.63 -7.49 -3.76
CA PRO A 38 -9.82 -6.91 -3.14
C PRO A 38 -11.05 -7.82 -3.27
N VAL A 39 -11.53 -8.32 -2.14
CA VAL A 39 -12.69 -9.20 -2.13
C VAL A 39 -13.87 -8.53 -1.43
N PHE A 40 -15.08 -8.82 -1.90
CA PHE A 40 -16.29 -8.26 -1.31
C PHE A 40 -17.31 -9.35 -1.00
N HIS A 41 -17.31 -9.81 0.25
CA HIS A 41 -18.24 -10.85 0.68
C HIS A 41 -19.08 -10.36 1.86
N ASP A 42 -20.40 -10.55 1.74
CA ASP A 42 -21.32 -10.14 2.80
C ASP A 42 -21.12 -8.66 3.15
N ALA A 43 -20.92 -7.85 2.12
CA ALA A 43 -20.71 -6.42 2.32
C ALA A 43 -19.38 -6.14 3.01
N LEU A 44 -18.62 -7.20 3.27
CA LEU A 44 -17.33 -7.08 3.92
C LEU A 44 -16.20 -7.03 2.89
N LYS A 45 -15.77 -5.83 2.54
CA LYS A 45 -14.69 -5.65 1.57
C LYS A 45 -13.33 -5.81 2.23
N GLY A 46 -12.58 -6.82 1.81
CA GLY A 46 -11.27 -7.06 2.38
C GLY A 46 -10.28 -7.58 1.34
N TRP A 47 -9.30 -8.35 1.80
CA TRP A 47 -8.29 -8.91 0.91
C TRP A 47 -8.05 -10.38 1.22
N SER A 48 -7.68 -11.15 0.20
CA SER A 48 -7.43 -12.57 0.35
C SER A 48 -6.04 -12.81 0.93
N CYS A 49 -5.41 -11.74 1.41
CA CYS A 49 -4.09 -11.83 2.01
C CYS A 49 -4.15 -11.84 3.53
N CYS A 50 -4.90 -10.88 4.08
CA CYS A 50 -5.04 -10.77 5.53
C CYS A 50 -6.48 -11.09 5.95
N LYS A 51 -6.74 -11.00 7.25
CA LYS A 51 -8.07 -11.27 7.78
C LYS A 51 -8.89 -9.99 7.88
N ARG A 52 -8.20 -8.85 7.88
CA ARG A 52 -8.87 -7.56 7.98
C ARG A 52 -10.12 -7.53 7.10
N ARG A 53 -11.20 -6.97 7.63
CA ARG A 53 -12.45 -6.88 6.89
C ARG A 53 -13.29 -5.71 7.39
N THR A 54 -13.78 -4.89 6.46
CA THR A 54 -14.60 -3.74 6.80
C THR A 54 -15.76 -3.58 5.84
N THR A 55 -16.87 -3.03 6.32
CA THR A 55 -18.05 -2.81 5.50
C THR A 55 -18.05 -1.43 4.88
N ASP A 56 -17.35 -0.49 5.53
CA ASP A 56 -17.27 0.88 5.04
C ASP A 56 -16.26 0.99 3.90
N PHE A 57 -16.77 1.19 2.69
CA PHE A 57 -15.91 1.31 1.52
C PHE A 57 -14.71 2.19 1.81
N SER A 58 -14.88 3.14 2.72
CA SER A 58 -13.80 4.05 3.09
C SER A 58 -12.72 3.32 3.89
N ASP A 59 -13.15 2.49 4.82
CA ASP A 59 -12.22 1.72 5.65
C ASP A 59 -11.48 0.69 4.81
N PHE A 60 -12.20 0.04 3.89
CA PHE A 60 -11.61 -0.97 3.03
C PHE A 60 -10.36 -0.44 2.33
N LEU A 61 -10.44 0.81 1.86
CA LEU A 61 -9.32 1.44 1.17
C LEU A 61 -8.24 1.87 2.17
N SER A 62 -8.65 2.03 3.42
CA SER A 62 -7.72 2.44 4.47
C SER A 62 -6.91 1.25 5.00
N ILE A 63 -7.53 0.07 4.95
CA ILE A 63 -6.88 -1.14 5.42
C ILE A 63 -5.38 -1.11 5.12
N VAL A 64 -4.59 -0.82 6.14
CA VAL A 64 -3.14 -0.77 6.00
C VAL A 64 -2.58 -2.11 5.53
N GLY A 65 -1.63 -2.06 4.61
CA GLY A 65 -1.03 -3.29 4.10
C GLY A 65 -0.66 -4.26 5.21
N CYS A 66 -0.83 -5.55 4.94
CA CYS A 66 -0.52 -6.59 5.92
C CYS A 66 0.86 -7.19 5.64
N THR A 67 1.39 -6.91 4.46
CA THR A 67 2.71 -7.43 4.08
C THR A 67 3.74 -6.32 4.03
N LYS A 68 5.02 -6.70 4.02
CA LYS A 68 6.11 -5.74 3.97
C LYS A 68 7.04 -6.03 2.80
N GLY A 69 7.56 -4.97 2.18
CA GLY A 69 8.46 -5.14 1.05
C GLY A 69 8.99 -3.83 0.53
N ARG A 70 9.34 -3.79 -0.75
CA ARG A 70 9.87 -2.58 -1.37
C ARG A 70 8.84 -1.97 -2.32
N HIS A 71 8.58 -0.68 -2.15
CA HIS A 71 7.62 0.03 -3.00
C HIS A 71 7.85 -0.31 -4.47
N ASN A 72 6.77 -0.68 -5.17
CA ASN A 72 6.86 -1.03 -6.58
C ASN A 72 6.75 0.22 -7.45
N SER A 73 7.90 0.72 -7.91
CA SER A 73 7.94 1.91 -8.75
C SER A 73 7.45 1.58 -10.16
N GLU A 74 7.05 0.33 -10.38
CA GLU A 74 6.58 -0.10 -11.69
C GLU A 74 5.37 -1.02 -11.54
N LYS A 75 4.26 -0.63 -12.14
CA LYS A 75 3.03 -1.42 -12.08
C LYS A 75 3.35 -2.92 -12.08
ZN ZN B . 4.89 1.12 -1.09
ZN ZN C . -3.64 -7.71 3.38
N GLY A 1 8.12 26.56 10.09
CA GLY A 1 8.16 26.22 8.69
C GLY A 1 9.06 25.03 8.41
N SER A 2 8.54 24.07 7.65
CA SER A 2 9.30 22.87 7.31
C SER A 2 8.89 22.34 5.94
N SER A 3 9.88 21.91 5.16
CA SER A 3 9.63 21.37 3.83
C SER A 3 10.89 20.77 3.24
N GLY A 4 10.72 19.78 2.38
CA GLY A 4 11.86 19.13 1.74
C GLY A 4 11.60 18.78 0.29
N SER A 5 12.38 19.38 -0.60
CA SER A 5 12.23 19.13 -2.03
C SER A 5 13.13 17.98 -2.49
N SER A 6 12.57 16.78 -2.54
CA SER A 6 13.31 15.60 -2.96
C SER A 6 12.97 15.21 -4.39
N GLY A 7 13.97 14.75 -5.13
CA GLY A 7 13.75 14.35 -6.51
C GLY A 7 14.02 12.87 -6.73
N MET A 8 13.87 12.08 -5.67
CA MET A 8 14.10 10.64 -5.76
C MET A 8 12.93 9.87 -5.14
N ALA A 9 11.85 10.58 -4.84
CA ALA A 9 10.67 9.96 -4.25
C ALA A 9 9.81 9.27 -5.31
N LEU A 10 10.00 7.97 -5.46
CA LEU A 10 9.25 7.19 -6.45
C LEU A 10 7.86 6.86 -5.92
N LEU A 11 6.86 6.98 -6.79
CA LEU A 11 5.49 6.69 -6.43
C LEU A 11 5.23 5.19 -6.43
N CYS A 12 4.78 4.66 -5.29
CA CYS A 12 4.49 3.24 -5.18
C CYS A 12 3.20 2.88 -5.92
N TYR A 13 3.17 1.68 -6.48
CA TYR A 13 2.00 1.22 -7.22
C TYR A 13 1.50 -0.12 -6.68
N ASN A 14 1.66 -0.32 -5.37
CA ASN A 14 1.24 -1.56 -4.73
C ASN A 14 -0.11 -1.37 -4.03
N ARG A 15 -1.04 -2.28 -4.30
CA ARG A 15 -2.37 -2.21 -3.70
C ARG A 15 -2.27 -2.03 -2.19
N GLY A 16 -2.77 -0.90 -1.69
CA GLY A 16 -2.72 -0.64 -0.26
C GLY A 16 -1.71 0.43 0.10
N CYS A 17 -0.81 0.74 -0.84
CA CYS A 17 0.21 1.75 -0.61
C CYS A 17 -0.07 3.00 -1.45
N GLY A 18 0.11 2.88 -2.75
CA GLY A 18 -0.12 4.01 -3.64
C GLY A 18 0.52 5.29 -3.14
N GLN A 19 1.49 5.15 -2.23
CA GLN A 19 2.18 6.30 -1.67
C GLN A 19 3.60 6.40 -2.21
N ARG A 20 4.23 7.55 -1.97
CA ARG A 20 5.59 7.77 -2.43
C ARG A 20 6.59 7.03 -1.56
N PHE A 21 7.86 7.05 -1.97
CA PHE A 21 8.91 6.37 -1.23
C PHE A 21 10.28 6.69 -1.81
N ASP A 22 11.33 6.42 -1.04
CA ASP A 22 12.70 6.69 -1.48
C ASP A 22 13.42 5.38 -1.82
N PRO A 23 14.02 5.32 -3.01
CA PRO A 23 14.75 4.14 -3.47
C PRO A 23 16.05 3.92 -2.70
N GLU A 24 16.79 5.01 -2.48
CA GLU A 24 18.05 4.93 -1.77
C GLU A 24 17.83 4.46 -0.33
N THR A 25 16.58 4.43 0.10
CA THR A 25 16.24 4.00 1.44
C THR A 25 15.25 2.82 1.41
N ASN A 26 14.58 2.65 0.27
CA ASN A 26 13.62 1.57 0.11
C ASN A 26 14.22 0.24 0.53
N SER A 27 13.43 -0.56 1.26
CA SER A 27 13.89 -1.86 1.73
C SER A 27 12.76 -2.88 1.69
N ASP A 28 13.03 -4.08 2.19
CA ASP A 28 12.04 -5.15 2.21
C ASP A 28 11.04 -4.94 3.35
N ASP A 29 11.31 -3.93 4.17
CA ASP A 29 10.43 -3.62 5.31
C ASP A 29 10.12 -2.12 5.36
N ALA A 30 10.00 -1.50 4.20
CA ALA A 30 9.72 -0.08 4.12
C ALA A 30 8.40 0.17 3.37
N CYS A 31 7.91 -0.85 2.68
CA CYS A 31 6.68 -0.73 1.93
C CYS A 31 5.62 -1.70 2.48
N THR A 32 4.42 -1.17 2.71
CA THR A 32 3.32 -1.97 3.24
C THR A 32 2.16 -2.03 2.25
N TYR A 33 2.07 -3.13 1.52
CA TYR A 33 1.01 -3.32 0.54
C TYR A 33 0.28 -4.63 0.76
N HIS A 34 -0.66 -4.94 -0.13
CA HIS A 34 -1.43 -6.17 -0.04
C HIS A 34 -1.18 -7.07 -1.25
N PRO A 35 -0.42 -8.16 -1.04
CA PRO A 35 -0.09 -9.11 -2.11
C PRO A 35 -1.31 -9.92 -2.56
N GLY A 36 -2.46 -9.61 -1.99
CA GLY A 36 -3.69 -10.31 -2.34
C GLY A 36 -4.56 -9.52 -3.27
N VAL A 37 -5.88 -9.70 -3.15
CA VAL A 37 -6.83 -8.99 -3.99
C VAL A 37 -8.02 -8.49 -3.17
N PRO A 38 -8.69 -7.44 -3.68
CA PRO A 38 -9.85 -6.85 -3.01
C PRO A 38 -11.07 -7.77 -3.06
N VAL A 39 -11.38 -8.39 -1.92
CA VAL A 39 -12.51 -9.30 -1.82
C VAL A 39 -13.70 -8.62 -1.15
N PHE A 40 -14.91 -8.95 -1.60
CA PHE A 40 -16.12 -8.38 -1.02
C PHE A 40 -17.18 -9.45 -0.83
N HIS A 41 -17.25 -9.99 0.38
CA HIS A 41 -18.22 -11.03 0.71
C HIS A 41 -19.08 -10.61 1.90
N ASP A 42 -20.40 -10.82 1.77
CA ASP A 42 -21.32 -10.46 2.84
C ASP A 42 -21.12 -9.01 3.28
N ALA A 43 -20.98 -8.12 2.29
CA ALA A 43 -20.78 -6.70 2.58
C ALA A 43 -19.44 -6.46 3.26
N LEU A 44 -18.66 -7.53 3.43
CA LEU A 44 -17.35 -7.43 4.07
C LEU A 44 -16.24 -7.31 3.03
N LYS A 45 -15.80 -6.09 2.78
CA LYS A 45 -14.75 -5.84 1.81
C LYS A 45 -13.38 -5.80 2.49
N GLY A 46 -12.44 -6.59 1.97
CA GLY A 46 -11.11 -6.64 2.54
C GLY A 46 -10.07 -7.13 1.54
N TRP A 47 -9.37 -8.20 1.90
CA TRP A 47 -8.35 -8.77 1.03
C TRP A 47 -8.08 -10.23 1.39
N SER A 48 -7.77 -11.03 0.38
CA SER A 48 -7.49 -12.45 0.59
C SER A 48 -6.07 -12.66 1.12
N CYS A 49 -5.43 -11.56 1.52
CA CYS A 49 -4.08 -11.62 2.05
C CYS A 49 -4.09 -11.58 3.58
N CYS A 50 -4.98 -10.76 4.13
CA CYS A 50 -5.09 -10.63 5.58
C CYS A 50 -6.54 -10.81 6.03
N LYS A 51 -6.74 -10.87 7.35
CA LYS A 51 -8.08 -11.04 7.91
C LYS A 51 -8.84 -9.72 7.91
N ARG A 52 -8.23 -8.69 7.31
CA ARG A 52 -8.85 -7.37 7.25
C ARG A 52 -10.18 -7.43 6.50
N ARG A 53 -11.25 -7.08 7.19
CA ARG A 53 -12.58 -7.10 6.58
C ARG A 53 -13.51 -6.12 7.29
N THR A 54 -14.09 -5.20 6.53
CA THR A 54 -15.00 -4.20 7.08
C THR A 54 -16.31 -4.16 6.30
N THR A 55 -17.34 -3.59 6.92
CA THR A 55 -18.64 -3.49 6.28
C THR A 55 -18.84 -2.11 5.64
N ASP A 56 -17.79 -1.30 5.65
CA ASP A 56 -17.84 0.03 5.07
C ASP A 56 -16.96 0.11 3.83
N PHE A 57 -17.47 0.78 2.80
CA PHE A 57 -16.73 0.93 1.54
C PHE A 57 -15.55 1.90 1.72
N SER A 58 -15.83 3.05 2.30
CA SER A 58 -14.81 4.06 2.53
C SER A 58 -13.70 3.52 3.42
N ASP A 59 -14.06 2.61 4.32
CA ASP A 59 -13.09 2.01 5.24
C ASP A 59 -12.23 0.98 4.50
N PHE A 60 -12.83 0.29 3.53
CA PHE A 60 -12.12 -0.73 2.77
C PHE A 60 -10.82 -0.16 2.19
N LEU A 61 -10.88 1.07 1.73
CA LEU A 61 -9.71 1.72 1.14
C LEU A 61 -8.72 2.13 2.23
N SER A 62 -9.21 2.28 3.46
CA SER A 62 -8.38 2.67 4.58
C SER A 62 -7.42 1.53 4.96
N ILE A 63 -7.86 0.30 4.72
CA ILE A 63 -7.05 -0.86 5.04
C ILE A 63 -5.60 -0.65 4.65
N VAL A 64 -4.69 -0.92 5.58
CA VAL A 64 -3.27 -0.76 5.32
C VAL A 64 -2.61 -2.09 4.97
N GLY A 65 -1.62 -2.04 4.09
CA GLY A 65 -0.93 -3.25 3.69
C GLY A 65 -0.56 -4.14 4.87
N CYS A 66 -0.77 -5.44 4.71
CA CYS A 66 -0.47 -6.40 5.76
C CYS A 66 0.90 -7.05 5.53
N THR A 67 1.47 -6.82 4.35
CA THR A 67 2.77 -7.38 4.02
C THR A 67 3.84 -6.30 3.98
N LYS A 68 5.10 -6.71 3.99
CA LYS A 68 6.22 -5.77 3.95
C LYS A 68 7.16 -6.10 2.80
N GLY A 69 7.69 -5.06 2.16
CA GLY A 69 8.60 -5.25 1.04
C GLY A 69 9.14 -3.95 0.50
N ARG A 70 9.42 -3.93 -0.81
CA ARG A 70 9.94 -2.74 -1.45
C ARG A 70 8.89 -2.10 -2.36
N HIS A 71 8.66 -0.81 -2.18
CA HIS A 71 7.68 -0.08 -2.99
C HIS A 71 7.90 -0.35 -4.47
N ASN A 72 6.80 -0.47 -5.20
CA ASN A 72 6.87 -0.74 -6.64
C ASN A 72 6.67 0.55 -7.44
N SER A 73 7.76 1.03 -8.04
CA SER A 73 7.71 2.26 -8.83
C SER A 73 7.19 1.98 -10.23
N GLU A 74 6.69 0.76 -10.44
CA GLU A 74 6.16 0.36 -11.75
C GLU A 74 4.72 -0.10 -11.62
N LYS A 75 3.82 0.55 -12.38
CA LYS A 75 2.41 0.20 -12.35
C LYS A 75 2.21 -1.29 -12.57
ZN ZN B . 4.82 0.95 -1.08
ZN ZN C . -3.58 -7.47 3.29
N GLY A 1 20.43 25.98 0.92
CA GLY A 1 19.93 25.05 -0.08
C GLY A 1 19.66 23.67 0.49
N SER A 2 19.60 23.58 1.82
CA SER A 2 19.35 22.31 2.48
C SER A 2 17.85 21.99 2.51
N SER A 3 17.42 21.18 1.56
CA SER A 3 16.00 20.81 1.48
C SER A 3 15.85 19.30 1.38
N GLY A 4 14.62 18.82 1.50
CA GLY A 4 14.36 17.40 1.42
C GLY A 4 13.34 17.04 0.36
N SER A 5 12.88 18.06 -0.38
CA SER A 5 11.89 17.85 -1.43
C SER A 5 12.56 17.46 -2.74
N SER A 6 13.37 16.40 -2.69
CA SER A 6 14.07 15.93 -3.87
C SER A 6 13.10 15.32 -4.88
N GLY A 7 13.63 14.92 -6.04
CA GLY A 7 12.79 14.34 -7.07
C GLY A 7 13.07 12.86 -7.26
N MET A 8 13.55 12.21 -6.21
CA MET A 8 13.85 10.77 -6.27
C MET A 8 12.74 9.96 -5.62
N ALA A 9 11.66 10.63 -5.24
CA ALA A 9 10.53 9.96 -4.61
C ALA A 9 9.67 9.23 -5.65
N LEU A 10 9.83 7.92 -5.72
CA LEU A 10 9.06 7.11 -6.67
C LEU A 10 7.67 6.80 -6.12
N LEU A 11 6.68 6.79 -7.01
CA LEU A 11 5.30 6.52 -6.62
C LEU A 11 5.05 5.01 -6.57
N CYS A 12 4.62 4.54 -5.40
CA CYS A 12 4.33 3.12 -5.20
C CYS A 12 3.02 2.73 -5.89
N TYR A 13 3.06 1.62 -6.61
CA TYR A 13 1.87 1.14 -7.32
C TYR A 13 1.40 -0.19 -6.75
N ASN A 14 1.70 -0.42 -5.48
CA ASN A 14 1.31 -1.65 -4.81
C ASN A 14 0.00 -1.48 -4.05
N ARG A 15 -0.98 -2.31 -4.37
CA ARG A 15 -2.28 -2.24 -3.72
C ARG A 15 -2.14 -2.07 -2.21
N GLY A 16 -2.76 -1.04 -1.68
CA GLY A 16 -2.69 -0.79 -0.25
C GLY A 16 -1.67 0.28 0.10
N CYS A 17 -0.97 0.78 -0.91
CA CYS A 17 0.04 1.82 -0.70
C CYS A 17 -0.27 3.05 -1.56
N GLY A 18 -0.06 2.92 -2.86
CA GLY A 18 -0.32 4.03 -3.76
C GLY A 18 0.31 5.33 -3.28
N GLN A 19 1.30 5.21 -2.40
CA GLN A 19 1.98 6.38 -1.87
C GLN A 19 3.40 6.47 -2.39
N ARG A 20 4.03 7.63 -2.21
CA ARG A 20 5.40 7.85 -2.67
C ARG A 20 6.40 7.15 -1.76
N PHE A 21 7.66 7.17 -2.15
CA PHE A 21 8.72 6.53 -1.38
C PHE A 21 10.09 6.84 -1.95
N ASP A 22 11.14 6.60 -1.17
CA ASP A 22 12.50 6.86 -1.60
C ASP A 22 13.27 5.55 -1.78
N PRO A 23 13.86 5.37 -2.97
CA PRO A 23 14.63 4.17 -3.30
C PRO A 23 15.95 4.11 -2.53
N GLU A 24 16.51 5.27 -2.23
CA GLU A 24 17.78 5.35 -1.50
C GLU A 24 17.63 4.76 -0.10
N THR A 25 16.38 4.56 0.32
CA THR A 25 16.10 4.01 1.64
C THR A 25 15.19 2.79 1.55
N ASN A 26 14.40 2.72 0.47
CA ASN A 26 13.49 1.61 0.27
C ASN A 26 14.08 0.31 0.81
N SER A 27 13.25 -0.47 1.49
CA SER A 27 13.70 -1.75 2.06
C SER A 27 12.58 -2.78 2.01
N ASP A 28 12.92 -4.02 2.35
CA ASP A 28 11.94 -5.10 2.35
C ASP A 28 10.92 -4.92 3.47
N ASP A 29 11.09 -3.87 4.25
CA ASP A 29 10.18 -3.58 5.36
C ASP A 29 9.86 -2.09 5.43
N ALA A 30 9.69 -1.48 4.25
CA ALA A 30 9.37 -0.06 4.18
C ALA A 30 8.07 0.17 3.41
N CYS A 31 7.61 -0.86 2.72
CA CYS A 31 6.39 -0.77 1.93
C CYS A 31 5.31 -1.73 2.46
N THR A 32 4.14 -1.19 2.77
CA THR A 32 3.04 -1.99 3.30
C THR A 32 1.91 -2.08 2.28
N TYR A 33 1.90 -3.16 1.52
CA TYR A 33 0.86 -3.38 0.51
C TYR A 33 0.16 -4.71 0.72
N HIS A 34 -0.74 -5.06 -0.20
CA HIS A 34 -1.48 -6.31 -0.11
C HIS A 34 -1.22 -7.18 -1.35
N PRO A 35 -0.45 -8.26 -1.15
CA PRO A 35 -0.11 -9.19 -2.23
C PRO A 35 -1.31 -10.01 -2.70
N GLY A 36 -2.47 -9.72 -2.12
CA GLY A 36 -3.67 -10.44 -2.48
C GLY A 36 -4.57 -9.64 -3.42
N VAL A 37 -5.88 -9.84 -3.30
CA VAL A 37 -6.83 -9.14 -4.14
C VAL A 37 -8.03 -8.66 -3.33
N PRO A 38 -8.70 -7.62 -3.84
CA PRO A 38 -9.88 -7.04 -3.17
C PRO A 38 -11.08 -7.98 -3.22
N VAL A 39 -11.53 -8.41 -2.04
CA VAL A 39 -12.68 -9.30 -1.95
C VAL A 39 -13.86 -8.61 -1.29
N PHE A 40 -15.07 -9.05 -1.65
CA PHE A 40 -16.29 -8.46 -1.08
C PHE A 40 -17.29 -9.55 -0.72
N HIS A 41 -17.29 -9.95 0.55
CA HIS A 41 -18.20 -10.99 1.03
C HIS A 41 -19.06 -10.46 2.18
N ASP A 42 -20.37 -10.67 2.07
CA ASP A 42 -21.29 -10.22 3.10
C ASP A 42 -21.14 -8.73 3.36
N ALA A 43 -20.92 -7.97 2.29
CA ALA A 43 -20.74 -6.53 2.40
C ALA A 43 -19.40 -6.18 3.05
N LEU A 44 -18.63 -7.20 3.37
CA LEU A 44 -17.31 -7.00 3.99
C LEU A 44 -16.21 -6.97 2.94
N LYS A 45 -15.78 -5.77 2.58
CA LYS A 45 -14.72 -5.60 1.59
C LYS A 45 -13.34 -5.72 2.23
N GLY A 46 -12.57 -6.71 1.79
CA GLY A 46 -11.24 -6.91 2.33
C GLY A 46 -10.27 -7.47 1.31
N TRP A 47 -9.35 -8.30 1.76
CA TRP A 47 -8.35 -8.90 0.87
C TRP A 47 -8.10 -10.36 1.25
N SER A 48 -7.81 -11.17 0.24
CA SER A 48 -7.56 -12.60 0.47
C SER A 48 -6.14 -12.82 0.98
N CYS A 49 -5.47 -11.73 1.35
CA CYS A 49 -4.11 -11.80 1.87
C CYS A 49 -4.10 -11.80 3.39
N CYS A 50 -4.95 -10.97 3.99
CA CYS A 50 -5.03 -10.88 5.44
C CYS A 50 -6.46 -11.17 5.92
N LYS A 51 -6.67 -11.06 7.22
CA LYS A 51 -7.98 -11.31 7.81
C LYS A 51 -8.78 -10.01 7.92
N ARG A 52 -8.09 -8.88 7.85
CA ARG A 52 -8.74 -7.58 7.95
C ARG A 52 -9.98 -7.53 7.08
N ARG A 53 -11.06 -6.98 7.62
CA ARG A 53 -12.31 -6.87 6.89
C ARG A 53 -13.14 -5.69 7.40
N THR A 54 -13.63 -4.87 6.48
CA THR A 54 -14.43 -3.71 6.84
C THR A 54 -15.65 -3.59 5.95
N THR A 55 -16.73 -3.04 6.49
CA THR A 55 -17.98 -2.86 5.74
C THR A 55 -18.04 -1.49 5.10
N ASP A 56 -17.22 -0.57 5.59
CA ASP A 56 -17.18 0.79 5.06
C ASP A 56 -16.22 0.89 3.88
N PHE A 57 -16.77 1.17 2.70
CA PHE A 57 -15.96 1.30 1.49
C PHE A 57 -14.73 2.16 1.75
N SER A 58 -14.91 3.25 2.46
CA SER A 58 -13.82 4.17 2.77
C SER A 58 -12.72 3.45 3.54
N ASP A 59 -13.12 2.68 4.54
CA ASP A 59 -12.16 1.94 5.36
C ASP A 59 -11.44 0.88 4.53
N PHE A 60 -12.19 0.21 3.65
CA PHE A 60 -11.64 -0.83 2.81
C PHE A 60 -10.36 -0.35 2.11
N LEU A 61 -10.41 0.87 1.60
CA LEU A 61 -9.26 1.46 0.90
C LEU A 61 -8.21 1.94 1.91
N SER A 62 -8.59 1.98 3.18
CA SER A 62 -7.69 2.43 4.24
C SER A 62 -6.91 1.25 4.81
N ILE A 63 -7.52 0.07 4.79
CA ILE A 63 -6.89 -1.14 5.31
C ILE A 63 -5.38 -1.11 5.05
N VAL A 64 -4.62 -0.76 6.10
CA VAL A 64 -3.17 -0.70 5.99
C VAL A 64 -2.60 -2.04 5.51
N GLY A 65 -1.66 -1.96 4.56
CA GLY A 65 -1.06 -3.17 4.04
C GLY A 65 -0.74 -4.18 5.11
N CYS A 66 -0.90 -5.46 4.80
CA CYS A 66 -0.62 -6.53 5.76
C CYS A 66 0.76 -7.13 5.52
N THR A 67 1.30 -6.90 4.32
CA THR A 67 2.62 -7.42 3.98
C THR A 67 3.67 -6.32 3.98
N LYS A 68 4.94 -6.71 4.01
CA LYS A 68 6.04 -5.75 4.01
C LYS A 68 7.03 -6.05 2.88
N GLY A 69 7.52 -4.99 2.26
CA GLY A 69 8.47 -5.16 1.16
C GLY A 69 8.96 -3.84 0.62
N ARG A 70 9.28 -3.81 -0.68
CA ARG A 70 9.77 -2.61 -1.32
C ARG A 70 8.69 -2.01 -2.24
N HIS A 71 8.51 -0.69 -2.13
CA HIS A 71 7.52 0.00 -2.94
C HIS A 71 7.62 -0.43 -4.41
N ASN A 72 6.67 0.03 -5.22
CA ASN A 72 6.64 -0.31 -6.63
C ASN A 72 6.53 0.94 -7.49
N SER A 73 7.62 1.31 -8.14
CA SER A 73 7.64 2.50 -8.99
C SER A 73 7.09 2.19 -10.38
N GLU A 74 6.62 0.95 -10.55
CA GLU A 74 6.06 0.52 -11.83
C GLU A 74 4.64 -0.01 -11.65
N LYS A 75 3.86 0.04 -12.71
CA LYS A 75 2.48 -0.43 -12.68
C LYS A 75 2.38 -1.87 -13.18
ZN ZN B . 4.66 0.97 -1.05
ZN ZN C . -3.81 -7.68 3.18
N GLY A 1 11.44 23.64 10.24
CA GLY A 1 10.63 23.52 9.04
C GLY A 1 11.36 24.01 7.80
N SER A 2 11.37 23.19 6.75
CA SER A 2 12.04 23.54 5.51
C SER A 2 11.58 22.63 4.38
N SER A 3 11.39 23.21 3.20
CA SER A 3 10.96 22.45 2.03
C SER A 3 12.16 21.96 1.21
N GLY A 4 12.02 20.77 0.63
CA GLY A 4 13.11 20.21 -0.16
C GLY A 4 12.64 19.75 -1.52
N SER A 5 13.21 20.35 -2.57
CA SER A 5 12.85 19.99 -3.93
C SER A 5 13.53 18.70 -4.37
N SER A 6 13.06 17.58 -3.81
CA SER A 6 13.63 16.27 -4.12
C SER A 6 13.13 15.79 -5.48
N GLY A 7 13.78 14.75 -6.01
CA GLY A 7 13.39 14.21 -7.29
C GLY A 7 13.71 12.73 -7.42
N MET A 8 13.83 12.05 -6.28
CA MET A 8 14.13 10.63 -6.27
C MET A 8 13.00 9.83 -5.63
N ALA A 9 11.90 10.52 -5.33
CA ALA A 9 10.75 9.88 -4.70
C ALA A 9 9.91 9.12 -5.74
N LEU A 10 10.06 7.81 -5.76
CA LEU A 10 9.32 6.97 -6.71
C LEU A 10 7.92 6.67 -6.20
N LEU A 11 6.93 6.75 -7.09
CA LEU A 11 5.55 6.48 -6.74
C LEU A 11 5.28 4.98 -6.67
N CYS A 12 4.87 4.52 -5.50
CA CYS A 12 4.58 3.10 -5.29
C CYS A 12 3.34 2.70 -6.09
N TYR A 13 3.34 1.47 -6.60
CA TYR A 13 2.22 0.95 -7.36
C TYR A 13 1.70 -0.35 -6.78
N ASN A 14 1.71 -0.43 -5.45
CA ASN A 14 1.23 -1.63 -4.75
C ASN A 14 -0.12 -1.37 -4.10
N ARG A 15 -1.08 -2.25 -4.38
CA ARG A 15 -2.42 -2.13 -3.82
C ARG A 15 -2.36 -1.89 -2.32
N GLY A 16 -2.86 -0.74 -1.88
CA GLY A 16 -2.85 -0.40 -0.47
C GLY A 16 -1.88 0.71 -0.14
N CYS A 17 -0.87 0.88 -1.00
CA CYS A 17 0.14 1.92 -0.79
C CYS A 17 -0.11 3.11 -1.70
N GLY A 18 0.14 2.91 -2.99
CA GLY A 18 -0.06 3.99 -3.96
C GLY A 18 0.55 5.30 -3.50
N GLN A 19 1.48 5.21 -2.57
CA GLN A 19 2.15 6.40 -2.04
C GLN A 19 3.58 6.49 -2.53
N ARG A 20 4.20 7.65 -2.34
CA ARG A 20 5.59 7.86 -2.76
C ARG A 20 6.56 7.19 -1.81
N PHE A 21 7.83 7.14 -2.18
CA PHE A 21 8.86 6.53 -1.36
C PHE A 21 10.26 6.84 -1.91
N ASP A 22 11.27 6.56 -1.10
CA ASP A 22 12.65 6.81 -1.51
C ASP A 22 13.41 5.49 -1.65
N PRO A 23 14.01 5.28 -2.83
CA PRO A 23 14.78 4.06 -3.12
C PRO A 23 16.09 4.01 -2.33
N GLU A 24 16.72 5.16 -2.15
CA GLU A 24 17.97 5.23 -1.42
C GLU A 24 17.84 4.63 -0.02
N THR A 25 16.59 4.43 0.41
CA THR A 25 16.31 3.86 1.71
C THR A 25 15.37 2.67 1.61
N ASN A 26 14.55 2.66 0.57
CA ASN A 26 13.59 1.57 0.35
C ASN A 26 14.18 0.25 0.81
N SER A 27 13.37 -0.53 1.52
CA SER A 27 13.80 -1.83 2.02
C SER A 27 12.67 -2.85 1.94
N ASP A 28 12.96 -4.08 2.38
CA ASP A 28 11.96 -5.15 2.36
C ASP A 28 10.93 -4.95 3.47
N ASP A 29 11.15 -3.93 4.29
CA ASP A 29 10.24 -3.64 5.40
C ASP A 29 9.96 -2.14 5.48
N ALA A 30 9.80 -1.51 4.33
CA ALA A 30 9.52 -0.08 4.27
C ALA A 30 8.23 0.21 3.51
N CYS A 31 7.75 -0.80 2.79
CA CYS A 31 6.53 -0.66 2.00
C CYS A 31 5.45 -1.61 2.51
N THR A 32 4.27 -1.07 2.77
CA THR A 32 3.15 -1.87 3.26
C THR A 32 2.01 -1.90 2.25
N TYR A 33 1.84 -3.03 1.59
CA TYR A 33 0.78 -3.19 0.60
C TYR A 33 0.06 -4.52 0.76
N HIS A 34 -0.86 -4.81 -0.16
CA HIS A 34 -1.61 -6.06 -0.11
C HIS A 34 -1.35 -6.90 -1.35
N PRO A 35 -0.56 -7.98 -1.19
CA PRO A 35 -0.21 -8.88 -2.28
C PRO A 35 -1.42 -9.69 -2.76
N GLY A 36 -2.58 -9.43 -2.18
CA GLY A 36 -3.77 -10.15 -2.57
C GLY A 36 -4.70 -9.31 -3.44
N VAL A 37 -5.97 -9.72 -3.51
CA VAL A 37 -6.95 -9.01 -4.32
C VAL A 37 -8.13 -8.57 -3.47
N PRO A 38 -8.83 -7.51 -3.91
CA PRO A 38 -9.99 -6.97 -3.21
C PRO A 38 -11.19 -7.91 -3.26
N VAL A 39 -11.70 -8.28 -2.09
CA VAL A 39 -12.84 -9.18 -2.00
C VAL A 39 -13.96 -8.56 -1.17
N PHE A 40 -15.20 -8.90 -1.52
CA PHE A 40 -16.36 -8.37 -0.80
C PHE A 40 -17.39 -9.46 -0.56
N HIS A 41 -17.34 -10.08 0.62
CA HIS A 41 -18.26 -11.15 0.98
C HIS A 41 -19.02 -10.80 2.26
N ASP A 42 -20.33 -11.04 2.25
CA ASP A 42 -21.17 -10.77 3.41
C ASP A 42 -20.97 -9.33 3.88
N ALA A 43 -20.96 -8.39 2.93
CA ALA A 43 -20.78 -6.98 3.25
C ALA A 43 -19.37 -6.71 3.77
N LEU A 44 -18.56 -7.75 3.83
CA LEU A 44 -17.18 -7.62 4.30
C LEU A 44 -16.22 -7.41 3.14
N LYS A 45 -15.63 -6.23 3.07
CA LYS A 45 -14.68 -5.90 2.02
C LYS A 45 -13.24 -5.93 2.53
N GLY A 46 -12.44 -6.80 1.94
CA GLY A 46 -11.04 -6.92 2.36
C GLY A 46 -10.15 -7.46 1.27
N TRP A 47 -9.14 -8.23 1.66
CA TRP A 47 -8.21 -8.81 0.70
C TRP A 47 -7.91 -10.26 1.05
N SER A 48 -7.67 -11.07 0.02
CA SER A 48 -7.39 -12.49 0.22
C SER A 48 -6.01 -12.68 0.86
N CYS A 49 -5.33 -11.57 1.11
CA CYS A 49 -4.01 -11.61 1.72
C CYS A 49 -4.11 -11.56 3.24
N CYS A 50 -5.08 -10.80 3.75
CA CYS A 50 -5.29 -10.67 5.19
C CYS A 50 -6.74 -10.94 5.55
N LYS A 51 -7.03 -10.93 6.85
CA LYS A 51 -8.38 -11.18 7.33
C LYS A 51 -9.14 -9.87 7.52
N ARG A 52 -8.41 -8.79 7.76
CA ARG A 52 -9.02 -7.48 7.96
C ARG A 52 -10.26 -7.32 7.09
N ARG A 53 -11.30 -6.72 7.65
CA ARG A 53 -12.55 -6.51 6.93
C ARG A 53 -13.28 -5.27 7.46
N THR A 54 -14.03 -4.61 6.58
CA THR A 54 -14.79 -3.43 6.96
C THR A 54 -16.01 -3.25 6.08
N THR A 55 -17.18 -3.12 6.71
CA THR A 55 -18.43 -2.95 5.99
C THR A 55 -18.45 -1.62 5.25
N ASP A 56 -17.49 -0.76 5.55
CA ASP A 56 -17.41 0.55 4.92
C ASP A 56 -16.50 0.50 3.69
N PHE A 57 -17.01 1.02 2.57
CA PHE A 57 -16.26 1.02 1.32
C PHE A 57 -15.03 1.92 1.43
N SER A 58 -15.19 3.02 2.16
CA SER A 58 -14.10 3.97 2.35
C SER A 58 -12.96 3.35 3.16
N ASP A 59 -13.31 2.84 4.34
CA ASP A 59 -12.32 2.21 5.21
C ASP A 59 -11.60 1.08 4.49
N PHE A 60 -12.32 0.36 3.66
CA PHE A 60 -11.76 -0.76 2.91
C PHE A 60 -10.49 -0.33 2.17
N LEU A 61 -10.58 0.77 1.44
CA LEU A 61 -9.45 1.29 0.68
C LEU A 61 -8.42 1.92 1.61
N SER A 62 -8.71 1.90 2.91
CA SER A 62 -7.81 2.46 3.91
C SER A 62 -7.00 1.37 4.59
N ILE A 63 -7.57 0.18 4.66
CA ILE A 63 -6.91 -0.96 5.30
C ILE A 63 -5.40 -0.91 5.06
N VAL A 64 -4.64 -0.75 6.14
CA VAL A 64 -3.18 -0.69 6.06
C VAL A 64 -2.61 -2.03 5.59
N GLY A 65 -1.75 -1.97 4.58
CA GLY A 65 -1.15 -3.18 4.06
C GLY A 65 -0.77 -4.16 5.16
N CYS A 66 -0.92 -5.45 4.88
CA CYS A 66 -0.60 -6.49 5.85
C CYS A 66 0.77 -7.10 5.55
N THR A 67 1.30 -6.81 4.37
CA THR A 67 2.59 -7.33 3.97
C THR A 67 3.66 -6.25 3.99
N LYS A 68 4.93 -6.65 3.93
CA LYS A 68 6.04 -5.71 3.94
C LYS A 68 7.02 -6.02 2.81
N GLY A 69 7.54 -4.97 2.18
CA GLY A 69 8.49 -5.14 1.10
C GLY A 69 9.01 -3.83 0.57
N ARG A 70 9.39 -3.81 -0.70
CA ARG A 70 9.92 -2.60 -1.32
C ARG A 70 8.89 -1.98 -2.27
N HIS A 71 8.62 -0.70 -2.08
CA HIS A 71 7.66 0.02 -2.91
C HIS A 71 7.90 -0.28 -4.39
N ASN A 72 6.81 -0.57 -5.10
CA ASN A 72 6.90 -0.87 -6.53
C ASN A 72 6.72 0.39 -7.36
N SER A 73 7.81 0.89 -7.93
CA SER A 73 7.77 2.09 -8.76
C SER A 73 7.21 1.78 -10.15
N GLU A 74 6.77 0.54 -10.34
CA GLU A 74 6.23 0.12 -11.62
C GLU A 74 4.88 -0.58 -11.43
N LYS A 75 3.91 -0.21 -12.26
CA LYS A 75 2.57 -0.79 -12.18
C LYS A 75 2.64 -2.30 -12.12
ZN ZN B . 4.78 1.20 -1.01
ZN ZN C . -3.60 -7.55 3.20
N GLY A 1 6.71 30.95 3.52
CA GLY A 1 7.54 30.48 2.43
C GLY A 1 7.32 29.01 2.13
N SER A 2 7.57 28.63 0.87
CA SER A 2 7.39 27.24 0.46
C SER A 2 8.75 26.54 0.33
N SER A 3 8.69 25.22 0.19
CA SER A 3 9.91 24.42 0.07
C SER A 3 9.75 23.34 -1.00
N GLY A 4 10.83 23.05 -1.72
CA GLY A 4 10.79 22.04 -2.75
C GLY A 4 10.75 20.63 -2.19
N SER A 5 10.31 19.68 -3.01
CA SER A 5 10.22 18.29 -2.57
C SER A 5 11.31 17.45 -3.24
N SER A 6 11.48 16.23 -2.74
CA SER A 6 12.49 15.32 -3.29
C SER A 6 12.10 14.85 -4.68
N GLY A 7 13.10 14.61 -5.52
CA GLY A 7 12.84 14.15 -6.87
C GLY A 7 13.03 12.66 -7.03
N MET A 8 13.75 12.06 -6.09
CA MET A 8 14.00 10.62 -6.12
C MET A 8 12.83 9.85 -5.52
N ALA A 9 11.72 10.54 -5.30
CA ALA A 9 10.53 9.92 -4.73
C ALA A 9 9.76 9.15 -5.79
N LEU A 10 9.97 7.84 -5.83
CA LEU A 10 9.30 6.98 -6.80
C LEU A 10 7.89 6.64 -6.33
N LEU A 11 6.94 6.65 -7.26
CA LEU A 11 5.55 6.33 -6.94
C LEU A 11 5.34 4.83 -6.85
N CYS A 12 4.86 4.38 -5.70
CA CYS A 12 4.61 2.96 -5.47
C CYS A 12 3.37 2.49 -6.24
N TYR A 13 3.40 1.24 -6.69
CA TYR A 13 2.28 0.68 -7.44
C TYR A 13 1.82 -0.63 -6.82
N ASN A 14 1.84 -0.70 -5.49
CA ASN A 14 1.43 -1.90 -4.77
C ASN A 14 0.09 -1.67 -4.07
N ARG A 15 -0.87 -2.55 -4.36
CA ARG A 15 -2.19 -2.45 -3.76
C ARG A 15 -2.09 -2.14 -2.27
N GLY A 16 -2.76 -1.08 -1.84
CA GLY A 16 -2.73 -0.70 -0.43
C GLY A 16 -1.75 0.42 -0.16
N CYS A 17 -0.83 0.65 -1.09
CA CYS A 17 0.16 1.70 -0.94
C CYS A 17 -0.09 2.83 -1.92
N GLY A 18 0.17 2.58 -3.20
CA GLY A 18 -0.03 3.58 -4.22
C GLY A 18 0.51 4.94 -3.82
N GLN A 19 1.42 4.95 -2.85
CA GLN A 19 2.02 6.19 -2.37
C GLN A 19 3.48 6.30 -2.81
N ARG A 20 4.05 7.49 -2.64
CA ARG A 20 5.43 7.72 -3.02
C ARG A 20 6.39 7.07 -2.04
N PHE A 21 7.68 7.11 -2.35
CA PHE A 21 8.71 6.52 -1.50
C PHE A 21 10.11 6.86 -2.00
N ASP A 22 11.10 6.68 -1.15
CA ASP A 22 12.48 6.96 -1.50
C ASP A 22 13.29 5.68 -1.61
N PRO A 23 13.94 5.46 -2.77
CA PRO A 23 14.76 4.28 -3.02
C PRO A 23 16.04 4.28 -2.21
N GLU A 24 16.58 5.47 -1.96
CA GLU A 24 17.82 5.60 -1.20
C GLU A 24 17.64 5.04 0.21
N THR A 25 16.39 4.74 0.58
CA THR A 25 16.09 4.20 1.89
C THR A 25 15.22 2.95 1.79
N ASN A 26 14.40 2.90 0.74
CA ASN A 26 13.52 1.76 0.53
C ASN A 26 14.21 0.45 0.92
N SER A 27 13.45 -0.43 1.58
CA SER A 27 13.99 -1.71 2.03
C SER A 27 12.98 -2.83 1.78
N ASP A 28 13.34 -4.04 2.19
CA ASP A 28 12.47 -5.20 2.02
C ASP A 28 11.32 -5.17 3.03
N ASP A 29 11.22 -4.08 3.77
CA ASP A 29 10.17 -3.93 4.77
C ASP A 29 9.80 -2.46 4.96
N ALA A 30 10.03 -1.66 3.92
CA ALA A 30 9.72 -0.24 3.97
C ALA A 30 8.42 0.06 3.23
N CYS A 31 7.90 -0.92 2.53
CA CYS A 31 6.66 -0.76 1.77
C CYS A 31 5.58 -1.70 2.29
N THR A 32 4.42 -1.14 2.61
CA THR A 32 3.31 -1.93 3.13
C THR A 32 2.17 -2.01 2.11
N TYR A 33 1.99 -3.19 1.52
CA TYR A 33 0.95 -3.40 0.53
C TYR A 33 0.20 -4.70 0.78
N HIS A 34 -0.72 -5.04 -0.11
CA HIS A 34 -1.50 -6.27 0.01
C HIS A 34 -1.23 -7.21 -1.16
N PRO A 35 -0.51 -8.32 -0.88
CA PRO A 35 -0.16 -9.30 -1.90
C PRO A 35 -1.38 -10.10 -2.37
N GLY A 36 -2.55 -9.74 -1.86
CA GLY A 36 -3.77 -10.42 -2.24
C GLY A 36 -4.61 -9.61 -3.21
N VAL A 37 -5.92 -9.83 -3.17
CA VAL A 37 -6.84 -9.11 -4.04
C VAL A 37 -8.07 -8.62 -3.27
N PRO A 38 -8.70 -7.56 -3.79
CA PRO A 38 -9.90 -6.97 -3.17
C PRO A 38 -11.11 -7.88 -3.30
N VAL A 39 -11.64 -8.32 -2.16
CA VAL A 39 -12.80 -9.20 -2.13
C VAL A 39 -13.98 -8.52 -1.44
N PHE A 40 -15.20 -8.94 -1.80
CA PHE A 40 -16.41 -8.37 -1.21
C PHE A 40 -17.41 -9.47 -0.89
N HIS A 41 -17.40 -9.92 0.36
CA HIS A 41 -18.32 -10.97 0.80
C HIS A 41 -19.16 -10.50 1.99
N ASP A 42 -20.46 -10.71 1.90
CA ASP A 42 -21.38 -10.30 2.96
C ASP A 42 -21.20 -8.83 3.30
N ALA A 43 -21.02 -8.01 2.27
CA ALA A 43 -20.83 -6.58 2.46
C ALA A 43 -19.52 -6.28 3.16
N LEU A 44 -18.67 -7.30 3.29
CA LEU A 44 -17.38 -7.15 3.94
C LEU A 44 -16.26 -7.07 2.92
N LYS A 45 -15.87 -5.85 2.55
CA LYS A 45 -14.80 -5.64 1.57
C LYS A 45 -13.44 -5.76 2.24
N GLY A 46 -12.63 -6.71 1.75
CA GLY A 46 -11.31 -6.92 2.31
C GLY A 46 -10.34 -7.49 1.29
N TRP A 47 -9.38 -8.26 1.76
CA TRP A 47 -8.38 -8.86 0.89
C TRP A 47 -8.11 -10.31 1.29
N SER A 48 -7.79 -11.15 0.31
CA SER A 48 -7.51 -12.55 0.55
C SER A 48 -6.10 -12.74 1.09
N CYS A 49 -5.46 -11.65 1.45
CA CYS A 49 -4.10 -11.69 1.98
C CYS A 49 -4.12 -11.69 3.51
N CYS A 50 -4.90 -10.79 4.09
CA CYS A 50 -5.02 -10.69 5.54
C CYS A 50 -6.42 -11.05 6.01
N LYS A 51 -6.63 -11.00 7.32
CA LYS A 51 -7.93 -11.31 7.90
C LYS A 51 -8.76 -10.05 8.08
N ARG A 52 -8.15 -8.90 7.82
CA ARG A 52 -8.84 -7.62 7.96
C ARG A 52 -10.08 -7.57 7.08
N ARG A 53 -11.18 -7.08 7.64
CA ARG A 53 -12.44 -6.98 6.90
C ARG A 53 -13.31 -5.86 7.46
N THR A 54 -13.79 -5.00 6.57
CA THR A 54 -14.63 -3.88 6.97
C THR A 54 -15.90 -3.81 6.12
N THR A 55 -17.00 -3.39 6.74
CA THR A 55 -18.28 -3.28 6.04
C THR A 55 -18.38 -1.96 5.30
N ASP A 56 -17.62 -0.96 5.75
CA ASP A 56 -17.62 0.35 5.11
C ASP A 56 -16.80 0.34 3.83
N PHE A 57 -17.14 1.24 2.91
CA PHE A 57 -16.45 1.33 1.64
C PHE A 57 -15.18 2.17 1.76
N SER A 58 -15.21 3.13 2.69
CA SER A 58 -14.06 4.01 2.91
C SER A 58 -12.95 3.27 3.65
N ASP A 59 -13.31 2.58 4.72
CA ASP A 59 -12.35 1.83 5.51
C ASP A 59 -11.60 0.83 4.64
N PHE A 60 -12.32 0.15 3.76
CA PHE A 60 -11.73 -0.84 2.87
C PHE A 60 -10.46 -0.28 2.22
N LEU A 61 -10.55 0.94 1.71
CA LEU A 61 -9.41 1.58 1.05
C LEU A 61 -8.37 2.01 2.08
N SER A 62 -8.78 2.05 3.35
CA SER A 62 -7.87 2.46 4.42
C SER A 62 -7.05 1.26 4.91
N ILE A 63 -7.66 0.08 4.88
CA ILE A 63 -6.98 -1.14 5.32
C ILE A 63 -5.49 -1.08 4.99
N VAL A 64 -4.69 -0.74 5.99
CA VAL A 64 -3.24 -0.66 5.82
C VAL A 64 -2.66 -2.00 5.40
N GLY A 65 -1.76 -1.98 4.42
CA GLY A 65 -1.14 -3.21 3.95
C GLY A 65 -0.80 -4.16 5.08
N CYS A 66 -1.01 -5.45 4.84
CA CYS A 66 -0.72 -6.47 5.85
C CYS A 66 0.67 -7.06 5.65
N THR A 67 1.23 -6.84 4.46
CA THR A 67 2.56 -7.36 4.15
C THR A 67 3.57 -6.22 4.04
N LYS A 68 4.86 -6.58 4.05
CA LYS A 68 5.93 -5.60 3.96
C LYS A 68 6.91 -5.97 2.85
N GLY A 69 7.45 -4.96 2.17
CA GLY A 69 8.39 -5.20 1.10
C GLY A 69 8.96 -3.92 0.53
N ARG A 70 9.25 -3.93 -0.77
CA ARG A 70 9.80 -2.76 -1.43
C ARG A 70 8.79 -2.11 -2.37
N HIS A 71 8.65 -0.80 -2.29
CA HIS A 71 7.70 -0.07 -3.13
C HIS A 71 7.95 -0.38 -4.60
N ASN A 72 6.86 -0.64 -5.33
CA ASN A 72 6.95 -0.95 -6.75
C ASN A 72 6.77 0.30 -7.59
N SER A 73 7.87 0.79 -8.16
CA SER A 73 7.83 1.99 -8.98
C SER A 73 7.27 1.68 -10.37
N GLU A 74 6.83 0.44 -10.56
CA GLU A 74 6.27 0.01 -11.84
C GLU A 74 4.93 -0.67 -11.63
N LYS A 75 3.93 -0.26 -12.41
CA LYS A 75 2.59 -0.84 -12.32
C LYS A 75 2.66 -2.36 -12.37
ZN ZN B . 4.82 1.05 -1.20
ZN ZN C . -3.81 -7.58 3.27
#